data_4GQU
# 
_entry.id   4GQU 
# 
_audit_conform.dict_name       mmcif_pdbx.dic 
_audit_conform.dict_version    5.381 
_audit_conform.dict_location   http://mmcif.pdb.org/dictionaries/ascii/mmcif_pdbx.dic 
# 
loop_
_database_2.database_id 
_database_2.database_code 
_database_2.pdbx_database_accession 
_database_2.pdbx_DOI 
PDB   4GQU         pdb_00004gqu 10.2210/pdb4gqu/pdb 
RCSB  RCSB074523   ?            ?                   
WWPDB D_1000074523 ?            ?                   
# 
loop_
_pdbx_database_related.db_name 
_pdbx_database_related.db_id 
_pdbx_database_related.details 
_pdbx_database_related.content_type 
PDB 2f1d 'crystal structure of Imidazole Glycerol Phosphate Dehydratase from A. thaliana'   unspecified 
PDB 1rhy 'crystal structure of Imidazole Glycerol Phosphate Dehydratase from F. neoformans' unspecified 
PDB 4LPF .                                                                                  unspecified 
PDB 4LOM .                                                                                  unspecified 
# 
_pdbx_database_status.status_code                     REL 
_pdbx_database_status.entry_id                        4GQU 
_pdbx_database_status.recvd_initial_deposition_date   2012-08-24 
_pdbx_database_status.deposit_site                    RCSB 
_pdbx_database_status.process_site                    PDBJ 
_pdbx_database_status.methods_development_category    ? 
_pdbx_database_status.status_code_sf                  REL 
_pdbx_database_status.status_code_mr                  ? 
_pdbx_database_status.SG_entry                        ? 
_pdbx_database_status.status_code_cs                  ? 
_pdbx_database_status.pdb_format_compatible           Y 
_pdbx_database_status.status_code_nmr_data            ? 
# 
loop_
_audit_author.name 
_audit_author.pdbx_ordinal 
'Ahangar, M.S.' 1 
'Vyas, R.'      2 
'Nasir, N.'     3 
'Biswal, B.K.'  4 
# 
_citation.id                        primary 
_citation.title                     
;Crystal structures of the native, substrate- 
bound and inhibited forms of  Mycobacterium tuberculosis  imidazole glycerol phosphate dehydratase
;
_citation.journal_abbrev            'Acta Crystallogr.,Sect.D' 
_citation.journal_volume            ? 
_citation.page_first                ? 
_citation.page_last                 ? 
_citation.year                      2013 
_citation.journal_id_ASTM           ABCRE6 
_citation.country                   DK 
_citation.journal_id_ISSN           0907-4449 
_citation.journal_id_CSD            0766 
_citation.book_publisher            ? 
_citation.pdbx_database_id_PubMed   ? 
_citation.pdbx_database_id_DOI      ? 
# 
loop_
_citation_author.citation_id 
_citation_author.name 
_citation_author.ordinal 
_citation_author.identifier_ORCID 
primary 'Ahangar, M.S.' 1 ? 
primary 'Vyas, R.'      2 ? 
primary 'Nasir, N.'     3 ? 
primary 'Biswal, B.K.'  4 ? 
# 
_cell.entry_id           4GQU 
_cell.length_a           112.539 
_cell.length_b           112.539 
_cell.length_c           112.539 
_cell.angle_alpha        90.00 
_cell.angle_beta         90.00 
_cell.angle_gamma        90.00 
_cell.Z_PDB              24 
_cell.pdbx_unique_axis   ? 
_cell.length_a_esd       ? 
_cell.length_b_esd       ? 
_cell.length_c_esd       ? 
_cell.angle_alpha_esd    ? 
_cell.angle_beta_esd     ? 
_cell.angle_gamma_esd    ? 
# 
_symmetry.entry_id                         4GQU 
_symmetry.space_group_name_H-M             'P 4 3 2' 
_symmetry.pdbx_full_space_group_name_H-M   ? 
_symmetry.cell_setting                     ? 
_symmetry.Int_Tables_number                207 
_symmetry.space_group_name_Hall            ? 
# 
loop_
_entity.id 
_entity.type 
_entity.src_method 
_entity.pdbx_description 
_entity.formula_weight 
_entity.pdbx_number_of_molecules 
_entity.pdbx_ec 
_entity.pdbx_mutation 
_entity.pdbx_fragment 
_entity.details 
1 polymer     man 'Imidazoleglycerol-phosphate dehydratase' 23633.516 1   4.2.1.19 ? 'UNP residues 2-210' ? 
2 non-polymer syn 'MANGANESE (II) ION'                      54.938    4   ?        ? ?                    ? 
3 non-polymer syn 1,2-ETHANEDIOL                            62.068    1   ?        ? ?                    ? 
4 water       nat water                                     18.015    109 ?        ? ?                    ? 
# 
_entity_name_com.entity_id   1 
_entity_name_com.name        IGPD 
# 
_entity_poly.entity_id                      1 
_entity_poly.type                           'polypeptide(L)' 
_entity_poly.nstd_linkage                   no 
_entity_poly.nstd_monomer                   no 
_entity_poly.pdbx_seq_one_letter_code       
;MHHHHHHTTTQTAKASRRARIERRTRESDIVIELDLDGTGQVAVDTGVPFYDHMLTALGSHASFDLTVRATGDVEIEAHH
TIEDTAIALGTALGQALGDKRGIRRFGDAFIPMDETLAHAAVDLSGRPYCVHTGEPDHLQHTTIAGSSVPYHTVINRHVF
ESLAANARIALHVRVLYGRDPHHITEAQYKAVARALRQAVEPDPRVSGVPSTKGAL
;
_entity_poly.pdbx_seq_one_letter_code_can   
;MHHHHHHTTTQTAKASRRARIERRTRESDIVIELDLDGTGQVAVDTGVPFYDHMLTALGSHASFDLTVRATGDVEIEAHH
TIEDTAIALGTALGQALGDKRGIRRFGDAFIPMDETLAHAAVDLSGRPYCVHTGEPDHLQHTTIAGSSVPYHTVINRHVF
ESLAANARIALHVRVLYGRDPHHITEAQYKAVARALRQAVEPDPRVSGVPSTKGAL
;
_entity_poly.pdbx_strand_id                 A 
_entity_poly.pdbx_target_identifier         ? 
# 
loop_
_entity_poly_seq.entity_id 
_entity_poly_seq.num 
_entity_poly_seq.mon_id 
_entity_poly_seq.hetero 
1 1   MET n 
1 2   HIS n 
1 3   HIS n 
1 4   HIS n 
1 5   HIS n 
1 6   HIS n 
1 7   HIS n 
1 8   THR n 
1 9   THR n 
1 10  THR n 
1 11  GLN n 
1 12  THR n 
1 13  ALA n 
1 14  LYS n 
1 15  ALA n 
1 16  SER n 
1 17  ARG n 
1 18  ARG n 
1 19  ALA n 
1 20  ARG n 
1 21  ILE n 
1 22  GLU n 
1 23  ARG n 
1 24  ARG n 
1 25  THR n 
1 26  ARG n 
1 27  GLU n 
1 28  SER n 
1 29  ASP n 
1 30  ILE n 
1 31  VAL n 
1 32  ILE n 
1 33  GLU n 
1 34  LEU n 
1 35  ASP n 
1 36  LEU n 
1 37  ASP n 
1 38  GLY n 
1 39  THR n 
1 40  GLY n 
1 41  GLN n 
1 42  VAL n 
1 43  ALA n 
1 44  VAL n 
1 45  ASP n 
1 46  THR n 
1 47  GLY n 
1 48  VAL n 
1 49  PRO n 
1 50  PHE n 
1 51  TYR n 
1 52  ASP n 
1 53  HIS n 
1 54  MET n 
1 55  LEU n 
1 56  THR n 
1 57  ALA n 
1 58  LEU n 
1 59  GLY n 
1 60  SER n 
1 61  HIS n 
1 62  ALA n 
1 63  SER n 
1 64  PHE n 
1 65  ASP n 
1 66  LEU n 
1 67  THR n 
1 68  VAL n 
1 69  ARG n 
1 70  ALA n 
1 71  THR n 
1 72  GLY n 
1 73  ASP n 
1 74  VAL n 
1 75  GLU n 
1 76  ILE n 
1 77  GLU n 
1 78  ALA n 
1 79  HIS n 
1 80  HIS n 
1 81  THR n 
1 82  ILE n 
1 83  GLU n 
1 84  ASP n 
1 85  THR n 
1 86  ALA n 
1 87  ILE n 
1 88  ALA n 
1 89  LEU n 
1 90  GLY n 
1 91  THR n 
1 92  ALA n 
1 93  LEU n 
1 94  GLY n 
1 95  GLN n 
1 96  ALA n 
1 97  LEU n 
1 98  GLY n 
1 99  ASP n 
1 100 LYS n 
1 101 ARG n 
1 102 GLY n 
1 103 ILE n 
1 104 ARG n 
1 105 ARG n 
1 106 PHE n 
1 107 GLY n 
1 108 ASP n 
1 109 ALA n 
1 110 PHE n 
1 111 ILE n 
1 112 PRO n 
1 113 MET n 
1 114 ASP n 
1 115 GLU n 
1 116 THR n 
1 117 LEU n 
1 118 ALA n 
1 119 HIS n 
1 120 ALA n 
1 121 ALA n 
1 122 VAL n 
1 123 ASP n 
1 124 LEU n 
1 125 SER n 
1 126 GLY n 
1 127 ARG n 
1 128 PRO n 
1 129 TYR n 
1 130 CYS n 
1 131 VAL n 
1 132 HIS n 
1 133 THR n 
1 134 GLY n 
1 135 GLU n 
1 136 PRO n 
1 137 ASP n 
1 138 HIS n 
1 139 LEU n 
1 140 GLN n 
1 141 HIS n 
1 142 THR n 
1 143 THR n 
1 144 ILE n 
1 145 ALA n 
1 146 GLY n 
1 147 SER n 
1 148 SER n 
1 149 VAL n 
1 150 PRO n 
1 151 TYR n 
1 152 HIS n 
1 153 THR n 
1 154 VAL n 
1 155 ILE n 
1 156 ASN n 
1 157 ARG n 
1 158 HIS n 
1 159 VAL n 
1 160 PHE n 
1 161 GLU n 
1 162 SER n 
1 163 LEU n 
1 164 ALA n 
1 165 ALA n 
1 166 ASN n 
1 167 ALA n 
1 168 ARG n 
1 169 ILE n 
1 170 ALA n 
1 171 LEU n 
1 172 HIS n 
1 173 VAL n 
1 174 ARG n 
1 175 VAL n 
1 176 LEU n 
1 177 TYR n 
1 178 GLY n 
1 179 ARG n 
1 180 ASP n 
1 181 PRO n 
1 182 HIS n 
1 183 HIS n 
1 184 ILE n 
1 185 THR n 
1 186 GLU n 
1 187 ALA n 
1 188 GLN n 
1 189 TYR n 
1 190 LYS n 
1 191 ALA n 
1 192 VAL n 
1 193 ALA n 
1 194 ARG n 
1 195 ALA n 
1 196 LEU n 
1 197 ARG n 
1 198 GLN n 
1 199 ALA n 
1 200 VAL n 
1 201 GLU n 
1 202 PRO n 
1 203 ASP n 
1 204 PRO n 
1 205 ARG n 
1 206 VAL n 
1 207 SER n 
1 208 GLY n 
1 209 VAL n 
1 210 PRO n 
1 211 SER n 
1 212 THR n 
1 213 LYS n 
1 214 GLY n 
1 215 ALA n 
1 216 LEU n 
# 
_entity_src_gen.entity_id                          1 
_entity_src_gen.pdbx_src_id                        1 
_entity_src_gen.pdbx_alt_source_flag               sample 
_entity_src_gen.pdbx_seq_type                      ? 
_entity_src_gen.pdbx_beg_seq_num                   ? 
_entity_src_gen.pdbx_end_seq_num                   ? 
_entity_src_gen.gene_src_common_name               ? 
_entity_src_gen.gene_src_genus                     ? 
_entity_src_gen.pdbx_gene_src_gene                 'hisB, MT1637, MTCY336.03c, Rv1601' 
_entity_src_gen.gene_src_species                   ? 
_entity_src_gen.gene_src_strain                    H37Rv 
_entity_src_gen.gene_src_tissue                    ? 
_entity_src_gen.gene_src_tissue_fraction           ? 
_entity_src_gen.gene_src_details                   ? 
_entity_src_gen.pdbx_gene_src_fragment             ? 
_entity_src_gen.pdbx_gene_src_scientific_name      'Mycobacterium tuberculosis' 
_entity_src_gen.pdbx_gene_src_ncbi_taxonomy_id     1773 
_entity_src_gen.pdbx_gene_src_variant              ? 
_entity_src_gen.pdbx_gene_src_cell_line            ? 
_entity_src_gen.pdbx_gene_src_atcc                 ? 
_entity_src_gen.pdbx_gene_src_organ                ? 
_entity_src_gen.pdbx_gene_src_organelle            ? 
_entity_src_gen.pdbx_gene_src_cell                 ? 
_entity_src_gen.pdbx_gene_src_cellular_location    ? 
_entity_src_gen.host_org_common_name               ? 
_entity_src_gen.pdbx_host_org_scientific_name      'Mycobacterium Smegmatis' 
_entity_src_gen.pdbx_host_org_ncbi_taxonomy_id     1772 
_entity_src_gen.host_org_genus                     ? 
_entity_src_gen.pdbx_host_org_gene                 ? 
_entity_src_gen.pdbx_host_org_organ                ? 
_entity_src_gen.host_org_species                   ? 
_entity_src_gen.pdbx_host_org_tissue               ? 
_entity_src_gen.pdbx_host_org_tissue_fraction      ? 
_entity_src_gen.pdbx_host_org_strain               'Mc2(4517)' 
_entity_src_gen.pdbx_host_org_variant              ? 
_entity_src_gen.pdbx_host_org_cell_line            ? 
_entity_src_gen.pdbx_host_org_atcc                 ? 
_entity_src_gen.pdbx_host_org_culture_collection   ? 
_entity_src_gen.pdbx_host_org_cell                 ? 
_entity_src_gen.pdbx_host_org_organelle            ? 
_entity_src_gen.pdbx_host_org_cellular_location    ? 
_entity_src_gen.pdbx_host_org_vector_type          Plasmid 
_entity_src_gen.pdbx_host_org_vector               ? 
_entity_src_gen.host_org_details                   ? 
_entity_src_gen.expression_system_id               ? 
_entity_src_gen.plasmid_name                       PYUB1062 
_entity_src_gen.plasmid_details                    ? 
_entity_src_gen.pdbx_description                   ? 
# 
_struct_ref.id                         1 
_struct_ref.db_name                    UNP 
_struct_ref.db_code                    HIS7_MYCTU 
_struct_ref.pdbx_db_accession          P64368 
_struct_ref.entity_id                  1 
_struct_ref.pdbx_seq_one_letter_code   
;TTTQTAKASRRARIERRTRESDIVIELDLDGTGQVAVDTGVPFYDHMLTALGSHASFDLTVRATGDVEIEAHHTIEDTAI
ALGTALGQALGDKRGIRRFGDAFIPMDETLAHAAVDLSGRPYCVHTGEPDHLQHTTIAGSSVPYHTVINRHVFESLAANA
RIALHVRVLYGRDPHHITEAQYKAVARALRQAVEPDPRVSGVPSTKGAL
;
_struct_ref.pdbx_align_begin           2 
_struct_ref.pdbx_db_isoform            ? 
# 
_struct_ref_seq.align_id                      1 
_struct_ref_seq.ref_id                        1 
_struct_ref_seq.pdbx_PDB_id_code              4GQU 
_struct_ref_seq.pdbx_strand_id                A 
_struct_ref_seq.seq_align_beg                 8 
_struct_ref_seq.pdbx_seq_align_beg_ins_code   ? 
_struct_ref_seq.seq_align_end                 216 
_struct_ref_seq.pdbx_seq_align_end_ins_code   ? 
_struct_ref_seq.pdbx_db_accession             P64368 
_struct_ref_seq.db_align_beg                  2 
_struct_ref_seq.pdbx_db_align_beg_ins_code    ? 
_struct_ref_seq.db_align_end                  210 
_struct_ref_seq.pdbx_db_align_end_ins_code    ? 
_struct_ref_seq.pdbx_auth_seq_align_beg       2 
_struct_ref_seq.pdbx_auth_seq_align_end       210 
# 
loop_
_struct_ref_seq_dif.align_id 
_struct_ref_seq_dif.pdbx_pdb_id_code 
_struct_ref_seq_dif.mon_id 
_struct_ref_seq_dif.pdbx_pdb_strand_id 
_struct_ref_seq_dif.seq_num 
_struct_ref_seq_dif.pdbx_pdb_ins_code 
_struct_ref_seq_dif.pdbx_seq_db_name 
_struct_ref_seq_dif.pdbx_seq_db_accession_code 
_struct_ref_seq_dif.db_mon_id 
_struct_ref_seq_dif.pdbx_seq_db_seq_num 
_struct_ref_seq_dif.details 
_struct_ref_seq_dif.pdbx_auth_seq_num 
_struct_ref_seq_dif.pdbx_ordinal 
1 4GQU MET A 1 ? UNP P64368 ? ? 'expression tag' -5 1 
1 4GQU HIS A 2 ? UNP P64368 ? ? 'expression tag' -4 2 
1 4GQU HIS A 3 ? UNP P64368 ? ? 'expression tag' -3 3 
1 4GQU HIS A 4 ? UNP P64368 ? ? 'expression tag' -2 4 
1 4GQU HIS A 5 ? UNP P64368 ? ? 'expression tag' -1 5 
1 4GQU HIS A 6 ? UNP P64368 ? ? 'expression tag' 0  6 
1 4GQU HIS A 7 ? UNP P64368 ? ? 'expression tag' 1  7 
# 
loop_
_chem_comp.id 
_chem_comp.type 
_chem_comp.mon_nstd_flag 
_chem_comp.name 
_chem_comp.pdbx_synonyms 
_chem_comp.formula 
_chem_comp.formula_weight 
ALA 'L-peptide linking' y ALANINE              ?                 'C3 H7 N O2'     89.093  
ARG 'L-peptide linking' y ARGININE             ?                 'C6 H15 N4 O2 1' 175.209 
ASN 'L-peptide linking' y ASPARAGINE           ?                 'C4 H8 N2 O3'    132.118 
ASP 'L-peptide linking' y 'ASPARTIC ACID'      ?                 'C4 H7 N O4'     133.103 
CYS 'L-peptide linking' y CYSTEINE             ?                 'C3 H7 N O2 S'   121.158 
EDO non-polymer         . 1,2-ETHANEDIOL       'ETHYLENE GLYCOL' 'C2 H6 O2'       62.068  
GLN 'L-peptide linking' y GLUTAMINE            ?                 'C5 H10 N2 O3'   146.144 
GLU 'L-peptide linking' y 'GLUTAMIC ACID'      ?                 'C5 H9 N O4'     147.129 
GLY 'peptide linking'   y GLYCINE              ?                 'C2 H5 N O2'     75.067  
HIS 'L-peptide linking' y HISTIDINE            ?                 'C6 H10 N3 O2 1' 156.162 
HOH non-polymer         . WATER                ?                 'H2 O'           18.015  
ILE 'L-peptide linking' y ISOLEUCINE           ?                 'C6 H13 N O2'    131.173 
LEU 'L-peptide linking' y LEUCINE              ?                 'C6 H13 N O2'    131.173 
LYS 'L-peptide linking' y LYSINE               ?                 'C6 H15 N2 O2 1' 147.195 
MET 'L-peptide linking' y METHIONINE           ?                 'C5 H11 N O2 S'  149.211 
MN  non-polymer         . 'MANGANESE (II) ION' ?                 'Mn 2'           54.938  
PHE 'L-peptide linking' y PHENYLALANINE        ?                 'C9 H11 N O2'    165.189 
PRO 'L-peptide linking' y PROLINE              ?                 'C5 H9 N O2'     115.130 
SER 'L-peptide linking' y SERINE               ?                 'C3 H7 N O3'     105.093 
THR 'L-peptide linking' y THREONINE            ?                 'C4 H9 N O3'     119.119 
TYR 'L-peptide linking' y TYROSINE             ?                 'C9 H11 N O3'    181.189 
VAL 'L-peptide linking' y VALINE               ?                 'C5 H11 N O2'    117.146 
# 
_exptl.entry_id          4GQU 
_exptl.method            'X-RAY DIFFRACTION' 
_exptl.crystals_number   1 
# 
_exptl_crystal.id                    1 
_exptl_crystal.density_meas          ? 
_exptl_crystal.density_Matthews      2.51 
_exptl_crystal.density_percent_sol   51.05 
_exptl_crystal.description           ? 
_exptl_crystal.F_000                 ? 
_exptl_crystal.preparation           ? 
# 
_exptl_crystal_grow.crystal_id      1 
_exptl_crystal_grow.method          'VAPOR DIFFUSION, HANGING DROP' 
_exptl_crystal_grow.temp            293 
_exptl_crystal_grow.temp_details    ? 
_exptl_crystal_grow.pH              8.5 
_exptl_crystal_grow.pdbx_details    
'20% PEG1500, 0.2M sodium citrate tribasic dehydrate, 0.1M Tris HCL, pH 8.5, VAPOR DIFFUSION, HANGING DROP, temperature 293K' 
_exptl_crystal_grow.pdbx_pH_range   . 
# 
_diffrn.id                     1 
_diffrn.ambient_temp           100 
_diffrn.ambient_temp_details   ? 
_diffrn.crystal_id             1 
# 
_diffrn_detector.diffrn_id              1 
_diffrn_detector.detector               'IMAGE PLATE' 
_diffrn_detector.type                   'RIGAKU RAXIS IV++' 
_diffrn_detector.pdbx_collection_date   2011-07-20 
_diffrn_detector.details                ? 
# 
_diffrn_radiation.diffrn_id                        1 
_diffrn_radiation.wavelength_id                    1 
_diffrn_radiation.pdbx_monochromatic_or_laue_m_l   M 
_diffrn_radiation.monochromator                    ? 
_diffrn_radiation.pdbx_diffrn_protocol             'SINGLE WAVELENGTH' 
_diffrn_radiation.pdbx_scattering_type             x-ray 
# 
_diffrn_radiation_wavelength.id           1 
_diffrn_radiation_wavelength.wavelength   1.5418 
_diffrn_radiation_wavelength.wt           1.0 
# 
_diffrn_source.diffrn_id                   1 
_diffrn_source.source                      'ROTATING ANODE' 
_diffrn_source.type                        'RIGAKU FR-E+ DW' 
_diffrn_source.pdbx_synchrotron_site       ? 
_diffrn_source.pdbx_synchrotron_beamline   ? 
_diffrn_source.pdbx_wavelength             ? 
_diffrn_source.pdbx_wavelength_list        1.5418 
# 
_reflns.entry_id                     4GQU 
_reflns.observed_criterion_sigma_I   0.0 
_reflns.observed_criterion_sigma_F   0.0 
_reflns.d_resolution_low             50.00 
_reflns.d_resolution_high            2.00 
_reflns.number_obs                   16296 
_reflns.number_all                   ? 
_reflns.percent_possible_obs         95.0 
_reflns.pdbx_Rmerge_I_obs            0.115 
_reflns.pdbx_Rsym_value              ? 
_reflns.pdbx_netI_over_sigmaI        ? 
_reflns.B_iso_Wilson_estimate        ? 
_reflns.pdbx_redundancy              9.6 
_reflns.R_free_details               ? 
_reflns.limit_h_max                  ? 
_reflns.limit_h_min                  ? 
_reflns.limit_k_max                  ? 
_reflns.limit_k_min                  ? 
_reflns.limit_l_max                  ? 
_reflns.limit_l_min                  ? 
_reflns.observed_criterion_F_max     ? 
_reflns.observed_criterion_F_min     ? 
_reflns.pdbx_chi_squared             ? 
_reflns.pdbx_scaling_rejects         ? 
_reflns.pdbx_ordinal                 1 
_reflns.pdbx_diffrn_id               1 
# 
_reflns_shell.d_res_high                  2.00 
_reflns_shell.d_res_low                   2.07 
_reflns_shell.percent_possible_all        65.8 
_reflns_shell.Rmerge_I_obs                0.71 
_reflns_shell.pdbx_Rsym_value             ? 
_reflns_shell.meanI_over_sigI_obs         3.2 
_reflns_shell.pdbx_redundancy             9.5 
_reflns_shell.percent_possible_obs        ? 
_reflns_shell.number_unique_all           1096 
_reflns_shell.number_measured_all         ? 
_reflns_shell.number_measured_obs         ? 
_reflns_shell.number_unique_obs           ? 
_reflns_shell.pdbx_chi_squared            ? 
_reflns_shell.pdbx_rejects                ? 
_reflns_shell.pdbx_netI_over_sigmaI_obs   ? 
_reflns_shell.number_possible             ? 
_reflns_shell.Rmerge_F_all                ? 
_reflns_shell.Rmerge_F_obs                ? 
_reflns_shell.Rmerge_I_all                ? 
_reflns_shell.meanI_over_sigI_all         ? 
_reflns_shell.pdbx_Rrim_I_all             ? 
_reflns_shell.pdbx_Rpim_I_all             ? 
_reflns_shell.pdbx_ordinal                1 
_reflns_shell.pdbx_diffrn_id              1 
# 
_refine.entry_id                                 4GQU 
_refine.ls_number_reflns_obs                     15436 
_refine.ls_number_reflns_all                     ? 
_refine.pdbx_ls_sigma_I                          ? 
_refine.pdbx_ls_sigma_F                          . 
_refine.pdbx_data_cutoff_high_absF               ? 
_refine.pdbx_data_cutoff_low_absF                ? 
_refine.pdbx_data_cutoff_high_rms_absF           ? 
_refine.ls_d_res_low                             35.59 
_refine.ls_d_res_high                            2.02 
_refine.ls_percent_reflns_obs                    ? 
_refine.ls_R_factor_obs                          0.19738 
_refine.ls_R_factor_all                          ? 
_refine.ls_R_factor_R_work                       0.19520 
_refine.ls_R_factor_R_free                       0.23957 
_refine.ls_R_factor_R_free_error                 ? 
_refine.ls_R_factor_R_free_error_details         ? 
_refine.ls_percent_reflns_R_free                 5.1 
_refine.ls_number_reflns_R_free                  823 
_refine.ls_number_parameters                     ? 
_refine.ls_number_restraints                     ? 
_refine.occupancy_min                            ? 
_refine.occupancy_max                            ? 
_refine.correlation_coeff_Fo_to_Fc               0.955 
_refine.correlation_coeff_Fo_to_Fc_free          0.922 
_refine.B_iso_mean                               34.745 
_refine.aniso_B[1][1]                            ? 
_refine.aniso_B[2][2]                            ? 
_refine.aniso_B[3][3]                            ? 
_refine.aniso_B[1][2]                            ? 
_refine.aniso_B[1][3]                            ? 
_refine.aniso_B[2][3]                            ? 
_refine.solvent_model_details                    MASK 
_refine.solvent_model_param_ksol                 ? 
_refine.solvent_model_param_bsol                 ? 
_refine.pdbx_solvent_vdw_probe_radii             1.20 
_refine.pdbx_solvent_ion_probe_radii             0.80 
_refine.pdbx_solvent_shrinkage_radii             0.80 
_refine.pdbx_ls_cross_valid_method               THROUGHOUT 
_refine.details                                  
'MN303 IS FOUND TO LIE ON THE 3-FOLD SYMMETRY AXIS. HYDROGENS HAVE BEEN USED IF PRESENT IN THE INPUT.' 
_refine.pdbx_starting_model                      2F1D 
_refine.pdbx_method_to_determine_struct          'MOLECULAR REPLACEMENT' 
_refine.pdbx_isotropic_thermal_model             ? 
_refine.pdbx_stereochemistry_target_values       'MAXIMUM LIKELIHOOD' 
_refine.pdbx_stereochem_target_val_spec_case     ? 
_refine.pdbx_R_Free_selection_details            RANDOM 
_refine.pdbx_overall_ESU_R                       0.173 
_refine.pdbx_overall_ESU_R_Free                  0.161 
_refine.overall_SU_ML                            0.102 
_refine.pdbx_overall_phase_error                 ? 
_refine.overall_SU_B                             3.734 
_refine.overall_SU_R_Cruickshank_DPI             ? 
_refine.ls_redundancy_reflns_obs                 ? 
_refine.B_iso_min                                ? 
_refine.B_iso_max                                ? 
_refine.overall_SU_R_free                        ? 
_refine.ls_wR_factor_R_free                      ? 
_refine.ls_wR_factor_R_work                      ? 
_refine.overall_FOM_free_R_set                   ? 
_refine.overall_FOM_work_R_set                   ? 
_refine.pdbx_diffrn_id                           1 
_refine.pdbx_refine_id                           'X-RAY DIFFRACTION' 
_refine.pdbx_TLS_residual_ADP_flag               ? 
_refine.pdbx_overall_SU_R_free_Cruickshank_DPI   ? 
_refine.pdbx_overall_SU_R_Blow_DPI               ? 
_refine.pdbx_overall_SU_R_free_Blow_DPI          ? 
# 
_refine_hist.pdbx_refine_id                   'X-RAY DIFFRACTION' 
_refine_hist.cycle_id                         LAST 
_refine_hist.pdbx_number_atoms_protein        1476 
_refine_hist.pdbx_number_atoms_nucleic_acid   0 
_refine_hist.pdbx_number_atoms_ligand         8 
_refine_hist.number_atoms_solvent             109 
_refine_hist.number_atoms_total               1593 
_refine_hist.d_res_high                       2.02 
_refine_hist.d_res_low                        35.59 
# 
loop_
_refine_ls_restr.type 
_refine_ls_restr.dev_ideal 
_refine_ls_restr.dev_ideal_target 
_refine_ls_restr.weight 
_refine_ls_restr.number 
_refine_ls_restr.pdbx_restraint_function 
_refine_ls_restr.pdbx_refine_id 
r_bond_refined_d             0.005  0.019  ? 1553 ? 'X-RAY DIFFRACTION' 
r_bond_other_d               ?      ?      ? ?    ? 'X-RAY DIFFRACTION' 
r_angle_refined_deg          0.997  1.941  ? 2120 ? 'X-RAY DIFFRACTION' 
r_angle_other_deg            ?      ?      ? ?    ? 'X-RAY DIFFRACTION' 
r_dihedral_angle_1_deg       5.451  5.000  ? 204  ? 'X-RAY DIFFRACTION' 
r_dihedral_angle_2_deg       35.043 21.711 ? 76   ? 'X-RAY DIFFRACTION' 
r_dihedral_angle_3_deg       14.850 15.000 ? 248  ? 'X-RAY DIFFRACTION' 
r_dihedral_angle_4_deg       14.027 15.000 ? 20   ? 'X-RAY DIFFRACTION' 
r_chiral_restr               0.063  0.200  ? 245  ? 'X-RAY DIFFRACTION' 
r_gen_planes_refined         0.003  0.021  ? 1205 ? 'X-RAY DIFFRACTION' 
r_gen_planes_other           ?      ?      ? ?    ? 'X-RAY DIFFRACTION' 
r_nbd_refined                ?      ?      ? ?    ? 'X-RAY DIFFRACTION' 
r_nbd_other                  ?      ?      ? ?    ? 'X-RAY DIFFRACTION' 
r_nbtor_refined              ?      ?      ? ?    ? 'X-RAY DIFFRACTION' 
r_nbtor_other                ?      ?      ? ?    ? 'X-RAY DIFFRACTION' 
r_xyhbond_nbd_refined        ?      ?      ? ?    ? 'X-RAY DIFFRACTION' 
r_xyhbond_nbd_other          ?      ?      ? ?    ? 'X-RAY DIFFRACTION' 
r_metal_ion_refined          ?      ?      ? ?    ? 'X-RAY DIFFRACTION' 
r_metal_ion_other            ?      ?      ? ?    ? 'X-RAY DIFFRACTION' 
r_symmetry_vdw_refined       ?      ?      ? ?    ? 'X-RAY DIFFRACTION' 
r_symmetry_vdw_other         ?      ?      ? ?    ? 'X-RAY DIFFRACTION' 
r_symmetry_hbond_refined     ?      ?      ? ?    ? 'X-RAY DIFFRACTION' 
r_symmetry_hbond_other       ?      ?      ? ?    ? 'X-RAY DIFFRACTION' 
r_symmetry_metal_ion_refined ?      ?      ? ?    ? 'X-RAY DIFFRACTION' 
r_symmetry_metal_ion_other   ?      ?      ? ?    ? 'X-RAY DIFFRACTION' 
r_mcbond_it                  ?      ?      ? ?    ? 'X-RAY DIFFRACTION' 
r_mcbond_other               ?      ?      ? ?    ? 'X-RAY DIFFRACTION' 
r_mcangle_it                 ?      ?      ? ?    ? 'X-RAY DIFFRACTION' 
r_scbond_it                  ?      ?      ? ?    ? 'X-RAY DIFFRACTION' 
r_scangle_it                 ?      ?      ? ?    ? 'X-RAY DIFFRACTION' 
r_rigid_bond_restr           ?      ?      ? ?    ? 'X-RAY DIFFRACTION' 
r_sphericity_free            ?      ?      ? ?    ? 'X-RAY DIFFRACTION' 
r_sphericity_bonded          ?      ?      ? ?    ? 'X-RAY DIFFRACTION' 
# 
_refine_ls_shell.pdbx_refine_id                   'X-RAY DIFFRACTION' 
_refine_ls_shell.pdbx_total_number_of_bins_used   20 
_refine_ls_shell.d_res_high                       2.02 
_refine_ls_shell.d_res_low                        2.074 
_refine_ls_shell.number_reflns_R_work             971 
_refine_ls_shell.R_factor_R_work                  0.245 
_refine_ls_shell.percent_reflns_obs               100.00 
_refine_ls_shell.R_factor_R_free                  0.323 
_refine_ls_shell.R_factor_R_free_error            ? 
_refine_ls_shell.percent_reflns_R_free            ? 
_refine_ls_shell.number_reflns_R_free             67 
_refine_ls_shell.number_reflns_all                ? 
_refine_ls_shell.R_factor_all                     ? 
_refine_ls_shell.number_reflns_obs                ? 
_refine_ls_shell.redundancy_reflns_obs            ? 
# 
_struct.entry_id                  4GQU 
_struct.title                     'Crystal structure of HisB from Mycobacterium tuberculosis' 
_struct.pdbx_model_details        ? 
_struct.pdbx_CASP_flag            ? 
_struct.pdbx_model_type_details   ? 
# 
_struct_keywords.entry_id        4GQU 
_struct_keywords.pdbx_keywords   LYASE 
_struct_keywords.text            
;Mycobacterium tuberculosis, Histidine biosynthesis, Manganese, Class- Alpha and Beta Fold- Ribosomal protein S5 domain 2-like Super family-Ribosomal protein S5 domain 2-like Family- Imidazole glycerol phoshate dehydratase Domain- Imidazole glycerol phosphate dehydratase, Dehydratase, LYASE
;
# 
loop_
_struct_asym.id 
_struct_asym.pdbx_blank_PDB_chainid_flag 
_struct_asym.pdbx_modified 
_struct_asym.entity_id 
_struct_asym.details 
A N N 1 ? 
B N N 2 ? 
C N N 2 ? 
D N N 2 ? 
E N N 2 ? 
F N N 3 ? 
G N N 4 ? 
# 
_struct_biol.id        1 
_struct_biol.details   
;The asymmetric unit contains a monomer, however the biological unit is a 24-mer which can be generated by the 432 crystal symmetry  
.
;
# 
loop_
_struct_conf.conf_type_id 
_struct_conf.id 
_struct_conf.pdbx_PDB_helix_id 
_struct_conf.beg_label_comp_id 
_struct_conf.beg_label_asym_id 
_struct_conf.beg_label_seq_id 
_struct_conf.pdbx_beg_PDB_ins_code 
_struct_conf.end_label_comp_id 
_struct_conf.end_label_asym_id 
_struct_conf.end_label_seq_id 
_struct_conf.pdbx_end_PDB_ins_code 
_struct_conf.beg_auth_comp_id 
_struct_conf.beg_auth_asym_id 
_struct_conf.beg_auth_seq_id 
_struct_conf.end_auth_comp_id 
_struct_conf.end_auth_asym_id 
_struct_conf.end_auth_seq_id 
_struct_conf.pdbx_PDB_helix_class 
_struct_conf.details 
_struct_conf.pdbx_PDB_helix_length 
HELX_P HELX_P1 1 VAL A 48  ? ALA A 62  ? VAL A 42  ALA A 56  1 ? 15 
HELX_P HELX_P2 2 ALA A 78  ? GLY A 98  ? ALA A 72  GLY A 92  1 ? 21 
HELX_P HELX_P3 3 PRO A 136 ? HIS A 141 ? PRO A 130 HIS A 135 5 ? 6  
HELX_P HELX_P4 4 VAL A 154 ? ARG A 168 ? VAL A 148 ARG A 162 1 ? 15 
HELX_P HELX_P5 5 ASP A 180 ? GLU A 201 ? ASP A 174 GLU A 195 1 ? 22 
# 
_struct_conf_type.id          HELX_P 
_struct_conf_type.criteria    ? 
_struct_conf_type.reference   ? 
# 
loop_
_struct_conn.id 
_struct_conn.conn_type_id 
_struct_conn.pdbx_leaving_atom_flag 
_struct_conn.pdbx_PDB_id 
_struct_conn.ptnr1_label_asym_id 
_struct_conn.ptnr1_label_comp_id 
_struct_conn.ptnr1_label_seq_id 
_struct_conn.ptnr1_label_atom_id 
_struct_conn.pdbx_ptnr1_label_alt_id 
_struct_conn.pdbx_ptnr1_PDB_ins_code 
_struct_conn.pdbx_ptnr1_standard_comp_id 
_struct_conn.ptnr1_symmetry 
_struct_conn.ptnr2_label_asym_id 
_struct_conn.ptnr2_label_comp_id 
_struct_conn.ptnr2_label_seq_id 
_struct_conn.ptnr2_label_atom_id 
_struct_conn.pdbx_ptnr2_label_alt_id 
_struct_conn.pdbx_ptnr2_PDB_ins_code 
_struct_conn.ptnr1_auth_asym_id 
_struct_conn.ptnr1_auth_comp_id 
_struct_conn.ptnr1_auth_seq_id 
_struct_conn.ptnr2_auth_asym_id 
_struct_conn.ptnr2_auth_comp_id 
_struct_conn.ptnr2_auth_seq_id 
_struct_conn.ptnr2_symmetry 
_struct_conn.pdbx_ptnr3_label_atom_id 
_struct_conn.pdbx_ptnr3_label_seq_id 
_struct_conn.pdbx_ptnr3_label_comp_id 
_struct_conn.pdbx_ptnr3_label_asym_id 
_struct_conn.pdbx_ptnr3_label_alt_id 
_struct_conn.pdbx_ptnr3_PDB_ins_code 
_struct_conn.details 
_struct_conn.pdbx_dist_value 
_struct_conn.pdbx_value_order 
_struct_conn.pdbx_role 
metalc1  metalc ? ? A HIS 53  NE2 ? ? ? 1_555 C MN  . MN ? ? A HIS 47  A MN  302 1_555 ? ? ? ? ? ? ? 2.275 ? ? 
metalc2  metalc ? ? A HIS 79  NE2 ? ? ? 1_555 B MN  . MN ? ? A HIS 73  A MN  301 1_555 ? ? ? ? ? ? ? 2.149 ? ? 
metalc3  metalc ? ? A GLU 83  OE1 ? ? ? 1_555 B MN  . MN ? ? A GLU 77  A MN  301 1_555 ? ? ? ? ? ? ? 2.264 ? ? 
metalc4  metalc ? ? A HIS 158 NE2 ? ? ? 1_555 B MN  . MN ? ? A HIS 152 A MN  301 1_555 ? ? ? ? ? ? ? 2.148 ? ? 
metalc5  metalc ? ? A HIS 182 NE2 ? ? ? 1_555 C MN  . MN ? ? A HIS 176 A MN  302 1_555 ? ? ? ? ? ? ? 2.422 ? ? 
metalc6  metalc ? ? A GLU 186 OE1 ? ? ? 1_555 C MN  . MN ? ? A GLU 180 A MN  302 1_555 ? ? ? ? ? ? ? 2.186 ? ? 
metalc7  metalc ? ? B MN  .   MN  ? ? ? 1_555 G HOH . O  ? ? A MN  301 A HOH 425 1_555 ? ? ? ? ? ? ? 2.247 ? ? 
metalc8  metalc ? ? C MN  .   MN  ? ? ? 1_555 G HOH . O  ? ? A MN  302 A HOH 438 1_555 ? ? ? ? ? ? ? 2.357 ? ? 
metalc9  metalc ? ? C MN  .   MN  ? ? ? 1_555 G HOH . O  ? ? A MN  302 A HOH 506 1_555 ? ? ? ? ? ? ? 2.130 ? ? 
metalc10 metalc ? ? E MN  .   MN  ? ? ? 1_555 F EDO . O1 ? ? A MN  304 A EDO 305 1_555 ? ? ? ? ? ? ? 2.786 ? ? 
# 
_struct_conn_type.id          metalc 
_struct_conn_type.criteria    ? 
_struct_conn_type.reference   ? 
# 
loop_
_struct_sheet.id 
_struct_sheet.type 
_struct_sheet.number_strands 
_struct_sheet.details 
A ? 4 ? 
B ? 4 ? 
C ? 2 ? 
# 
loop_
_struct_sheet_order.sheet_id 
_struct_sheet_order.range_id_1 
_struct_sheet_order.range_id_2 
_struct_sheet_order.offset 
_struct_sheet_order.sense 
A 1 2 ? anti-parallel 
A 2 3 ? anti-parallel 
A 3 4 ? parallel      
B 1 2 ? anti-parallel 
B 2 3 ? anti-parallel 
B 3 4 ? parallel      
C 1 2 ? anti-parallel 
# 
loop_
_struct_sheet_range.sheet_id 
_struct_sheet_range.id 
_struct_sheet_range.beg_label_comp_id 
_struct_sheet_range.beg_label_asym_id 
_struct_sheet_range.beg_label_seq_id 
_struct_sheet_range.pdbx_beg_PDB_ins_code 
_struct_sheet_range.end_label_comp_id 
_struct_sheet_range.end_label_asym_id 
_struct_sheet_range.end_label_seq_id 
_struct_sheet_range.pdbx_end_PDB_ins_code 
_struct_sheet_range.beg_auth_comp_id 
_struct_sheet_range.beg_auth_asym_id 
_struct_sheet_range.beg_auth_seq_id 
_struct_sheet_range.end_auth_comp_id 
_struct_sheet_range.end_auth_asym_id 
_struct_sheet_range.end_auth_seq_id 
A 1 ARG A 18  ? ARG A 24  ? ARG A 12  ARG A 18  
A 2 SER A 28  ? ASP A 35  ? SER A 22  ASP A 29  
A 3 ASP A 65  ? GLY A 72  ? ASP A 59  GLY A 66  
A 4 VAL A 42  ? ASP A 45  ? VAL A 36  ASP A 39  
B 1 PHE A 106 ? MET A 113 ? PHE A 100 MET A 107 
B 2 THR A 116 ? ASP A 123 ? THR A 110 ASP A 117 
B 3 ALA A 170 ? TYR A 177 ? ALA A 164 TYR A 171 
B 4 TYR A 129 ? THR A 133 ? TYR A 123 THR A 127 
C 1 THR A 143 ? ILE A 144 ? THR A 137 ILE A 138 
C 2 TYR A 151 ? HIS A 152 ? TYR A 145 HIS A 146 
# 
loop_
_pdbx_struct_sheet_hbond.sheet_id 
_pdbx_struct_sheet_hbond.range_id_1 
_pdbx_struct_sheet_hbond.range_id_2 
_pdbx_struct_sheet_hbond.range_1_label_atom_id 
_pdbx_struct_sheet_hbond.range_1_label_comp_id 
_pdbx_struct_sheet_hbond.range_1_label_asym_id 
_pdbx_struct_sheet_hbond.range_1_label_seq_id 
_pdbx_struct_sheet_hbond.range_1_PDB_ins_code 
_pdbx_struct_sheet_hbond.range_1_auth_atom_id 
_pdbx_struct_sheet_hbond.range_1_auth_comp_id 
_pdbx_struct_sheet_hbond.range_1_auth_asym_id 
_pdbx_struct_sheet_hbond.range_1_auth_seq_id 
_pdbx_struct_sheet_hbond.range_2_label_atom_id 
_pdbx_struct_sheet_hbond.range_2_label_comp_id 
_pdbx_struct_sheet_hbond.range_2_label_asym_id 
_pdbx_struct_sheet_hbond.range_2_label_seq_id 
_pdbx_struct_sheet_hbond.range_2_PDB_ins_code 
_pdbx_struct_sheet_hbond.range_2_auth_atom_id 
_pdbx_struct_sheet_hbond.range_2_auth_comp_id 
_pdbx_struct_sheet_hbond.range_2_auth_asym_id 
_pdbx_struct_sheet_hbond.range_2_auth_seq_id 
A 1 2 N ARG A 23  ? N ARG A 17  O ILE A 30  ? O ILE A 24  
A 2 3 N VAL A 31  ? N VAL A 25  O ARG A 69  ? O ARG A 63  
A 3 4 O ALA A 70  ? O ALA A 64  N ASP A 45  ? N ASP A 39  
B 1 2 N GLY A 107 ? N GLY A 101 O VAL A 122 ? O VAL A 116 
B 2 3 N HIS A 119 ? N HIS A 113 O ARG A 174 ? O ARG A 168 
B 3 4 O LEU A 171 ? O LEU A 165 N TYR A 129 ? N TYR A 123 
C 1 2 N ILE A 144 ? N ILE A 138 O TYR A 151 ? O TYR A 145 
# 
loop_
_struct_site.id 
_struct_site.pdbx_evidence_code 
_struct_site.pdbx_auth_asym_id 
_struct_site.pdbx_auth_comp_id 
_struct_site.pdbx_auth_seq_id 
_struct_site.pdbx_auth_ins_code 
_struct_site.pdbx_num_residues 
_struct_site.details 
AC1 Software A MN  301 ? 6 'BINDING SITE FOR RESIDUE MN A 301'  
AC2 Software A MN  302 ? 6 'BINDING SITE FOR RESIDUE MN A 302'  
AC3 Software A MN  303 ? 3 'BINDING SITE FOR RESIDUE MN A 303'  
AC4 Software A MN  304 ? 2 'BINDING SITE FOR RESIDUE MN A 304'  
AC5 Software A EDO 305 ? 3 'BINDING SITE FOR RESIDUE EDO A 305' 
# 
loop_
_struct_site_gen.id 
_struct_site_gen.site_id 
_struct_site_gen.pdbx_num_res 
_struct_site_gen.label_comp_id 
_struct_site_gen.label_asym_id 
_struct_site_gen.label_seq_id 
_struct_site_gen.pdbx_auth_ins_code 
_struct_site_gen.auth_comp_id 
_struct_site_gen.auth_asym_id 
_struct_site_gen.auth_seq_id 
_struct_site_gen.label_atom_id 
_struct_site_gen.label_alt_id 
_struct_site_gen.symmetry 
_struct_site_gen.details 
1  AC1 6 HIS A 79  ? HIS A 73  . ? 1_555  ? 
2  AC1 6 GLU A 83  ? GLU A 77  . ? 1_555  ? 
3  AC1 6 HIS A 158 ? HIS A 152 . ? 1_555  ? 
4  AC1 6 HIS A 183 ? HIS A 177 . ? 16_555 ? 
5  AC1 6 HOH G .   ? HOH A 425 . ? 1_555  ? 
6  AC1 6 HOH G .   ? HOH A 505 . ? 16_555 ? 
7  AC2 6 HIS A 53  ? HIS A 47  . ? 1_555  ? 
8  AC2 6 HIS A 80  ? HIS A 74  . ? 15_555 ? 
9  AC2 6 HIS A 182 ? HIS A 176 . ? 1_555  ? 
10 AC2 6 GLU A 186 ? GLU A 180 . ? 1_555  ? 
11 AC2 6 HOH G .   ? HOH A 438 . ? 1_555  ? 
12 AC2 6 HOH G .   ? HOH A 506 . ? 1_555  ? 
13 AC3 3 ARG A 174 ? ARG A 168 . ? 1_555  ? 
14 AC3 3 ARG A 174 ? ARG A 168 . ? 7_555  ? 
15 AC3 3 ARG A 174 ? ARG A 168 . ? 10_555 ? 
16 AC4 2 ARG A 157 ? ARG A 151 . ? 1_555  ? 
17 AC4 2 EDO F .   ? EDO A 305 . ? 1_555  ? 
18 AC5 3 GLY A 134 ? GLY A 128 . ? 1_555  ? 
19 AC5 3 ARG A 157 ? ARG A 151 . ? 1_555  ? 
20 AC5 3 MN  E .   ? MN  A 304 . ? 1_555  ? 
# 
_atom_sites.entry_id                    4GQU 
_atom_sites.fract_transf_matrix[1][1]   0.00217873 
_atom_sites.fract_transf_matrix[1][2]   0.00202392 
_atom_sites.fract_transf_matrix[1][3]   -0.00837364 
_atom_sites.fract_transf_matrix[2][1]   -0.00857246 
_atom_sites.fract_transf_matrix[2][2]   -0.00034552 
_atom_sites.fract_transf_matrix[2][3]   -0.00231397 
_atom_sites.fract_transf_matrix[3][1]   -0.00085264 
_atom_sites.fract_transf_matrix[3][2]   0.00864554 
_atom_sites.fract_transf_matrix[3][3]   0.00186779 
_atom_sites.fract_transf_vector[1]      -0.194968 
_atom_sites.fract_transf_vector[2]      0.096168 
_atom_sites.fract_transf_vector[3]      0.339968 
# 
loop_
_atom_type.symbol 
C  
MN 
N  
O  
S  
# 
loop_
_atom_site.group_PDB 
_atom_site.id 
_atom_site.type_symbol 
_atom_site.label_atom_id 
_atom_site.label_alt_id 
_atom_site.label_comp_id 
_atom_site.label_asym_id 
_atom_site.label_entity_id 
_atom_site.label_seq_id 
_atom_site.pdbx_PDB_ins_code 
_atom_site.Cartn_x 
_atom_site.Cartn_y 
_atom_site.Cartn_z 
_atom_site.occupancy 
_atom_site.B_iso_or_equiv 
_atom_site.pdbx_formal_charge 
_atom_site.auth_seq_id 
_atom_site.auth_comp_id 
_atom_site.auth_asym_id 
_atom_site.auth_atom_id 
_atom_site.pdbx_PDB_model_num 
ATOM   1    N  N   . SER A 1 16  ? -13.731 2.946   17.436  1.00 56.80 ? 10  SER A N   1 
ATOM   2    C  CA  . SER A 1 16  ? -12.958 3.855   16.541  1.00 55.26 ? 10  SER A CA  1 
ATOM   3    C  C   . SER A 1 16  ? -11.618 3.230   16.154  1.00 53.50 ? 10  SER A C   1 
ATOM   4    O  O   . SER A 1 16  ? -10.846 2.801   17.017  1.00 54.16 ? 10  SER A O   1 
ATOM   5    C  CB  . SER A 1 16  ? -12.745 5.215   17.212  1.00 57.09 ? 10  SER A CB  1 
ATOM   6    O  OG  . SER A 1 16  ? -12.139 6.140   16.323  1.00 57.62 ? 10  SER A OG  1 
ATOM   7    N  N   . ARG A 1 17  ? -11.351 3.182   14.851  1.00 50.00 ? 11  ARG A N   1 
ATOM   8    C  CA  . ARG A 1 17  ? -10.136 2.560   14.327  1.00 46.83 ? 11  ARG A CA  1 
ATOM   9    C  C   . ARG A 1 17  ? -9.305  3.564   13.529  1.00 45.70 ? 11  ARG A C   1 
ATOM   10   O  O   . ARG A 1 17  ? -9.235  3.511   12.296  1.00 44.33 ? 11  ARG A O   1 
ATOM   11   C  CB  . ARG A 1 17  ? -10.479 1.324   13.493  1.00 45.29 ? 11  ARG A CB  1 
ATOM   12   C  CG  . ARG A 1 17  ? -11.228 0.252   14.271  1.00 43.48 ? 11  ARG A CG  1 
ATOM   13   C  CD  . ARG A 1 17  ? -11.231 -1.074  13.536  1.00 41.76 ? 11  ARG A CD  1 
ATOM   14   N  NE  . ARG A 1 17  ? -11.973 -1.018  12.278  1.00 40.65 ? 11  ARG A NE  1 
ATOM   15   C  CZ  . ARG A 1 17  ? -12.053 -2.027  11.415  1.00 40.24 ? 11  ARG A CZ  1 
ATOM   16   N  NH1 . ARG A 1 17  ? -11.437 -3.174  11.670  1.00 39.23 ? 11  ARG A NH1 1 
ATOM   17   N  NH2 . ARG A 1 17  ? -12.752 -1.890  10.298  1.00 39.17 ? 11  ARG A NH2 1 
ATOM   18   N  N   . ARG A 1 18  ? -8.684  4.482   14.261  1.00 45.35 ? 12  ARG A N   1 
ATOM   19   C  CA  . ARG A 1 18  ? -7.886  5.552   13.682  1.00 45.65 ? 12  ARG A CA  1 
ATOM   20   C  C   . ARG A 1 18  ? -6.464  5.507   14.218  1.00 44.49 ? 12  ARG A C   1 
ATOM   21   O  O   . ARG A 1 18  ? -6.216  4.990   15.311  1.00 44.04 ? 12  ARG A O   1 
ATOM   22   C  CB  . ARG A 1 18  ? -8.506  6.914   14.000  1.00 47.55 ? 12  ARG A CB  1 
ATOM   23   C  CG  . ARG A 1 18  ? -9.777  7.226   13.232  1.00 49.87 ? 12  ARG A CG  1 
ATOM   24   C  CD  . ARG A 1 18  ? -10.510 8.403   13.855  1.00 52.70 ? 12  ARG A CD  1 
ATOM   25   N  NE  . ARG A 1 18  ? -11.682 8.793   13.073  1.00 55.26 ? 12  ARG A NE  1 
ATOM   26   C  CZ  . ARG A 1 18  ? -12.732 9.448   13.564  1.00 57.33 ? 12  ARG A CZ  1 
ATOM   27   N  NH1 . ARG A 1 18  ? -12.777 9.788   14.847  1.00 58.46 ? 12  ARG A NH1 1 
ATOM   28   N  NH2 . ARG A 1 18  ? -13.748 9.756   12.769  1.00 58.54 ? 12  ARG A NH2 1 
ATOM   29   N  N   . ALA A 1 19  ? -5.535  6.049   13.438  1.00 42.60 ? 13  ALA A N   1 
ATOM   30   C  CA  . ALA A 1 19  ? -4.148  6.173   13.862  1.00 41.40 ? 13  ALA A CA  1 
ATOM   31   C  C   . ALA A 1 19  ? -3.498  7.383   13.213  1.00 40.87 ? 13  ALA A C   1 
ATOM   32   O  O   . ALA A 1 19  ? -3.711  7.659   12.029  1.00 40.39 ? 13  ALA A O   1 
ATOM   33   C  CB  . ALA A 1 19  ? -3.365  4.909   13.536  1.00 41.11 ? 13  ALA A CB  1 
ATOM   34   N  N   . ARG A 1 20  ? -2.724  8.113   14.007  1.00 41.05 ? 14  ARG A N   1 
ATOM   35   C  CA  . ARG A 1 20  ? -1.862  9.161   13.489  1.00 40.69 ? 14  ARG A CA  1 
ATOM   36   C  C   . ARG A 1 20  ? -0.423  8.780   13.802  1.00 39.72 ? 14  ARG A C   1 
ATOM   37   O  O   . ARG A 1 20  ? -0.059  8.610   14.966  1.00 39.37 ? 14  ARG A O   1 
ATOM   38   C  CB  . ARG A 1 20  ? -2.214  10.526  14.089  1.00 41.58 ? 14  ARG A CB  1 
ATOM   39   C  CG  . ARG A 1 20  ? -1.337  11.662  13.579  1.00 42.57 ? 14  ARG A CG  1 
ATOM   40   C  CD  . ARG A 1 20  ? -1.600  12.964  14.322  1.00 44.02 ? 14  ARG A CD  1 
ATOM   41   N  NE  . ARG A 1 20  ? -0.610  13.986  13.981  1.00 44.34 ? 14  ARG A NE  1 
ATOM   42   C  CZ  . ARG A 1 20  ? -0.738  14.866  12.990  1.00 45.24 ? 14  ARG A CZ  1 
ATOM   43   N  NH1 . ARG A 1 20  ? -1.821  14.870  12.222  1.00 45.64 ? 14  ARG A NH1 1 
ATOM   44   N  NH2 . ARG A 1 20  ? 0.223   15.752  12.764  1.00 45.63 ? 14  ARG A NH2 1 
ATOM   45   N  N   . ILE A 1 21  ? 0.380   8.622   12.753  1.00 38.79 ? 15  ILE A N   1 
ATOM   46   C  CA  . ILE A 1 21  ? 1.789   8.275   12.902  1.00 39.23 ? 15  ILE A CA  1 
ATOM   47   C  C   . ILE A 1 21  ? 2.663   9.407   12.376  1.00 40.30 ? 15  ILE A C   1 
ATOM   48   O  O   . ILE A 1 21  ? 2.476   9.885   11.253  1.00 40.22 ? 15  ILE A O   1 
ATOM   49   C  CB  . ILE A 1 21  ? 2.142   6.933   12.200  1.00 38.51 ? 15  ILE A CB  1 
ATOM   50   C  CG1 . ILE A 1 21  ? 1.395   5.754   12.846  1.00 38.37 ? 15  ILE A CG1 1 
ATOM   51   C  CG2 . ILE A 1 21  ? 3.647   6.676   12.202  1.00 38.28 ? 15  ILE A CG2 1 
ATOM   52   C  CD1 . ILE A 1 21  ? 1.733   5.482   14.302  1.00 38.61 ? 15  ILE A CD1 1 
ATOM   53   N  N   . GLU A 1 22  ? 3.598   9.843   13.212  1.00 41.50 ? 16  GLU A N   1 
ATOM   54   C  CA  . GLU A 1 22  ? 4.621   10.791  12.802  1.00 43.44 ? 16  GLU A CA  1 
ATOM   55   C  C   . GLU A 1 22  ? 5.969   10.087  12.845  1.00 43.41 ? 16  GLU A C   1 
ATOM   56   O  O   . GLU A 1 22  ? 6.401   9.611   13.896  1.00 43.21 ? 16  GLU A O   1 
ATOM   57   C  CB  . GLU A 1 22  ? 4.610   12.033  13.696  1.00 44.90 ? 16  GLU A CB  1 
ATOM   58   C  CG  . GLU A 1 22  ? 3.315   12.829  13.612  1.00 46.65 ? 16  GLU A CG  1 
ATOM   59   C  CD  . GLU A 1 22  ? 3.189   13.875  14.703  1.00 49.18 ? 16  GLU A CD  1 
ATOM   60   O  OE1 . GLU A 1 22  ? 3.963   14.853  14.689  1.00 49.89 ? 16  GLU A OE1 1 
ATOM   61   O  OE2 . GLU A 1 22  ? 2.302   13.725  15.569  1.00 50.96 ? 16  GLU A OE2 1 
ATOM   62   N  N   . ARG A 1 23  ? 6.610   10.002  11.684  1.00 43.28 ? 17  ARG A N   1 
ATOM   63   C  CA  . ARG A 1 23  ? 7.898   9.339   11.548  1.00 43.27 ? 17  ARG A CA  1 
ATOM   64   C  C   . ARG A 1 23  ? 8.926   10.324  11.005  1.00 43.11 ? 17  ARG A C   1 
ATOM   65   O  O   . ARG A 1 23  ? 8.812   10.793  9.870   1.00 41.60 ? 17  ARG A O   1 
ATOM   66   C  CB  . ARG A 1 23  ? 7.772   8.115   10.633  1.00 43.55 ? 17  ARG A CB  1 
ATOM   67   C  CG  . ARG A 1 23  ? 9.070   7.354   10.415  1.00 44.24 ? 17  ARG A CG  1 
ATOM   68   C  CD  . ARG A 1 23  ? 8.858   6.087   9.599   1.00 44.24 ? 17  ARG A CD  1 
ATOM   69   N  NE  . ARG A 1 23  ? 10.126  5.419   9.309   1.00 43.89 ? 17  ARG A NE  1 
ATOM   70   C  CZ  . ARG A 1 23  ? 10.759  4.601   10.145  1.00 43.73 ? 17  ARG A CZ  1 
ATOM   71   N  NH1 . ARG A 1 23  ? 10.252  4.331   11.342  1.00 44.43 ? 17  ARG A NH1 1 
ATOM   72   N  NH2 . ARG A 1 23  ? 11.910  4.051   9.783   1.00 43.30 ? 17  ARG A NH2 1 
ATOM   73   N  N   . ARG A 1 24  ? 9.924   10.636  11.828  1.00 44.05 ? 18  ARG A N   1 
ATOM   74   C  CA  . ARG A 1 24  ? 10.983  11.556  11.439  1.00 45.61 ? 18  ARG A CA  1 
ATOM   75   C  C   . ARG A 1 24  ? 12.349  10.868  11.503  1.00 45.88 ? 18  ARG A C   1 
ATOM   76   O  O   . ARG A 1 24  ? 12.837  10.527  12.584  1.00 44.71 ? 18  ARG A O   1 
ATOM   77   C  CB  . ARG A 1 24  ? 10.960  12.814  12.317  1.00 47.14 ? 18  ARG A CB  1 
ATOM   78   C  CG  . ARG A 1 24  ? 11.431  14.074  11.602  1.00 49.09 ? 18  ARG A CG  1 
ATOM   79   C  CD  . ARG A 1 24  ? 11.622  15.258  12.548  1.00 50.50 ? 18  ARG A CD  1 
ATOM   80   N  NE  . ARG A 1 24  ? 10.433  15.572  13.348  1.00 50.41 ? 18  ARG A NE  1 
ATOM   81   C  CZ  . ARG A 1 24  ? 9.419   16.340  12.951  1.00 51.16 ? 18  ARG A CZ  1 
ATOM   82   N  NH1 . ARG A 1 24  ? 8.402   16.556  13.770  1.00 52.08 ? 18  ARG A NH1 1 
ATOM   83   N  NH2 . ARG A 1 24  ? 9.406   16.895  11.744  1.00 51.34 ? 18  ARG A NH2 1 
ATOM   84   N  N   . THR A 1 25  ? 12.944  10.658  10.331  1.00 45.25 ? 19  THR A N   1 
ATOM   85   C  CA  . THR A 1 25  ? 14.272  10.064  10.209  1.00 45.42 ? 19  THR A CA  1 
ATOM   86   C  C   . THR A 1 25  ? 15.227  11.091  9.603   1.00 46.13 ? 19  THR A C   1 
ATOM   87   O  O   . THR A 1 25  ? 14.826  12.221  9.316   1.00 45.65 ? 19  THR A O   1 
ATOM   88   C  CB  . THR A 1 25  ? 14.254  8.795   9.325   1.00 45.62 ? 19  THR A CB  1 
ATOM   89   O  OG1 . THR A 1 25  ? 13.853  9.138   7.991   1.00 43.89 ? 19  THR A OG1 1 
ATOM   90   C  CG2 . THR A 1 25  ? 13.300  7.739   9.890   1.00 45.08 ? 19  THR A CG2 1 
ATOM   91   N  N   . ARG A 1 26  ? 16.484  10.700  9.411   1.00 47.42 ? 20  ARG A N   1 
ATOM   92   C  CA  . ARG A 1 26  ? 17.454  11.561  8.734   1.00 49.39 ? 20  ARG A CA  1 
ATOM   93   C  C   . ARG A 1 26  ? 17.086  11.747  7.264   1.00 47.51 ? 20  ARG A C   1 
ATOM   94   O  O   . ARG A 1 26  ? 17.328  12.805  6.683   1.00 47.10 ? 20  ARG A O   1 
ATOM   95   C  CB  . ARG A 1 26  ? 18.869  10.988  8.847   1.00 53.00 ? 20  ARG A CB  1 
ATOM   96   C  CG  . ARG A 1 26  ? 19.496  11.130  10.226  1.00 57.57 ? 20  ARG A CG  1 
ATOM   97   C  CD  . ARG A 1 26  ? 21.012  11.048  10.144  1.00 60.83 ? 20  ARG A CD  1 
ATOM   98   N  NE  . ARG A 1 26  ? 21.624  10.864  11.458  1.00 64.05 ? 20  ARG A NE  1 
ATOM   99   C  CZ  . ARG A 1 26  ? 21.918  9.681   11.995  1.00 66.33 ? 20  ARG A CZ  1 
ATOM   100  N  NH1 . ARG A 1 26  ? 22.475  9.621   13.198  1.00 67.45 ? 20  ARG A NH1 1 
ATOM   101  N  NH2 . ARG A 1 26  ? 21.658  8.558   11.334  1.00 66.73 ? 20  ARG A NH2 1 
ATOM   102  N  N   . GLU A 1 27  ? 16.486  10.714  6.680   1.00 45.35 ? 21  GLU A N   1 
ATOM   103  C  CA  . GLU A 1 27  ? 16.147  10.712  5.259   1.00 45.04 ? 21  GLU A CA  1 
ATOM   104  C  C   . GLU A 1 27  ? 14.832  11.432  4.959   1.00 43.11 ? 21  GLU A C   1 
ATOM   105  O  O   . GLU A 1 27  ? 14.702  12.071  3.917   1.00 42.62 ? 21  GLU A O   1 
ATOM   106  C  CB  . GLU A 1 27  ? 16.088  9.277   4.715   1.00 45.59 ? 21  GLU A CB  1 
ATOM   107  C  CG  . GLU A 1 27  ? 17.416  8.526   4.721   1.00 47.08 ? 21  GLU A CG  1 
ATOM   108  C  CD  . GLU A 1 27  ? 17.792  7.965   6.085   1.00 48.19 ? 21  GLU A CD  1 
ATOM   109  O  OE1 . GLU A 1 27  ? 16.885  7.685   6.900   1.00 48.16 ? 21  GLU A OE1 1 
ATOM   110  O  OE2 . GLU A 1 27  ? 19.003  7.799   6.342   1.00 49.69 ? 21  GLU A OE2 1 
ATOM   111  N  N   . SER A 1 28  ? 13.860  11.327  5.863   1.00 41.65 ? 22  SER A N   1 
ATOM   112  C  CA  . SER A 1 28  ? 12.518  11.830  5.569   1.00 40.84 ? 22  SER A CA  1 
ATOM   113  C  C   . SER A 1 28  ? 11.694  12.270  6.779   1.00 40.37 ? 22  SER A C   1 
ATOM   114  O  O   . SER A 1 28  ? 12.050  12.017  7.933   1.00 39.99 ? 22  SER A O   1 
ATOM   115  C  CB  . SER A 1 28  ? 11.733  10.797  4.751   1.00 40.81 ? 22  SER A CB  1 
ATOM   116  O  OG  . SER A 1 28  ? 11.405  9.674   5.542   1.00 41.09 ? 22  SER A OG  1 
ATOM   117  N  N   . ASP A 1 29  ? 10.576  12.924  6.475   1.00 40.39 ? 23  ASP A N   1 
ATOM   118  C  CA  . ASP A 1 29  ? 9.650   13.447  7.460   1.00 40.93 ? 23  ASP A CA  1 
ATOM   119  C  C   . ASP A 1 29  ? 8.237   13.033  7.046   1.00 39.51 ? 23  ASP A C   1 
ATOM   120  O  O   . ASP A 1 29  ? 7.732   13.499  6.024   1.00 37.04 ? 23  ASP A O   1 
ATOM   121  C  CB  . ASP A 1 29  ? 9.761   14.969  7.482   1.00 44.26 ? 23  ASP A CB  1 
ATOM   122  C  CG  . ASP A 1 29  ? 9.402   15.557  8.815   1.00 47.73 ? 23  ASP A CG  1 
ATOM   123  O  OD1 . ASP A 1 29  ? 8.273   15.317  9.295   1.00 49.65 ? 23  ASP A OD1 1 
ATOM   124  O  OD2 . ASP A 1 29  ? 10.254  16.274  9.382   1.00 52.27 ? 23  ASP A OD2 1 
ATOM   125  N  N   . ILE A 1 30  ? 7.611   12.159  7.834   1.00 38.29 ? 24  ILE A N   1 
ATOM   126  C  CA  . ILE A 1 30  ? 6.318   11.563  7.463   1.00 37.46 ? 24  ILE A CA  1 
ATOM   127  C  C   . ILE A 1 30  ? 5.217   11.840  8.488   1.00 36.65 ? 24  ILE A C   1 
ATOM   128  O  O   . ILE A 1 30  ? 5.433   11.718  9.694   1.00 36.76 ? 24  ILE A O   1 
ATOM   129  C  CB  . ILE A 1 30  ? 6.410   10.020  7.281   1.00 37.33 ? 24  ILE A CB  1 
ATOM   130  C  CG1 . ILE A 1 30  ? 7.771   9.575   6.708   1.00 37.82 ? 24  ILE A CG1 1 
ATOM   131  C  CG2 . ILE A 1 30  ? 5.233   9.492   6.466   1.00 36.71 ? 24  ILE A CG2 1 
ATOM   132  C  CD1 . ILE A 1 30  ? 7.947   9.740   5.211   1.00 37.19 ? 24  ILE A CD1 1 
ATOM   133  N  N   . VAL A 1 31  ? 4.036   12.204  7.993   1.00 35.82 ? 25  VAL A N   1 
ATOM   134  C  CA  . VAL A 1 31  ? 2.819   12.265  8.808   1.00 35.90 ? 25  VAL A CA  1 
ATOM   135  C  C   . VAL A 1 31  ? 1.733   11.436  8.127   1.00 35.65 ? 25  VAL A C   1 
ATOM   136  O  O   . VAL A 1 31  ? 1.398   11.678  6.964   1.00 34.53 ? 25  VAL A O   1 
ATOM   137  C  CB  . VAL A 1 31  ? 2.326   13.718  9.014   1.00 36.33 ? 25  VAL A CB  1 
ATOM   138  C  CG1 . VAL A 1 31  ? 0.998   13.747  9.762   1.00 36.19 ? 25  VAL A CG1 1 
ATOM   139  C  CG2 . VAL A 1 31  ? 3.364   14.529  9.773   1.00 36.95 ? 25  VAL A CG2 1 
ATOM   140  N  N   . ILE A 1 32  ? 1.204   10.451  8.854   1.00 35.65 ? 26  ILE A N   1 
ATOM   141  C  CA  . ILE A 1 32  ? 0.116   9.599   8.367   1.00 35.76 ? 26  ILE A CA  1 
ATOM   142  C  C   . ILE A 1 32  ? -1.098  9.737   9.279   1.00 36.06 ? 26  ILE A C   1 
ATOM   143  O  O   . ILE A 1 32  ? -0.988  9.575   10.495  1.00 35.62 ? 26  ILE A O   1 
ATOM   144  C  CB  . ILE A 1 32  ? 0.513   8.099   8.339   1.00 35.80 ? 26  ILE A CB  1 
ATOM   145  C  CG1 . ILE A 1 32  ? 1.864   7.871   7.635   1.00 35.85 ? 26  ILE A CG1 1 
ATOM   146  C  CG2 . ILE A 1 32  ? -0.605  7.247   7.744   1.00 35.45 ? 26  ILE A CG2 1 
ATOM   147  C  CD1 . ILE A 1 32  ? 1.816   7.771   6.124   1.00 35.65 ? 26  ILE A CD1 1 
ATOM   148  N  N   . GLU A 1 33  ? -2.252  10.041  8.691   1.00 36.54 ? 27  GLU A N   1 
ATOM   149  C  CA  . GLU A 1 33  ? -3.521  9.940   9.407   1.00 38.09 ? 27  GLU A CA  1 
ATOM   150  C  C   . GLU A 1 33  ? -4.386  8.906   8.703   1.00 36.75 ? 27  GLU A C   1 
ATOM   151  O  O   . GLU A 1 33  ? -4.668  9.030   7.512   1.00 36.64 ? 27  GLU A O   1 
ATOM   152  C  CB  . GLU A 1 33  ? -4.238  11.290  9.480   1.00 40.77 ? 27  GLU A CB  1 
ATOM   153  C  CG  . GLU A 1 33  ? -3.461  12.380  10.206  1.00 44.10 ? 27  GLU A CG  1 
ATOM   154  C  CD  . GLU A 1 33  ? -4.197  13.708  10.230  1.00 46.56 ? 27  GLU A CD  1 
ATOM   155  O  OE1 . GLU A 1 33  ? -4.507  14.246  9.143   1.00 47.71 ? 27  GLU A OE1 1 
ATOM   156  O  OE2 . GLU A 1 33  ? -4.460  14.218  11.341  1.00 48.69 ? 27  GLU A OE2 1 
ATOM   157  N  N   . LEU A 1 34  ? -4.796  7.885   9.447   1.00 36.40 ? 28  LEU A N   1 
ATOM   158  C  CA  . LEU A 1 34  ? -5.510  6.750   8.875   1.00 36.59 ? 28  LEU A CA  1 
ATOM   159  C  C   . LEU A 1 34  ? -6.810  6.475   9.623   1.00 36.26 ? 28  LEU A C   1 
ATOM   160  O  O   . LEU A 1 34  ? -6.834  6.443   10.855  1.00 36.19 ? 28  LEU A O   1 
ATOM   161  C  CB  . LEU A 1 34  ? -4.625  5.497   8.934   1.00 36.22 ? 28  LEU A CB  1 
ATOM   162  C  CG  . LEU A 1 34  ? -4.669  4.378   7.883   1.00 36.91 ? 28  LEU A CG  1 
ATOM   163  C  CD1 . LEU A 1 34  ? -4.105  3.105   8.495   1.00 35.54 ? 28  LEU A CD1 1 
ATOM   164  C  CD2 . LEU A 1 34  ? -6.046  4.104   7.293   1.00 35.91 ? 28  LEU A CD2 1 
ATOM   165  N  N   . ASP A 1 35  ? -7.882  6.279   8.861   1.00 35.84 ? 29  ASP A N   1 
ATOM   166  C  CA  . ASP A 1 35  ? -9.147  5.778   9.389   1.00 36.16 ? 29  ASP A CA  1 
ATOM   167  C  C   . ASP A 1 35  ? -9.549  4.562   8.560   1.00 35.85 ? 29  ASP A C   1 
ATOM   168  O  O   . ASP A 1 35  ? -9.795  4.674   7.359   1.00 35.40 ? 29  ASP A O   1 
ATOM   169  C  CB  . ASP A 1 35  ? -10.232 6.858   9.316   1.00 36.55 ? 29  ASP A CB  1 
ATOM   170  C  CG  . ASP A 1 35  ? -11.481 6.507   10.127  1.00 37.81 ? 29  ASP A CG  1 
ATOM   171  O  OD1 . ASP A 1 35  ? -11.753 5.311   10.385  1.00 38.03 ? 29  ASP A OD1 1 
ATOM   172  O  OD2 . ASP A 1 35  ? -12.204 7.448   10.507  1.00 38.50 ? 29  ASP A OD2 1 
ATOM   173  N  N   . LEU A 1 36  ? -9.603  3.404   9.209   1.00 35.30 ? 30  LEU A N   1 
ATOM   174  C  CA  . LEU A 1 36  ? -9.987  2.160   8.545   1.00 36.25 ? 30  LEU A CA  1 
ATOM   175  C  C   . LEU A 1 36  ? -11.428 2.191   8.051   1.00 37.02 ? 30  LEU A C   1 
ATOM   176  O  O   . LEU A 1 36  ? -11.746 1.612   7.012   1.00 37.66 ? 30  LEU A O   1 
ATOM   177  C  CB  . LEU A 1 36  ? -9.791  0.978   9.491   1.00 36.27 ? 30  LEU A CB  1 
ATOM   178  C  CG  . LEU A 1 36  ? -8.478  0.193   9.507   1.00 36.70 ? 30  LEU A CG  1 
ATOM   179  C  CD1 . LEU A 1 36  ? -7.250  1.018   9.143   1.00 36.56 ? 30  LEU A CD1 1 
ATOM   180  C  CD2 . LEU A 1 36  ? -8.322  -0.456  10.871  1.00 36.68 ? 30  LEU A CD2 1 
ATOM   181  N  N   . ASP A 1 37  ? -12.288 2.878   8.796   1.00 37.18 ? 31  ASP A N   1 
ATOM   182  C  CA  . ASP A 1 37  ? -13.712 2.928   8.486   1.00 37.86 ? 31  ASP A CA  1 
ATOM   183  C  C   . ASP A 1 37  ? -14.083 4.229   7.783   1.00 38.52 ? 31  ASP A C   1 
ATOM   184  O  O   . ASP A 1 37  ? -14.975 4.961   8.220   1.00 39.15 ? 31  ASP A O   1 
ATOM   185  C  CB  . ASP A 1 37  ? -14.522 2.719   9.770   1.00 37.46 ? 31  ASP A CB  1 
ATOM   186  C  CG  . ASP A 1 37  ? -14.184 1.407   10.453  1.00 37.40 ? 31  ASP A CG  1 
ATOM   187  O  OD1 . ASP A 1 37  ? -14.431 0.346   9.846   1.00 37.34 ? 31  ASP A OD1 1 
ATOM   188  O  OD2 . ASP A 1 37  ? -13.656 1.434   11.585  1.00 37.91 ? 31  ASP A OD2 1 
ATOM   189  N  N   . GLY A 1 38  ? -13.391 4.504   6.681   1.00 38.74 ? 32  GLY A N   1 
ATOM   190  C  CA  . GLY A 1 38  ? -13.560 5.749   5.942   1.00 38.86 ? 32  GLY A CA  1 
ATOM   191  C  C   . GLY A 1 38  ? -14.445 5.630   4.720   1.00 39.19 ? 32  GLY A C   1 
ATOM   192  O  O   . GLY A 1 38  ? -15.145 4.630   4.536   1.00 39.18 ? 32  GLY A O   1 
ATOM   193  N  N   . THR A 1 39  ? -14.414 6.666   3.884   1.00 39.13 ? 33  THR A N   1 
ATOM   194  C  CA  . THR A 1 39  ? -15.222 6.717   2.667   1.00 40.14 ? 33  THR A CA  1 
ATOM   195  C  C   . THR A 1 39  ? -14.363 7.036   1.438   1.00 40.24 ? 33  THR A C   1 
ATOM   196  O  O   . THR A 1 39  ? -14.873 7.491   0.412   1.00 40.40 ? 33  THR A O   1 
ATOM   197  C  CB  . THR A 1 39  ? -16.366 7.750   2.787   1.00 40.66 ? 33  THR A CB  1 
ATOM   198  O  OG1 . THR A 1 39  ? -15.825 9.027   3.141   1.00 42.11 ? 33  THR A OG1 1 
ATOM   199  C  CG2 . THR A 1 39  ? -17.383 7.322   3.847   1.00 41.02 ? 33  THR A CG2 1 
ATOM   200  N  N   . GLY A 1 40  ? -13.060 6.788   1.547   1.00 39.60 ? 34  GLY A N   1 
ATOM   201  C  CA  . GLY A 1 40  ? -12.134 7.058   0.452   1.00 39.22 ? 34  GLY A CA  1 
ATOM   202  C  C   . GLY A 1 40  ? -11.687 8.506   0.365   1.00 39.58 ? 34  GLY A C   1 
ATOM   203  O  O   . GLY A 1 40  ? -11.296 8.970   -0.705  1.00 40.33 ? 34  GLY A O   1 
ATOM   204  N  N   . GLN A 1 41  ? -11.746 9.226   1.486   1.00 40.02 ? 35  GLN A N   1 
ATOM   205  C  CA  . GLN A 1 41  ? -11.231 10.595  1.544   1.00 39.32 ? 35  GLN A CA  1 
ATOM   206  C  C   . GLN A 1 41  ? -9.716  10.524  1.671   1.00 37.57 ? 35  GLN A C   1 
ATOM   207  O  O   . GLN A 1 41  ? -9.179  10.247  2.748   1.00 36.72 ? 35  GLN A O   1 
ATOM   208  C  CB  . GLN A 1 41  ? -11.848 11.388  2.705   1.00 41.22 ? 35  GLN A CB  1 
ATOM   209  C  CG  . GLN A 1 41  ? -13.373 11.361  2.775   1.00 43.10 ? 35  GLN A CG  1 
ATOM   210  C  CD  . GLN A 1 41  ? -14.047 11.627  1.439   1.00 44.93 ? 35  GLN A CD  1 
ATOM   211  O  OE1 . GLN A 1 41  ? -13.721 12.587  0.738   1.00 45.80 ? 35  GLN A OE1 1 
ATOM   212  N  NE2 . GLN A 1 41  ? -15.002 10.774  1.083   1.00 46.33 ? 35  GLN A NE2 1 
ATOM   213  N  N   . VAL A 1 42  ? -9.035  10.750  0.552   1.00 36.50 ? 36  VAL A N   1 
ATOM   214  C  CA  . VAL A 1 42  ? -7.602  10.500  0.459   1.00 35.55 ? 36  VAL A CA  1 
ATOM   215  C  C   . VAL A 1 42  ? -6.846  11.699  -0.104  1.00 34.87 ? 36  VAL A C   1 
ATOM   216  O  O   . VAL A 1 42  ? -7.241  12.278  -1.116  1.00 35.35 ? 36  VAL A O   1 
ATOM   217  C  CB  . VAL A 1 42  ? -7.296  9.246   -0.397  1.00 35.63 ? 36  VAL A CB  1 
ATOM   218  C  CG1 . VAL A 1 42  ? -5.802  8.948   -0.411  1.00 35.07 ? 36  VAL A CG1 1 
ATOM   219  C  CG2 . VAL A 1 42  ? -8.060  8.035   0.121   1.00 35.74 ? 36  VAL A CG2 1 
ATOM   220  N  N   . ALA A 1 43  ? -5.758  12.055  0.570   1.00 34.04 ? 37  ALA A N   1 
ATOM   221  C  CA  . ALA A 1 43  ? -4.834  13.076  0.095   1.00 33.88 ? 37  ALA A CA  1 
ATOM   222  C  C   . ALA A 1 43  ? -3.411  12.604  0.375   1.00 32.83 ? 37  ALA A C   1 
ATOM   223  O  O   . ALA A 1 43  ? -3.016  12.451  1.530   1.00 33.28 ? 37  ALA A O   1 
ATOM   224  C  CB  . ALA A 1 43  ? -5.113  14.412  0.778   1.00 33.65 ? 37  ALA A CB  1 
ATOM   225  N  N   . VAL A 1 44  ? -2.652  12.351  -0.687  1.00 32.34 ? 38  VAL A N   1 
ATOM   226  C  CA  . VAL A 1 44  ? -1.286  11.841  -0.559  1.00 31.87 ? 38  VAL A CA  1 
ATOM   227  C  C   . VAL A 1 44  ? -0.306  12.783  -1.256  1.00 32.03 ? 38  VAL A C   1 
ATOM   228  O  O   . VAL A 1 44  ? -0.498  13.141  -2.419  1.00 31.81 ? 38  VAL A O   1 
ATOM   229  C  CB  . VAL A 1 44  ? -1.155  10.394  -1.108  1.00 31.64 ? 38  VAL A CB  1 
ATOM   230  C  CG1 . VAL A 1 44  ? 0.285   9.904   -1.031  1.00 31.02 ? 38  VAL A CG1 1 
ATOM   231  C  CG2 . VAL A 1 44  ? -2.066  9.444   -0.341  1.00 31.21 ? 38  VAL A CG2 1 
ATOM   232  N  N   . ASP A 1 45  ? 0.734   13.182  -0.527  1.00 32.65 ? 39  ASP A N   1 
ATOM   233  C  CA  . ASP A 1 45  ? 1.766   14.080  -1.043  1.00 33.55 ? 39  ASP A CA  1 
ATOM   234  C  C   . ASP A 1 45  ? 3.121   13.672  -0.464  1.00 32.62 ? 39  ASP A C   1 
ATOM   235  O  O   . ASP A 1 45  ? 3.439   13.995  0.682   1.00 32.54 ? 39  ASP A O   1 
ATOM   236  C  CB  . ASP A 1 45  ? 1.417   15.538  -0.694  1.00 36.13 ? 39  ASP A CB  1 
ATOM   237  C  CG  . ASP A 1 45  ? 2.390   16.554  -1.291  1.00 38.87 ? 39  ASP A CG  1 
ATOM   238  O  OD1 . ASP A 1 45  ? 3.187   16.206  -2.189  1.00 40.18 ? 39  ASP A OD1 1 
ATOM   239  O  OD2 . ASP A 1 45  ? 2.352   17.725  -0.854  1.00 40.55 ? 39  ASP A OD2 1 
ATOM   240  N  N   . THR A 1 46  ? 3.904   12.951  -1.263  1.00 31.86 ? 40  THR A N   1 
ATOM   241  C  CA  . THR A 1 46  ? 5.203   12.423  -0.835  1.00 30.85 ? 40  THR A CA  1 
ATOM   242  C  C   . THR A 1 46  ? 6.384   13.031  -1.595  1.00 30.84 ? 40  THR A C   1 
ATOM   243  O  O   . THR A 1 46  ? 7.539   12.777  -1.250  1.00 31.17 ? 40  THR A O   1 
ATOM   244  C  CB  . THR A 1 46  ? 5.285   10.892  -1.020  1.00 30.83 ? 40  THR A CB  1 
ATOM   245  O  OG1 . THR A 1 46  ? 5.159   10.576  -2.415  1.00 29.87 ? 40  THR A OG1 1 
ATOM   246  C  CG2 . THR A 1 46  ? 4.192   10.176  -0.223  1.00 29.95 ? 40  THR A CG2 1 
ATOM   247  N  N   . GLY A 1 47  ? 6.097   13.815  -2.631  1.00 30.38 ? 41  GLY A N   1 
ATOM   248  C  CA  . GLY A 1 47  ? 7.136   14.339  -3.516  1.00 30.34 ? 41  GLY A CA  1 
ATOM   249  C  C   . GLY A 1 47  ? 7.454   13.386  -4.659  1.00 30.17 ? 41  GLY A C   1 
ATOM   250  O  O   . GLY A 1 47  ? 8.275   13.698  -5.523  1.00 30.63 ? 41  GLY A O   1 
ATOM   251  N  N   . VAL A 1 48  ? 6.809   12.219  -4.651  1.00 29.46 ? 42  VAL A N   1 
ATOM   252  C  CA  . VAL A 1 48  ? 6.954   11.210  -5.704  1.00 29.27 ? 42  VAL A CA  1 
ATOM   253  C  C   . VAL A 1 48  ? 5.567   10.943  -6.299  1.00 28.79 ? 42  VAL A C   1 
ATOM   254  O  O   . VAL A 1 48  ? 4.836   10.082  -5.809  1.00 28.29 ? 42  VAL A O   1 
ATOM   255  C  CB  . VAL A 1 48  ? 7.566   9.896   -5.157  1.00 29.16 ? 42  VAL A CB  1 
ATOM   256  C  CG1 . VAL A 1 48  ? 7.998   8.989   -6.302  1.00 28.46 ? 42  VAL A CG1 1 
ATOM   257  C  CG2 . VAL A 1 48  ? 8.744   10.189  -4.234  1.00 28.75 ? 42  VAL A CG2 1 
ATOM   258  N  N   . PRO A 1 49  ? 5.193   11.697  -7.351  1.00 29.00 ? 43  PRO A N   1 
ATOM   259  C  CA  . PRO A 1 49  ? 3.809   11.711  -7.842  1.00 29.02 ? 43  PRO A CA  1 
ATOM   260  C  C   . PRO A 1 49  ? 3.220   10.359  -8.266  1.00 28.67 ? 43  PRO A C   1 
ATOM   261  O  O   . PRO A 1 49  ? 2.034   10.131  -8.029  1.00 29.78 ? 43  PRO A O   1 
ATOM   262  C  CB  . PRO A 1 49  ? 3.862   12.687  -9.019  1.00 28.88 ? 43  PRO A CB  1 
ATOM   263  C  CG  . PRO A 1 49  ? 4.991   13.596  -8.678  1.00 29.28 ? 43  PRO A CG  1 
ATOM   264  C  CD  . PRO A 1 49  ? 6.020   12.695  -8.056  1.00 29.23 ? 43  PRO A CD  1 
ATOM   265  N  N   . PHE A 1 50  ? 4.007   9.469   -8.870  1.00 28.26 ? 44  PHE A N   1 
ATOM   266  C  CA  . PHE A 1 50  ? 3.466   8.138   -9.183  1.00 28.05 ? 44  PHE A CA  1 
ATOM   267  C  C   . PHE A 1 50  ? 3.181   7.347   -7.907  1.00 28.18 ? 44  PHE A C   1 
ATOM   268  O  O   . PHE A 1 50  ? 2.185   6.633   -7.826  1.00 28.67 ? 44  PHE A O   1 
ATOM   269  C  CB  . PHE A 1 50  ? 4.347   7.325   -10.145 1.00 27.47 ? 44  PHE A CB  1 
ATOM   270  C  CG  . PHE A 1 50  ? 3.742   5.996   -10.532 1.00 27.25 ? 44  PHE A CG  1 
ATOM   271  C  CD1 . PHE A 1 50  ? 2.772   5.920   -11.527 1.00 27.04 ? 44  PHE A CD1 1 
ATOM   272  C  CD2 . PHE A 1 50  ? 4.117   4.825   -9.879  1.00 27.21 ? 44  PHE A CD2 1 
ATOM   273  C  CE1 . PHE A 1 50  ? 2.199   4.701   -11.871 1.00 27.55 ? 44  PHE A CE1 1 
ATOM   274  C  CE2 . PHE A 1 50  ? 3.550   3.603   -10.223 1.00 27.26 ? 44  PHE A CE2 1 
ATOM   275  C  CZ  . PHE A 1 50  ? 2.587   3.542   -11.217 1.00 26.96 ? 44  PHE A CZ  1 
ATOM   276  N  N   . TYR A 1 51  ? 4.056   7.485   -6.912  1.00 28.09 ? 45  TYR A N   1 
ATOM   277  C  CA  . TYR A 1 51  ? 3.827   6.880   -5.600  1.00 28.05 ? 45  TYR A CA  1 
ATOM   278  C  C   . TYR A 1 51  ? 2.585   7.474   -4.934  1.00 28.23 ? 45  TYR A C   1 
ATOM   279  O  O   . TYR A 1 51  ? 1.808   6.746   -4.314  1.00 27.90 ? 45  TYR A O   1 
ATOM   280  C  CB  . TYR A 1 51  ? 5.059   7.048   -4.708  1.00 27.90 ? 45  TYR A CB  1 
ATOM   281  C  CG  . TYR A 1 51  ? 5.045   6.259   -3.411  1.00 28.11 ? 45  TYR A CG  1 
ATOM   282  C  CD1 . TYR A 1 51  ? 4.740   4.894   -3.394  1.00 27.97 ? 45  TYR A CD1 1 
ATOM   283  C  CD2 . TYR A 1 51  ? 5.386   6.870   -2.205  1.00 28.16 ? 45  TYR A CD2 1 
ATOM   284  C  CE1 . TYR A 1 51  ? 4.752   4.170   -2.209  1.00 27.68 ? 45  TYR A CE1 1 
ATOM   285  C  CE2 . TYR A 1 51  ? 5.405   6.156   -1.017  1.00 28.36 ? 45  TYR A CE2 1 
ATOM   286  C  CZ  . TYR A 1 51  ? 5.088   4.808   -1.022  1.00 28.24 ? 45  TYR A CZ  1 
ATOM   287  O  OH  . TYR A 1 51  ? 5.108   4.104   0.162   1.00 27.43 ? 45  TYR A OH  1 
ATOM   288  N  N   . ASP A 1 52  ? 2.396   8.787   -5.080  1.00 28.58 ? 46  ASP A N   1 
ATOM   289  C  CA  . ASP A 1 52  ? 1.179   9.453   -4.605  1.00 29.00 ? 46  ASP A CA  1 
ATOM   290  C  C   . ASP A 1 52  ? -0.050  8.812   -5.230  1.00 28.64 ? 46  ASP A C   1 
ATOM   291  O  O   . ASP A 1 52  ? -1.034  8.534   -4.544  1.00 28.45 ? 46  ASP A O   1 
ATOM   292  C  CB  . ASP A 1 52  ? 1.179   10.942  -4.960  1.00 29.62 ? 46  ASP A CB  1 
ATOM   293  C  CG  . ASP A 1 52  ? 2.233   11.730  -4.218  1.00 30.42 ? 46  ASP A CG  1 
ATOM   294  O  OD1 . ASP A 1 52  ? 2.755   11.256  -3.189  1.00 30.78 ? 46  ASP A OD1 1 
ATOM   295  O  OD2 . ASP A 1 52  ? 2.530   12.849  -4.676  1.00 31.93 ? 46  ASP A OD2 1 
ATOM   296  N  N   . HIS A 1 53  ? 0.028   8.591   -6.538  1.00 28.61 ? 47  HIS A N   1 
ATOM   297  C  CA  . HIS A 1 53  ? -1.028  7.951   -7.314  1.00 29.41 ? 47  HIS A CA  1 
ATOM   298  C  C   . HIS A 1 53  ? -1.330  6.561   -6.815  1.00 28.97 ? 47  HIS A C   1 
ATOM   299  O  O   . HIS A 1 53  ? -2.497  6.176   -6.708  1.00 28.63 ? 47  HIS A O   1 
ATOM   300  C  CB  . HIS A 1 53  ? -0.640  7.948   -8.794  1.00 30.41 ? 47  HIS A CB  1 
ATOM   301  C  CG  . HIS A 1 53  ? -1.670  7.327   -9.708  1.00 32.15 ? 47  HIS A CG  1 
ATOM   302  N  ND1 . HIS A 1 53  ? -2.994  7.429   -9.489  1.00 32.88 ? 47  HIS A ND1 1 
ATOM   303  C  CD2 . HIS A 1 53  ? -1.522  6.609   -10.894 1.00 32.50 ? 47  HIS A CD2 1 
ATOM   304  C  CE1 . HIS A 1 53  ? -3.660  6.788   -10.469 1.00 33.73 ? 47  HIS A CE1 1 
ATOM   305  N  NE2 . HIS A 1 53  ? -2.758  6.283   -11.325 1.00 33.39 ? 47  HIS A NE2 1 
ATOM   306  N  N   . MET A 1 54  ? -0.284  5.803   -6.487  1.00 28.08 ? 48  MET A N   1 
ATOM   307  C  CA  . MET A 1 54  ? -0.441  4.437   -5.989  1.00 27.89 ? 48  MET A CA  1 
ATOM   308  C  C   . MET A 1 54  ? -1.061  4.374   -4.593  1.00 27.82 ? 48  MET A C   1 
ATOM   309  O  O   . MET A 1 54  ? -1.948  3.553   -4.340  1.00 27.85 ? 48  MET A O   1 
ATOM   310  C  CB  . MET A 1 54  ? 0.898   3.683   -6.020  1.00 27.73 ? 48  MET A CB  1 
ATOM   311  C  CG  . MET A 1 54  ? 1.450   3.399   -7.413  1.00 28.11 ? 48  MET A CG  1 
ATOM   312  S  SD  . MET A 1 54  ? 0.331   2.493   -8.511  1.00 28.53 ? 48  MET A SD  1 
ATOM   313  C  CE  . MET A 1 54  ? -0.503  3.837   -9.349  1.00 27.91 ? 48  MET A CE  1 
ATOM   314  N  N   . LEU A 1 55  ? -0.594  5.235   -3.690  1.00 27.44 ? 49  LEU A N   1 
ATOM   315  C  CA  . LEU A 1 55  ? -1.133  5.270   -2.329  1.00 28.00 ? 49  LEU A CA  1 
ATOM   316  C  C   . LEU A 1 55  ? -2.531  5.882   -2.275  1.00 27.80 ? 49  LEU A C   1 
ATOM   317  O  O   . LEU A 1 55  ? -3.323  5.547   -1.393  1.00 28.26 ? 49  LEU A O   1 
ATOM   318  C  CB  . LEU A 1 55  ? -0.187  5.992   -1.366  1.00 27.90 ? 49  LEU A CB  1 
ATOM   319  C  CG  . LEU A 1 55  ? 1.210   5.408   -1.125  1.00 28.69 ? 49  LEU A CG  1 
ATOM   320  C  CD1 . LEU A 1 55  ? 1.916   6.222   -0.053  1.00 28.40 ? 49  LEU A CD1 1 
ATOM   321  C  CD2 . LEU A 1 55  ? 1.160   3.938   -0.729  1.00 28.55 ? 49  LEU A CD2 1 
ATOM   322  N  N   . THR A 1 56  ? -2.827  6.776   -3.215  1.00 28.50 ? 50  THR A N   1 
ATOM   323  C  CA  . THR A 1 56  ? -4.175  7.332   -3.364  1.00 29.09 ? 50  THR A CA  1 
ATOM   324  C  C   . THR A 1 56  ? -5.140  6.238   -3.810  1.00 29.66 ? 50  THR A C   1 
ATOM   325  O  O   . THR A 1 56  ? -6.236  6.114   -3.258  1.00 29.92 ? 50  THR A O   1 
ATOM   326  C  CB  . THR A 1 56  ? -4.200  8.520   -4.349  1.00 28.98 ? 50  THR A CB  1 
ATOM   327  O  OG1 . THR A 1 56  ? -3.373  9.568   -3.831  1.00 29.30 ? 50  THR A OG1 1 
ATOM   328  C  CG2 . THR A 1 56  ? -5.624  9.058   -4.552  1.00 28.69 ? 50  THR A CG2 1 
ATOM   329  N  N   . ALA A 1 57  ? -4.718  5.443   -4.796  1.00 29.46 ? 51  ALA A N   1 
ATOM   330  C  CA  . ALA A 1 57  ? -5.464  4.259   -5.225  1.00 30.36 ? 51  ALA A CA  1 
ATOM   331  C  C   . ALA A 1 57  ? -5.646  3.263   -4.076  1.00 30.42 ? 51  ALA A C   1 
ATOM   332  O  O   . ALA A 1 57  ? -6.739  2.717   -3.895  1.00 31.08 ? 51  ALA A O   1 
ATOM   333  C  CB  . ALA A 1 57  ? -4.779  3.595   -6.413  1.00 30.19 ? 51  ALA A CB  1 
ATOM   334  N  N   . LEU A 1 58  ? -4.576  3.045   -3.307  1.00 30.48 ? 52  LEU A N   1 
ATOM   335  C  CA  A LEU A 1 58  ? -4.617  2.144   -2.155  0.50 30.47 ? 52  LEU A CA  1 
ATOM   336  C  CA  B LEU A 1 58  ? -4.604  2.151   -2.149  0.50 30.44 ? 52  LEU A CA  1 
ATOM   337  C  C   . LEU A 1 58  ? -5.641  2.617   -1.123  1.00 30.82 ? 52  LEU A C   1 
ATOM   338  O  O   . LEU A 1 58  ? -6.494  1.840   -0.689  1.00 30.88 ? 52  LEU A O   1 
ATOM   339  C  CB  A LEU A 1 58  ? -3.224  1.992   -1.523  0.50 30.25 ? 52  LEU A CB  1 
ATOM   340  C  CB  B LEU A 1 58  ? -3.207  2.060   -1.516  0.50 30.14 ? 52  LEU A CB  1 
ATOM   341  C  CG  A LEU A 1 58  ? -3.040  0.928   -0.430  0.50 30.59 ? 52  LEU A CG  1 
ATOM   342  C  CG  B LEU A 1 58  ? -2.964  1.128   -0.321  0.50 30.44 ? 52  LEU A CG  1 
ATOM   343  C  CD1 A LEU A 1 58  ? -1.603  0.429   -0.384  0.50 30.52 ? 52  LEU A CD1 1 
ATOM   344  C  CD1 B LEU A 1 58  ? -3.064  -0.335  -0.724  0.50 29.99 ? 52  LEU A CD1 1 
ATOM   345  C  CD2 A LEU A 1 58  ? -3.473  1.443   0.938   0.50 30.32 ? 52  LEU A CD2 1 
ATOM   346  C  CD2 B LEU A 1 58  ? -1.605  1.406   0.305   0.50 30.35 ? 52  LEU A CD2 1 
ATOM   347  N  N   . GLY A 1 59  ? -5.565  3.892   -0.743  1.00 30.82 ? 53  GLY A N   1 
ATOM   348  C  CA  . GLY A 1 59  ? -6.490  4.464   0.234   1.00 31.54 ? 53  GLY A CA  1 
ATOM   349  C  C   . GLY A 1 59  ? -7.942  4.425   -0.205  1.00 31.49 ? 53  GLY A C   1 
ATOM   350  O  O   . GLY A 1 59  ? -8.813  4.008   0.566   1.00 31.89 ? 53  GLY A O   1 
ATOM   351  N  N   . SER A 1 60  ? -8.190  4.843   -1.449  1.00 31.74 ? 54  SER A N   1 
ATOM   352  C  CA  A SER A 1 60  ? -9.540  4.920   -2.011  0.50 31.86 ? 54  SER A CA  1 
ATOM   353  C  CA  B SER A 1 60  ? -9.545  4.919   -1.994  0.50 31.97 ? 54  SER A CA  1 
ATOM   354  C  C   . SER A 1 60  ? -10.192 3.541   -2.149  1.00 32.04 ? 54  SER A C   1 
ATOM   355  O  O   . SER A 1 60  ? -11.317 3.327   -1.692  1.00 32.94 ? 54  SER A O   1 
ATOM   356  C  CB  A SER A 1 60  ? -9.512  5.647   -3.362  0.50 31.64 ? 54  SER A CB  1 
ATOM   357  C  CB  B SER A 1 60  ? -9.556  5.678   -3.327  0.50 31.91 ? 54  SER A CB  1 
ATOM   358  O  OG  A SER A 1 60  ? -10.796 5.694   -3.957  0.50 31.56 ? 54  SER A OG  1 
ATOM   359  O  OG  B SER A 1 60  ? -8.814  4.986   -4.314  0.50 32.22 ? 54  SER A OG  1 
ATOM   360  N  N   . HIS A 1 61  ? -9.479  2.606   -2.776  1.00 31.39 ? 55  HIS A N   1 
ATOM   361  C  CA  . HIS A 1 61  ? -10.000 1.253   -2.995  1.00 31.24 ? 55  HIS A CA  1 
ATOM   362  C  C   . HIS A 1 61  ? -10.106 0.414   -1.745  1.00 31.55 ? 55  HIS A C   1 
ATOM   363  O  O   . HIS A 1 61  ? -10.841 -0.575  -1.719  1.00 31.15 ? 55  HIS A O   1 
ATOM   364  C  CB  . HIS A 1 61  ? -9.212  0.539   -4.088  1.00 31.73 ? 55  HIS A CB  1 
ATOM   365  C  CG  . HIS A 1 61  ? -9.498  1.065   -5.473  1.00 32.02 ? 55  HIS A CG  1 
ATOM   366  N  ND1 . HIS A 1 61  ? -10.388 0.485   -6.296  1.00 32.54 ? 55  HIS A ND1 1 
ATOM   367  C  CD2 . HIS A 1 61  ? -8.991  2.169   -6.156  1.00 32.41 ? 55  HIS A CD2 1 
ATOM   368  C  CE1 . HIS A 1 61  ? -10.445 1.174   -7.451  1.00 32.64 ? 55  HIS A CE1 1 
ATOM   369  N  NE2 . HIS A 1 61  ? -9.589  2.205   -7.363  1.00 32.58 ? 55  HIS A NE2 1 
ATOM   370  N  N   . ALA A 1 62  ? -9.379  0.803   -0.699  1.00 31.05 ? 56  ALA A N   1 
ATOM   371  C  CA  . ALA A 1 62  ? -9.518  0.170   0.611   1.00 32.20 ? 56  ALA A CA  1 
ATOM   372  C  C   . ALA A 1 62  ? -10.666 0.791   1.401   1.00 33.28 ? 56  ALA A C   1 
ATOM   373  O  O   . ALA A 1 62  ? -11.040 0.290   2.462   1.00 33.10 ? 56  ALA A O   1 
ATOM   374  C  CB  . ALA A 1 62  ? -8.222  0.266   1.400   1.00 31.41 ? 56  ALA A CB  1 
ATOM   375  N  N   . SER A 1 63  ? -11.216 1.880   0.866   1.00 34.69 ? 57  SER A N   1 
ATOM   376  C  CA  . SER A 1 63  ? -12.254 2.672   1.527   1.00 35.74 ? 57  SER A CA  1 
ATOM   377  C  C   . SER A 1 63  ? -11.774 3.216   2.876   1.00 36.22 ? 57  SER A C   1 
ATOM   378  O  O   . SER A 1 63  ? -12.558 3.355   3.820   1.00 36.29 ? 57  SER A O   1 
ATOM   379  C  CB  . SER A 1 63  ? -13.562 1.875   1.660   1.00 36.81 ? 57  SER A CB  1 
ATOM   380  O  OG  . SER A 1 63  ? -14.612 2.694   2.141   1.00 40.10 ? 57  SER A OG  1 
ATOM   381  N  N   . PHE A 1 64  ? -10.474 3.506   2.956   1.00 35.00 ? 58  PHE A N   1 
ATOM   382  C  CA  . PHE A 1 64  ? -9.893  4.191   4.106   1.00 34.73 ? 58  PHE A CA  1 
ATOM   383  C  C   . PHE A 1 64  ? -10.102 5.692   3.951   1.00 34.53 ? 58  PHE A C   1 
ATOM   384  O  O   . PHE A 1 64  ? -10.372 6.176   2.856   1.00 34.27 ? 58  PHE A O   1 
ATOM   385  C  CB  . PHE A 1 64  ? -8.377  3.940   4.206   1.00 34.43 ? 58  PHE A CB  1 
ATOM   386  C  CG  . PHE A 1 64  ? -7.987  2.510   4.485   1.00 34.63 ? 58  PHE A CG  1 
ATOM   387  C  CD1 . PHE A 1 64  ? -8.872  1.612   5.083   1.00 34.32 ? 58  PHE A CD1 1 
ATOM   388  C  CD2 . PHE A 1 64  ? -6.700  2.073   4.183   1.00 34.07 ? 58  PHE A CD2 1 
ATOM   389  C  CE1 . PHE A 1 64  ? -8.489  0.302   5.341   1.00 34.17 ? 58  PHE A CE1 1 
ATOM   390  C  CE2 . PHE A 1 64  ? -6.311  0.765   4.444   1.00 34.49 ? 58  PHE A CE2 1 
ATOM   391  C  CZ  . PHE A 1 64  ? -7.207  -0.121  5.024   1.00 33.93 ? 58  PHE A CZ  1 
ATOM   392  N  N   . ASP A 1 65  ? -9.980  6.423   5.055   1.00 35.10 ? 59  ASP A N   1 
ATOM   393  C  CA  . ASP A 1 65  ? -9.681  7.847   4.989   1.00 35.58 ? 59  ASP A CA  1 
ATOM   394  C  C   . ASP A 1 65  ? -8.198  7.960   5.298   1.00 35.53 ? 59  ASP A C   1 
ATOM   395  O  O   . ASP A 1 65  ? -7.734  7.487   6.341   1.00 35.42 ? 59  ASP A O   1 
ATOM   396  C  CB  . ASP A 1 65  ? -10.504 8.654   5.995   1.00 36.38 ? 59  ASP A CB  1 
ATOM   397  C  CG  . ASP A 1 65  ? -11.961 8.784   5.596   1.00 37.50 ? 59  ASP A CG  1 
ATOM   398  O  OD1 . ASP A 1 65  ? -12.302 8.528   4.418   1.00 37.49 ? 59  ASP A OD1 1 
ATOM   399  O  OD2 . ASP A 1 65  ? -12.773 9.146   6.474   1.00 38.61 ? 59  ASP A OD2 1 
ATOM   400  N  N   . LEU A 1 66  ? -7.453  8.567   4.383   1.00 35.30 ? 60  LEU A N   1 
ATOM   401  C  CA  . LEU A 1 66  ? -6.004  8.572   4.492   1.00 34.31 ? 60  LEU A CA  1 
ATOM   402  C  C   . LEU A 1 66  ? -5.375  9.877   4.045   1.00 33.90 ? 60  LEU A C   1 
ATOM   403  O  O   . LEU A 1 66  ? -5.612  10.345  2.929   1.00 33.34 ? 60  LEU A O   1 
ATOM   404  C  CB  . LEU A 1 66  ? -5.402  7.403   3.699   1.00 33.73 ? 60  LEU A CB  1 
ATOM   405  C  CG  . LEU A 1 66  ? -3.873  7.301   3.605   1.00 34.17 ? 60  LEU A CG  1 
ATOM   406  C  CD1 . LEU A 1 66  ? -3.252  6.924   4.946   1.00 32.74 ? 60  LEU A CD1 1 
ATOM   407  C  CD2 . LEU A 1 66  ? -3.473  6.306   2.525   1.00 33.62 ? 60  LEU A CD2 1 
ATOM   408  N  N   . THR A 1 67  ? -4.587  10.461  4.943   1.00 33.77 ? 61  THR A N   1 
ATOM   409  C  CA  A THR A 1 67  ? -3.757  11.612  4.617   0.80 34.04 ? 61  THR A CA  1 
ATOM   410  C  CA  B THR A 1 67  ? -3.750  11.600  4.595   0.20 33.73 ? 61  THR A CA  1 
ATOM   411  C  C   . THR A 1 67  ? -2.290  11.224  4.797   1.00 33.66 ? 61  THR A C   1 
ATOM   412  O  O   . THR A 1 67  ? -1.908  10.685  5.839   1.00 33.88 ? 61  THR A O   1 
ATOM   413  C  CB  A THR A 1 67  ? -4.114  12.841  5.483   0.80 34.10 ? 61  THR A CB  1 
ATOM   414  C  CB  B THR A 1 67  ? -4.098  12.876  5.394   0.20 33.62 ? 61  THR A CB  1 
ATOM   415  O  OG1 A THR A 1 67  ? -5.509  13.135  5.341   0.80 34.70 ? 61  THR A OG1 1 
ATOM   416  O  OG1 B THR A 1 67  ? -4.013  12.609  6.797   0.20 33.45 ? 61  THR A OG1 1 
ATOM   417  C  CG2 A THR A 1 67  ? -3.308  14.067  5.057   0.80 34.47 ? 61  THR A CG2 1 
ATOM   418  C  CG2 B THR A 1 67  ? -5.502  13.369  5.050   0.20 33.66 ? 61  THR A CG2 1 
ATOM   419  N  N   . VAL A 1 68  ? -1.488  11.486  3.774   1.00 33.76 ? 62  VAL A N   1 
ATOM   420  C  CA  . VAL A 1 68  ? -0.066  11.188  3.803   1.00 34.12 ? 62  VAL A CA  1 
ATOM   421  C  C   . VAL A 1 68  ? 0.685   12.455  3.421   1.00 34.43 ? 62  VAL A C   1 
ATOM   422  O  O   . VAL A 1 68  ? 0.483   13.000  2.337   1.00 34.52 ? 62  VAL A O   1 
ATOM   423  C  CB  . VAL A 1 68  ? 0.308   10.039  2.834   1.00 33.39 ? 62  VAL A CB  1 
ATOM   424  C  CG1 . VAL A 1 68  ? 1.812   9.797   2.832   1.00 33.02 ? 62  VAL A CG1 1 
ATOM   425  C  CG2 . VAL A 1 68  ? -0.432  8.760   3.199   1.00 32.58 ? 62  VAL A CG2 1 
ATOM   426  N  N   . ARG A 1 69  ? 1.530   12.923  4.333   1.00 35.54 ? 63  ARG A N   1 
ATOM   427  C  CA  . ARG A 1 69  ? 2.379   14.079  4.093   1.00 36.66 ? 63  ARG A CA  1 
ATOM   428  C  C   . ARG A 1 69  ? 3.816   13.626  4.313   1.00 35.81 ? 63  ARG A C   1 
ATOM   429  O  O   . ARG A 1 69  ? 4.182   13.221  5.417   1.00 35.38 ? 63  ARG A O   1 
ATOM   430  C  CB  . ARG A 1 69  ? 1.999   15.217  5.048   1.00 39.16 ? 63  ARG A CB  1 
ATOM   431  C  CG  . ARG A 1 69  ? 2.679   16.553  4.792   1.00 41.65 ? 63  ARG A CG  1 
ATOM   432  C  CD  . ARG A 1 69  ? 2.182   17.594  5.789   1.00 44.88 ? 63  ARG A CD  1 
ATOM   433  N  NE  . ARG A 1 69  ? 2.917   18.857  5.714   1.00 47.43 ? 63  ARG A NE  1 
ATOM   434  C  CZ  . ARG A 1 69  ? 2.628   19.944  6.432   1.00 48.98 ? 63  ARG A CZ  1 
ATOM   435  N  NH1 . ARG A 1 69  ? 1.614   19.936  7.290   1.00 50.29 ? 63  ARG A NH1 1 
ATOM   436  N  NH2 . ARG A 1 69  ? 3.352   21.047  6.291   1.00 49.12 ? 63  ARG A NH2 1 
ATOM   437  N  N   . ALA A 1 70  ? 4.617   13.670  3.252   1.00 34.98 ? 64  ALA A N   1 
ATOM   438  C  CA  . ALA A 1 70  ? 5.996   13.197  3.317   1.00 34.73 ? 64  ALA A CA  1 
ATOM   439  C  C   . ALA A 1 70  ? 6.963   14.075  2.530   1.00 34.53 ? 64  ALA A C   1 
ATOM   440  O  O   . ALA A 1 70  ? 6.702   14.421  1.376   1.00 34.37 ? 64  ALA A O   1 
ATOM   441  C  CB  . ALA A 1 70  ? 6.085   11.752  2.838   1.00 34.03 ? 64  ALA A CB  1 
ATOM   442  N  N   . THR A 1 71  ? 8.065   14.440  3.184   1.00 33.94 ? 65  THR A N   1 
ATOM   443  C  CA  A THR A 1 71  ? 9.163   15.155  2.541   0.50 34.36 ? 65  THR A CA  1 
ATOM   444  C  CA  B THR A 1 71  ? 9.167   15.154  2.543   0.50 34.21 ? 65  THR A CA  1 
ATOM   445  C  C   . THR A 1 71  ? 10.466  14.421  2.844   1.00 34.42 ? 65  THR A C   1 
ATOM   446  O  O   . THR A 1 71  ? 10.807  14.201  4.007   1.00 34.66 ? 65  THR A O   1 
ATOM   447  C  CB  A THR A 1 71  ? 9.249   16.623  3.015   0.50 34.59 ? 65  THR A CB  1 
ATOM   448  C  CB  B THR A 1 71  ? 9.279   16.625  3.010   0.50 34.24 ? 65  THR A CB  1 
ATOM   449  O  OG1 A THR A 1 71  ? 7.969   17.251  2.871   0.50 34.91 ? 65  THR A OG1 1 
ATOM   450  O  OG1 B THR A 1 71  ? 9.299   16.682  4.443   0.50 33.81 ? 65  THR A OG1 1 
ATOM   451  C  CG2 A THR A 1 71  ? 10.282  17.396  2.201   0.50 34.49 ? 65  THR A CG2 1 
ATOM   452  C  CG2 B THR A 1 71  ? 8.114   17.460  2.481   0.50 34.44 ? 65  THR A CG2 1 
ATOM   453  N  N   . GLY A 1 72  ? 11.180  14.030  1.793   1.00 34.21 ? 66  GLY A N   1 
ATOM   454  C  CA  . GLY A 1 72  ? 12.405  13.260  1.956   1.00 33.95 ? 66  GLY A CA  1 
ATOM   455  C  C   . GLY A 1 72  ? 13.501  13.614  0.975   1.00 34.28 ? 66  GLY A C   1 
ATOM   456  O  O   . GLY A 1 72  ? 13.377  14.571  0.206   1.00 34.41 ? 66  GLY A O   1 
ATOM   457  N  N   . ASP A 1 73  ? 14.570  12.820  1.000   1.00 33.99 ? 67  ASP A N   1 
ATOM   458  C  CA  . ASP A 1 73  ? 15.772  13.080  0.207   1.00 34.18 ? 67  ASP A CA  1 
ATOM   459  C  C   . ASP A 1 73  ? 15.630  12.629  -1.255  1.00 33.79 ? 67  ASP A C   1 
ATOM   460  O  O   . ASP A 1 73  ? 16.429  11.831  -1.756  1.00 32.67 ? 67  ASP A O   1 
ATOM   461  C  CB  . ASP A 1 73  ? 17.009  12.448  0.878   1.00 34.45 ? 67  ASP A CB  1 
ATOM   462  C  CG  . ASP A 1 73  ? 16.841  10.951  1.162   1.00 35.25 ? 67  ASP A CG  1 
ATOM   463  O  OD1 . ASP A 1 73  ? 15.857  10.342  0.696   1.00 34.45 ? 67  ASP A OD1 1 
ATOM   464  O  OD2 . ASP A 1 73  ? 17.711  10.374  1.851   1.00 35.80 ? 67  ASP A OD2 1 
ATOM   465  N  N   . VAL A 1 74  ? 14.620  13.172  -1.936  1.00 32.84 ? 68  VAL A N   1 
ATOM   466  C  CA  . VAL A 1 74  ? 14.313  12.801  -3.323  1.00 32.12 ? 68  VAL A CA  1 
ATOM   467  C  C   . VAL A 1 74  ? 15.381  13.234  -4.332  1.00 32.79 ? 68  VAL A C   1 
ATOM   468  O  O   . VAL A 1 74  ? 15.315  12.857  -5.505  1.00 31.90 ? 68  VAL A O   1 
ATOM   469  C  CB  . VAL A 1 74  ? 12.920  13.306  -3.773  1.00 32.13 ? 68  VAL A CB  1 
ATOM   470  C  CG1 . VAL A 1 74  ? 11.819  12.597  -2.995  1.00 31.67 ? 68  VAL A CG1 1 
ATOM   471  C  CG2 . VAL A 1 74  ? 12.811  14.823  -3.636  1.00 31.67 ? 68  VAL A CG2 1 
ATOM   472  N  N   . GLU A 1 75  ? 16.357  14.020  -3.879  1.00 32.93 ? 69  GLU A N   1 
ATOM   473  C  CA  . GLU A 1 75  ? 17.520  14.356  -4.701  1.00 33.10 ? 69  GLU A CA  1 
ATOM   474  C  C   . GLU A 1 75  ? 18.378  13.117  -4.968  1.00 32.51 ? 69  GLU A C   1 
ATOM   475  O  O   . GLU A 1 75  ? 18.985  12.995  -6.031  1.00 32.09 ? 69  GLU A O   1 
ATOM   476  C  CB  . GLU A 1 75  ? 18.349  15.495  -4.076  1.00 34.62 ? 69  GLU A CB  1 
ATOM   477  C  CG  . GLU A 1 75  ? 19.070  15.168  -2.769  1.00 36.65 ? 69  GLU A CG  1 
ATOM   478  C  CD  . GLU A 1 75  ? 18.194  15.288  -1.529  1.00 38.26 ? 69  GLU A CD  1 
ATOM   479  O  OE1 . GLU A 1 75  ? 16.977  15.556  -1.652  1.00 38.79 ? 69  GLU A OE1 1 
ATOM   480  O  OE2 . GLU A 1 75  ? 18.733  15.114  -0.415  1.00 39.42 ? 69  GLU A OE2 1 
ATOM   481  N  N   . ILE A 1 76  ? 18.415  12.206  -3.996  1.00 31.23 ? 70  ILE A N   1 
ATOM   482  C  CA  . ILE A 1 76  ? 19.114  10.927  -4.124  1.00 31.22 ? 70  ILE A CA  1 
ATOM   483  C  C   . ILE A 1 76  ? 18.291  10.023  -5.039  1.00 30.95 ? 70  ILE A C   1 
ATOM   484  O  O   . ILE A 1 76  ? 18.799  9.504   -6.036  1.00 31.43 ? 70  ILE A O   1 
ATOM   485  C  CB  . ILE A 1 76  ? 19.303  10.251  -2.743  1.00 31.21 ? 70  ILE A CB  1 
ATOM   486  C  CG1 . ILE A 1 76  ? 20.200  11.113  -1.844  1.00 30.92 ? 70  ILE A CG1 1 
ATOM   487  C  CG2 . ILE A 1 76  ? 19.867  8.842   -2.895  1.00 31.68 ? 70  ILE A CG2 1 
ATOM   488  C  CD1 . ILE A 1 76  ? 20.265  10.661  -0.400  1.00 30.67 ? 70  ILE A CD1 1 
ATOM   489  N  N   . GLU A 1 77  ? 17.025  9.846   -4.661  1.00 29.93 ? 71  GLU A N   1 
ATOM   490  C  CA  . GLU A 1 77  ? 15.988  9.157   -5.432  1.00 29.49 ? 71  GLU A CA  1 
ATOM   491  C  C   . GLU A 1 77  ? 14.782  8.957   -4.511  1.00 29.11 ? 71  GLU A C   1 
ATOM   492  O  O   . GLU A 1 77  ? 14.804  9.380   -3.353  1.00 29.19 ? 71  GLU A O   1 
ATOM   493  C  CB  . GLU A 1 77  ? 16.471  7.817   -6.008  1.00 29.64 ? 71  GLU A CB  1 
ATOM   494  C  CG  . GLU A 1 77  ? 16.834  6.764   -4.969  1.00 29.64 ? 71  GLU A CG  1 
ATOM   495  C  CD  . GLU A 1 77  ? 16.301  5.393   -5.332  1.00 30.07 ? 71  GLU A CD  1 
ATOM   496  O  OE1 . GLU A 1 77  ? 15.115  5.297   -5.714  1.00 30.06 ? 71  GLU A OE1 1 
ATOM   497  O  OE2 . GLU A 1 77  ? 17.056  4.407   -5.217  1.00 29.93 ? 71  GLU A OE2 1 
ATOM   498  N  N   . ALA A 1 78  ? 13.738  8.306   -5.016  1.00 28.97 ? 72  ALA A N   1 
ATOM   499  C  CA  . ALA A 1 78  ? 12.498  8.142   -4.259  1.00 28.87 ? 72  ALA A CA  1 
ATOM   500  C  C   . ALA A 1 78  ? 12.563  7.086   -3.142  1.00 28.73 ? 72  ALA A C   1 
ATOM   501  O  O   . ALA A 1 78  ? 11.762  7.127   -2.206  1.00 27.98 ? 72  ALA A O   1 
ATOM   502  C  CB  . ALA A 1 78  ? 11.347  7.848   -5.208  1.00 28.01 ? 72  ALA A CB  1 
ATOM   503  N  N   . HIS A 1 79  ? 13.524  6.165   -3.243  1.00 28.91 ? 73  HIS A N   1 
ATOM   504  C  CA  . HIS A 1 79  ? 13.626  4.983   -2.361  1.00 28.98 ? 73  HIS A CA  1 
ATOM   505  C  C   . HIS A 1 79  ? 13.368  5.238   -0.894  1.00 29.59 ? 73  HIS A C   1 
ATOM   506  O  O   . HIS A 1 79  ? 12.453  4.648   -0.319  1.00 30.02 ? 73  HIS A O   1 
ATOM   507  C  CB  . HIS A 1 79  ? 14.988  4.310   -2.543  1.00 28.48 ? 73  HIS A CB  1 
ATOM   508  C  CG  . HIS A 1 79  ? 15.102  2.949   -1.895  1.00 28.61 ? 73  HIS A CG  1 
ATOM   509  N  ND1 . HIS A 1 79  ? 15.354  1.834   -2.601  1.00 28.45 ? 73  HIS A ND1 1 
ATOM   510  C  CD2 . HIS A 1 79  ? 15.005  2.555   -0.559  1.00 28.34 ? 73  HIS A CD2 1 
ATOM   511  C  CE1 . HIS A 1 79  ? 15.411  0.779   -1.768  1.00 28.20 ? 73  HIS A CE1 1 
ATOM   512  N  NE2 . HIS A 1 79  ? 15.196  1.221   -0.519  1.00 28.26 ? 73  HIS A NE2 1 
ATOM   513  N  N   . HIS A 1 80  ? 14.180  6.093   -0.270  1.00 30.11 ? 74  HIS A N   1 
ATOM   514  C  CA  . HIS A 1 80  ? 14.066  6.348   1.176   1.00 30.51 ? 74  HIS A CA  1 
ATOM   515  C  C   . HIS A 1 80  ? 12.710  6.862   1.564   1.00 29.68 ? 74  HIS A C   1 
ATOM   516  O  O   . HIS A 1 80  ? 12.121  6.384   2.533   1.00 29.64 ? 74  HIS A O   1 
ATOM   517  C  CB  . HIS A 1 80  ? 15.129  7.324   1.673   1.00 31.24 ? 74  HIS A CB  1 
ATOM   518  C  CG  . HIS A 1 80  ? 16.548  6.838   1.499   1.00 32.49 ? 74  HIS A CG  1 
ATOM   519  N  ND1 . HIS A 1 80  ? 17.590  7.686   1.400   1.00 33.26 ? 74  HIS A ND1 1 
ATOM   520  C  CD2 . HIS A 1 80  ? 17.078  5.549   1.402   1.00 32.73 ? 74  HIS A CD2 1 
ATOM   521  C  CE1 . HIS A 1 80  ? 18.728  6.984   1.254   1.00 32.78 ? 74  HIS A CE1 1 
ATOM   522  N  NE2 . HIS A 1 80  ? 18.414  5.677   1.252   1.00 33.82 ? 74  HIS A NE2 1 
ATOM   523  N  N   . THR A 1 81  ? 12.210  7.844   0.816   1.00 29.39 ? 75  THR A N   1 
ATOM   524  C  CA  . THR A 1 81  ? 10.878  8.406   1.059   1.00 29.09 ? 75  THR A CA  1 
ATOM   525  C  C   . THR A 1 81  ? 9.806   7.331   0.903   1.00 28.68 ? 75  THR A C   1 
ATOM   526  O  O   . THR A 1 81  ? 8.939   7.180   1.771   1.00 28.15 ? 75  THR A O   1 
ATOM   527  C  CB  . THR A 1 81  ? 10.575  9.598   0.122   1.00 29.24 ? 75  THR A CB  1 
ATOM   528  O  OG1 . THR A 1 81  ? 11.577  10.605  0.295   1.00 29.62 ? 75  THR A OG1 1 
ATOM   529  C  CG2 . THR A 1 81  ? 9.208   10.201  0.431   1.00 29.07 ? 75  THR A CG2 1 
ATOM   530  N  N   . ILE A 1 82  ? 9.881   6.577   -0.195  1.00 28.31 ? 76  ILE A N   1 
ATOM   531  C  CA  . ILE A 1 82  ? 8.925   5.500   -0.459  1.00 27.88 ? 76  ILE A CA  1 
ATOM   532  C  C   . ILE A 1 82  ? 8.907   4.491   0.691   1.00 28.00 ? 76  ILE A C   1 
ATOM   533  O  O   . ILE A 1 82  ? 7.836   4.133   1.194   1.00 27.09 ? 76  ILE A O   1 
ATOM   534  C  CB  . ILE A 1 82  ? 9.213   4.775   -1.794  1.00 27.47 ? 76  ILE A CB  1 
ATOM   535  C  CG1 . ILE A 1 82  ? 8.903   5.692   -2.986  1.00 27.39 ? 76  ILE A CG1 1 
ATOM   536  C  CG2 . ILE A 1 82  ? 8.385   3.503   -1.896  1.00 27.15 ? 76  ILE A CG2 1 
ATOM   537  C  CD1 . ILE A 1 82  ? 9.301   5.125   -4.334  1.00 26.75 ? 76  ILE A CD1 1 
ATOM   538  N  N   . GLU A 1 83  ? 10.100  4.059   1.103   1.00 28.19 ? 77  GLU A N   1 
ATOM   539  C  CA  . GLU A 1 83  ? 10.251  3.068   2.164   1.00 29.57 ? 77  GLU A CA  1 
ATOM   540  C  C   . GLU A 1 83  ? 9.767   3.595   3.518   1.00 29.98 ? 77  GLU A C   1 
ATOM   541  O  O   . GLU A 1 83  ? 8.990   2.927   4.201   1.00 30.23 ? 77  GLU A O   1 
ATOM   542  C  CB  . GLU A 1 83  ? 11.705  2.591   2.258   1.00 30.23 ? 77  GLU A CB  1 
ATOM   543  C  CG  . GLU A 1 83  ? 11.919  1.524   3.320   1.00 30.74 ? 77  GLU A CG  1 
ATOM   544  C  CD  . GLU A 1 83  ? 13.343  1.010   3.390   1.00 31.14 ? 77  GLU A CD  1 
ATOM   545  O  OE1 . GLU A 1 83  ? 14.161  1.347   2.502   1.00 30.46 ? 77  GLU A OE1 1 
ATOM   546  O  OE2 . GLU A 1 83  ? 13.633  0.249   4.342   1.00 30.79 ? 77  GLU A OE2 1 
ATOM   547  N  N   . ASP A 1 84  ? 10.223  4.789   3.894   1.00 30.33 ? 78  ASP A N   1 
ATOM   548  C  CA  . ASP A 1 84  ? 9.809   5.411   5.157   1.00 30.88 ? 78  ASP A CA  1 
ATOM   549  C  C   . ASP A 1 84  ? 8.302   5.616   5.232   1.00 30.00 ? 78  ASP A C   1 
ATOM   550  O  O   . ASP A 1 84  ? 7.700   5.403   6.283   1.00 30.10 ? 78  ASP A O   1 
ATOM   551  C  CB  . ASP A 1 84  ? 10.542  6.733   5.392   1.00 31.77 ? 78  ASP A CB  1 
ATOM   552  C  CG  . ASP A 1 84  ? 11.948  6.540   5.946   1.00 33.35 ? 78  ASP A CG  1 
ATOM   553  O  OD1 . ASP A 1 84  ? 12.213  5.497   6.584   1.00 35.10 ? 78  ASP A OD1 1 
ATOM   554  O  OD2 . ASP A 1 84  ? 12.791  7.442   5.752   1.00 33.66 ? 78  ASP A OD2 1 
ATOM   555  N  N   . THR A 1 85  ? 7.703   6.017   4.112   1.00 29.71 ? 79  THR A N   1 
ATOM   556  C  CA  . THR A 1 85  ? 6.252   6.164   4.011   1.00 29.59 ? 79  THR A CA  1 
ATOM   557  C  C   . THR A 1 85  ? 5.535   4.820   4.197   1.00 29.48 ? 79  THR A C   1 
ATOM   558  O  O   . THR A 1 85  ? 4.564   4.736   4.948   1.00 29.15 ? 79  THR A O   1 
ATOM   559  C  CB  . THR A 1 85  ? 5.838   6.817   2.674   1.00 29.47 ? 79  THR A CB  1 
ATOM   560  O  OG1 . THR A 1 85  ? 6.477   8.096   2.550   1.00 29.44 ? 79  THR A OG1 1 
ATOM   561  C  CG2 . THR A 1 85  ? 4.329   7.014   2.610   1.00 29.69 ? 79  THR A CG2 1 
ATOM   562  N  N   . ALA A 1 86  ? 6.030   3.777   3.529   1.00 29.52 ? 80  ALA A N   1 
ATOM   563  C  CA  . ALA A 1 86  ? 5.448   2.437   3.641   1.00 29.57 ? 80  ALA A CA  1 
ATOM   564  C  C   . ALA A 1 86  ? 5.542   1.883   5.067   1.00 29.66 ? 80  ALA A C   1 
ATOM   565  O  O   . ALA A 1 86  ? 4.592   1.271   5.563   1.00 28.85 ? 80  ALA A O   1 
ATOM   566  C  CB  . ALA A 1 86  ? 6.099   1.485   2.648   1.00 29.75 ? 80  ALA A CB  1 
ATOM   567  N  N   . ILE A 1 87  ? 6.689   2.106   5.711   1.00 29.75 ? 81  ILE A N   1 
ATOM   568  C  CA  . ILE A 1 87  ? 6.897   1.727   7.110   1.00 30.08 ? 81  ILE A CA  1 
ATOM   569  C  C   . ILE A 1 87  ? 5.876   2.427   8.010   1.00 30.31 ? 81  ILE A C   1 
ATOM   570  O  O   . ILE A 1 87  ? 5.192   1.775   8.805   1.00 31.20 ? 81  ILE A O   1 
ATOM   571  C  CB  . ILE A 1 87  ? 8.339   2.039   7.584   1.00 29.86 ? 81  ILE A CB  1 
ATOM   572  C  CG1 . ILE A 1 87  ? 9.346   1.119   6.879   1.00 29.50 ? 81  ILE A CG1 1 
ATOM   573  C  CG2 . ILE A 1 87  ? 8.456   1.902   9.101   1.00 30.14 ? 81  ILE A CG2 1 
ATOM   574  C  CD1 . ILE A 1 87  ? 10.798  1.526   7.053   1.00 29.51 ? 81  ILE A CD1 1 
ATOM   575  N  N   . ALA A 1 88  ? 5.780   3.749   7.867   1.00 30.09 ? 82  ALA A N   1 
ATOM   576  C  CA  . ALA A 1 88  ? 4.863   4.567   8.658   1.00 30.64 ? 82  ALA A CA  1 
ATOM   577  C  C   . ALA A 1 88  ? 3.407   4.162   8.429   1.00 30.82 ? 82  ALA A C   1 
ATOM   578  O  O   . ALA A 1 88  ? 2.637   4.036   9.387   1.00 31.11 ? 82  ALA A O   1 
ATOM   579  C  CB  . ALA A 1 88  ? 5.064   6.044   8.348   1.00 30.11 ? 82  ALA A CB  1 
ATOM   580  N  N   . LEU A 1 89  ? 3.043   3.953   7.165   1.00 29.82 ? 83  LEU A N   1 
ATOM   581  C  CA  . LEU A 1 89  ? 1.694   3.517   6.796   1.00 30.44 ? 83  LEU A CA  1 
ATOM   582  C  C   . LEU A 1 89  ? 1.374   2.136   7.368   1.00 30.57 ? 83  LEU A C   1 
ATOM   583  O  O   . LEU A 1 89  ? 0.269   1.906   7.865   1.00 31.08 ? 83  LEU A O   1 
ATOM   584  C  CB  . LEU A 1 89  ? 1.511   3.536   5.269   1.00 29.75 ? 83  LEU A CB  1 
ATOM   585  C  CG  . LEU A 1 89  ? 0.179   3.071   4.659   1.00 30.04 ? 83  LEU A CG  1 
ATOM   586  C  CD1 . LEU A 1 89  ? -1.010  3.866   5.185   1.00 29.88 ? 83  LEU A CD1 1 
ATOM   587  C  CD2 . LEU A 1 89  ? 0.241   3.146   3.142   1.00 29.55 ? 83  LEU A CD2 1 
ATOM   588  N  N   . GLY A 1 90  ? 2.347   1.226   7.292   1.00 30.41 ? 84  GLY A N   1 
ATOM   589  C  CA  . GLY A 1 90  ? 2.231   -0.096  7.909   1.00 31.02 ? 84  GLY A CA  1 
ATOM   590  C  C   . GLY A 1 90  ? 1.959   0.018   9.400   1.00 31.77 ? 84  GLY A C   1 
ATOM   591  O  O   . GLY A 1 90  ? 1.009   -0.581  9.913   1.00 31.74 ? 84  GLY A O   1 
ATOM   592  N  N   . THR A 1 91  ? 2.783   0.807   10.088  1.00 31.43 ? 85  THR A N   1 
ATOM   593  C  CA  . THR A 1 91  ? 2.626   1.062   11.523  1.00 31.63 ? 85  THR A CA  1 
ATOM   594  C  C   . THR A 1 91  ? 1.237   1.630   11.849  1.00 31.93 ? 85  THR A C   1 
ATOM   595  O  O   . THR A 1 91  ? 0.606   1.217   12.823  1.00 32.27 ? 85  THR A O   1 
ATOM   596  C  CB  . THR A 1 91  ? 3.735   2.003   12.048  1.00 31.56 ? 85  THR A CB  1 
ATOM   597  O  OG1 . THR A 1 91  ? 5.010   1.532   11.598  1.00 31.21 ? 85  THR A OG1 1 
ATOM   598  C  CG2 . THR A 1 91  ? 3.735   2.068   13.580  1.00 31.48 ? 85  THR A CG2 1 
ATOM   599  N  N   . ALA A 1 92  ? 0.771   2.568   11.025  1.00 31.92 ? 86  ALA A N   1 
ATOM   600  C  CA  . ALA A 1 92  ? -0.563  3.157   11.172  1.00 32.23 ? 86  ALA A CA  1 
ATOM   601  C  C   . ALA A 1 92  ? -1.668  2.115   11.012  1.00 33.03 ? 86  ALA A C   1 
ATOM   602  O  O   . ALA A 1 92  ? -2.644  2.114   11.770  1.00 33.14 ? 86  ALA A O   1 
ATOM   603  C  CB  . ALA A 1 92  ? -0.759  4.292   10.175  1.00 32.26 ? 86  ALA A CB  1 
ATOM   604  N  N   . LEU A 1 93  ? -1.508  1.227   10.030  1.00 32.65 ? 87  LEU A N   1 
ATOM   605  C  CA  . LEU A 1 93  ? -2.471  0.151   9.792   1.00 32.80 ? 87  LEU A CA  1 
ATOM   606  C  C   . LEU A 1 93  ? -2.569  -0.790  10.988  1.00 33.17 ? 87  LEU A C   1 
ATOM   607  O  O   . LEU A 1 93  ? -3.671  -1.115  11.430  1.00 33.53 ? 87  LEU A O   1 
ATOM   608  C  CB  . LEU A 1 93  ? -2.124  -0.624  8.513   1.00 32.36 ? 87  LEU A CB  1 
ATOM   609  C  CG  . LEU A 1 93  ? -2.988  -1.828  8.116   1.00 32.23 ? 87  LEU A CG  1 
ATOM   610  C  CD1 . LEU A 1 93  ? -4.469  -1.468  8.016   1.00 31.62 ? 87  LEU A CD1 1 
ATOM   611  C  CD2 . LEU A 1 93  ? -2.488  -2.412  6.802   1.00 31.52 ? 87  LEU A CD2 1 
ATOM   612  N  N   . GLY A 1 94  ? -1.415  -1.215  11.501  1.00 33.53 ? 88  GLY A N   1 
ATOM   613  C  CA  . GLY A 1 94  ? -1.346  -2.088  12.673  1.00 34.63 ? 88  GLY A CA  1 
ATOM   614  C  C   . GLY A 1 94  ? -1.942  -1.460  13.921  1.00 36.42 ? 88  GLY A C   1 
ATOM   615  O  O   . GLY A 1 94  ? -2.679  -2.116  14.658  1.00 36.65 ? 88  GLY A O   1 
ATOM   616  N  N   . GLN A 1 95  ? -1.629  -0.184  14.147  1.00 37.12 ? 89  GLN A N   1 
ATOM   617  C  CA  . GLN A 1 95  ? -2.146  0.560   15.299  1.00 38.28 ? 89  GLN A CA  1 
ATOM   618  C  C   . GLN A 1 95  ? -3.664  0.752   15.221  1.00 37.76 ? 89  GLN A C   1 
ATOM   619  O  O   . GLN A 1 95  ? -4.365  0.560   16.214  1.00 38.07 ? 89  GLN A O   1 
ATOM   620  C  CB  . GLN A 1 95  ? -1.431  1.910   15.435  1.00 39.40 ? 89  GLN A CB  1 
ATOM   621  C  CG  . GLN A 1 95  ? -1.901  2.769   16.606  1.00 41.60 ? 89  GLN A CG  1 
ATOM   622  C  CD  . GLN A 1 95  ? -1.044  4.005   16.815  1.00 42.28 ? 89  GLN A CD  1 
ATOM   623  O  OE1 . GLN A 1 95  ? 0.185   3.926   16.846  1.00 43.05 ? 89  GLN A OE1 1 
ATOM   624  N  NE2 . GLN A 1 95  ? -1.690  5.154   16.969  1.00 44.09 ? 89  GLN A NE2 1 
ATOM   625  N  N   . ALA A 1 96  ? -4.160  1.111   14.038  1.00 37.43 ? 90  ALA A N   1 
ATOM   626  C  CA  . ALA A 1 96  ? -5.593  1.322   13.819  1.00 38.05 ? 90  ALA A CA  1 
ATOM   627  C  C   . ALA A 1 96  ? -6.394  0.027   13.937  1.00 39.18 ? 90  ALA A C   1 
ATOM   628  O  O   . ALA A 1 96  ? -7.556  0.049   14.343  1.00 39.20 ? 90  ALA A O   1 
ATOM   629  C  CB  . ALA A 1 96  ? -5.838  1.975   12.467  1.00 37.22 ? 90  ALA A CB  1 
ATOM   630  N  N   . LEU A 1 97  ? -5.765  -1.089  13.570  1.00 39.77 ? 91  LEU A N   1 
ATOM   631  C  CA  . LEU A 1 97  ? -6.361  -2.422  13.687  1.00 41.02 ? 91  LEU A CA  1 
ATOM   632  C  C   . LEU A 1 97  ? -6.669  -2.807  15.136  1.00 42.14 ? 91  LEU A C   1 
ATOM   633  O  O   . LEU A 1 97  ? -7.660  -3.491  15.399  1.00 41.87 ? 91  LEU A O   1 
ATOM   634  C  CB  . LEU A 1 97  ? -5.439  -3.469  13.048  1.00 40.31 ? 91  LEU A CB  1 
ATOM   635  C  CG  . LEU A 1 97  ? -5.778  -4.185  11.730  1.00 40.24 ? 91  LEU A CG  1 
ATOM   636  C  CD1 . LEU A 1 97  ? -6.906  -3.543  10.937  1.00 39.62 ? 91  LEU A CD1 1 
ATOM   637  C  CD2 . LEU A 1 97  ? -4.532  -4.351  10.870  1.00 39.49 ? 91  LEU A CD2 1 
ATOM   638  N  N   . GLY A 1 98  ? -5.818  -2.369  16.065  1.00 43.51 ? 92  GLY A N   1 
ATOM   639  C  CA  . GLY A 1 98  ? -5.998  -2.647  17.491  1.00 45.21 ? 92  GLY A CA  1 
ATOM   640  C  C   . GLY A 1 98  ? -5.896  -4.123  17.826  1.00 47.04 ? 92  GLY A C   1 
ATOM   641  O  O   . GLY A 1 98  ? -4.958  -4.799  17.398  1.00 46.40 ? 92  GLY A O   1 
ATOM   642  N  N   . ASP A 1 99  ? -6.873  -4.625  18.584  1.00 48.48 ? 93  ASP A N   1 
ATOM   643  C  CA  . ASP A 1 99  ? -6.897  -6.036  18.984  1.00 50.03 ? 93  ASP A CA  1 
ATOM   644  C  C   . ASP A 1 99  ? -7.341  -6.980  17.860  1.00 50.52 ? 93  ASP A C   1 
ATOM   645  O  O   . ASP A 1 99  ? -7.167  -8.199  17.962  1.00 50.55 ? 93  ASP A O   1 
ATOM   646  C  CB  . ASP A 1 99  ? -7.733  -6.249  20.261  1.00 51.14 ? 93  ASP A CB  1 
ATOM   647  C  CG  . ASP A 1 99  ? -9.187  -5.786  20.122  1.00 52.95 ? 93  ASP A CG  1 
ATOM   648  O  OD1 . ASP A 1 99  ? -9.665  -5.536  18.993  1.00 52.65 ? 93  ASP A OD1 1 
ATOM   649  O  OD2 . ASP A 1 99  ? -9.863  -5.682  21.169  1.00 54.19 ? 93  ASP A OD2 1 
ATOM   650  N  N   . LYS A 1 100 ? -7.914  -6.404  16.800  1.00 49.96 ? 94  LYS A N   1 
ATOM   651  C  CA  . LYS A 1 100 ? -8.375  -7.140  15.609  1.00 49.92 ? 94  LYS A CA  1 
ATOM   652  C  C   . LYS A 1 100 ? -9.505  -8.137  15.902  1.00 50.47 ? 94  LYS A C   1 
ATOM   653  O  O   . LYS A 1 100 ? -9.658  -9.144  15.206  1.00 50.29 ? 94  LYS A O   1 
ATOM   654  C  CB  . LYS A 1 100 ? -7.205  -7.829  14.893  1.00 49.35 ? 94  LYS A CB  1 
ATOM   655  C  CG  . LYS A 1 100 ? -6.196  -6.861  14.298  1.00 49.16 ? 94  LYS A CG  1 
ATOM   656  C  CD  . LYS A 1 100 ? -5.006  -7.574  13.678  1.00 49.10 ? 94  LYS A CD  1 
ATOM   657  C  CE  . LYS A 1 100 ? -3.951  -7.927  14.715  1.00 49.38 ? 94  LYS A CE  1 
ATOM   658  N  NZ  . LYS A 1 100 ? -2.723  -8.462  14.068  1.00 50.29 ? 94  LYS A NZ  1 
ATOM   659  N  N   . ARG A 1 101 ? -10.295 -7.839  16.929  1.00 50.53 ? 95  ARG A N   1 
ATOM   660  C  CA  . ARG A 1 101 ? -11.381 -8.719  17.347  1.00 50.30 ? 95  ARG A CA  1 
ATOM   661  C  C   . ARG A 1 101 ? -12.642 -8.460  16.536  1.00 47.58 ? 95  ARG A C   1 
ATOM   662  O  O   . ARG A 1 101 ? -12.999 -7.308  16.280  1.00 47.52 ? 95  ARG A O   1 
ATOM   663  C  CB  . ARG A 1 101 ? -11.666 -8.562  18.844  1.00 53.55 ? 95  ARG A CB  1 
ATOM   664  C  CG  . ARG A 1 101 ? -10.567 -9.108  19.746  1.00 57.24 ? 95  ARG A CG  1 
ATOM   665  C  CD  . ARG A 1 101 ? -10.893 -8.902  21.218  1.00 60.06 ? 95  ARG A CD  1 
ATOM   666  N  NE  . ARG A 1 101 ? -11.896 -9.851  21.699  1.00 63.07 ? 95  ARG A NE  1 
ATOM   667  C  CZ  . ARG A 1 101 ? -11.621 -10.963 22.377  1.00 64.86 ? 95  ARG A CZ  1 
ATOM   668  N  NH1 . ARG A 1 101 ? -10.366 -11.284 22.671  1.00 65.66 ? 95  ARG A NH1 1 
ATOM   669  N  NH2 . ARG A 1 101 ? -12.610 -11.758 22.766  1.00 65.67 ? 95  ARG A NH2 1 
ATOM   670  N  N   . GLY A 1 102 ? -13.299 -9.540  16.124  1.00 44.83 ? 96  GLY A N   1 
ATOM   671  C  CA  . GLY A 1 102 ? -14.574 -9.457  15.418  1.00 43.21 ? 96  GLY A CA  1 
ATOM   672  C  C   . GLY A 1 102 ? -14.488 -9.030  13.963  1.00 41.81 ? 96  GLY A C   1 
ATOM   673  O  O   . GLY A 1 102 ? -15.507 -8.719  13.346  1.00 41.26 ? 96  GLY A O   1 
ATOM   674  N  N   . ILE A 1 103 ? -13.278 -9.016  13.410  1.00 40.49 ? 97  ILE A N   1 
ATOM   675  C  CA  . ILE A 1 103 ? -13.090 -8.638  12.006  1.00 40.07 ? 97  ILE A CA  1 
ATOM   676  C  C   . ILE A 1 103 ? -13.026 -9.862  11.094  1.00 39.45 ? 97  ILE A C   1 
ATOM   677  O  O   . ILE A 1 103 ? -12.781 -10.980 11.549  1.00 39.36 ? 97  ILE A O   1 
ATOM   678  C  CB  . ILE A 1 103 ? -11.852 -7.732  11.790  1.00 39.23 ? 97  ILE A CB  1 
ATOM   679  C  CG1 . ILE A 1 103 ? -10.560 -8.464  12.184  1.00 39.31 ? 97  ILE A CG1 1 
ATOM   680  C  CG2 . ILE A 1 103 ? -12.024 -6.420  12.547  1.00 38.77 ? 97  ILE A CG2 1 
ATOM   681  C  CD1 . ILE A 1 103 ? -9.289  -7.834  11.654  1.00 39.01 ? 97  ILE A CD1 1 
ATOM   682  N  N   . ARG A 1 104 ? -13.243 -9.631  9.803   1.00 39.36 ? 98  ARG A N   1 
ATOM   683  C  CA  . ARG A 1 104 ? -13.235 -10.686 8.792   1.00 39.49 ? 98  ARG A CA  1 
ATOM   684  C  C   . ARG A 1 104 ? -11.875 -11.391 8.725   1.00 37.51 ? 98  ARG A C   1 
ATOM   685  O  O   . ARG A 1 104 ? -11.797 -12.566 8.351   1.00 37.71 ? 98  ARG A O   1 
ATOM   686  C  CB  . ARG A 1 104 ? -13.617 -10.092 7.434   1.00 41.38 ? 98  ARG A CB  1 
ATOM   687  C  CG  . ARG A 1 104 ? -14.564 -10.937 6.597   1.00 45.32 ? 98  ARG A CG  1 
ATOM   688  C  CD  . ARG A 1 104 ? -13.802 -11.820 5.629   1.00 47.32 ? 98  ARG A CD  1 
ATOM   689  N  NE  . ARG A 1 104 ? -14.624 -12.285 4.512   1.00 48.83 ? 98  ARG A NE  1 
ATOM   690  C  CZ  . ARG A 1 104 ? -14.161 -13.008 3.494   1.00 49.76 ? 98  ARG A CZ  1 
ATOM   691  N  NH1 . ARG A 1 104 ? -12.878 -13.352 3.443   1.00 48.56 ? 98  ARG A NH1 1 
ATOM   692  N  NH2 . ARG A 1 104 ? -14.981 -13.388 2.522   1.00 50.14 ? 98  ARG A NH2 1 
ATOM   693  N  N   . ARG A 1 105 ? -10.819 -10.659 9.091   1.00 36.06 ? 99  ARG A N   1 
ATOM   694  C  CA  . ARG A 1 105 ? -9.443  -11.176 9.224   1.00 35.04 ? 99  ARG A CA  1 
ATOM   695  C  C   . ARG A 1 105 ? -8.773  -11.536 7.892   1.00 34.06 ? 99  ARG A C   1 
ATOM   696  O  O   . ARG A 1 105 ? -7.672  -11.060 7.597   1.00 33.10 ? 99  ARG A O   1 
ATOM   697  C  CB  . ARG A 1 105 ? -9.376  -12.356 10.210  1.00 35.54 ? 99  ARG A CB  1 
ATOM   698  C  CG  . ARG A 1 105 ? -7.967  -12.864 10.462  1.00 35.78 ? 99  ARG A CG  1 
ATOM   699  C  CD  . ARG A 1 105 ? -7.952  -14.167 11.245  1.00 35.63 ? 99  ARG A CD  1 
ATOM   700  N  NE  . ARG A 1 105 ? -6.658  -14.830 11.101  1.00 36.01 ? 99  ARG A NE  1 
ATOM   701  C  CZ  . ARG A 1 105 ? -6.298  -15.953 11.719  1.00 36.35 ? 99  ARG A CZ  1 
ATOM   702  N  NH1 . ARG A 1 105 ? -7.129  -16.567 12.551  1.00 35.97 ? 99  ARG A NH1 1 
ATOM   703  N  NH2 . ARG A 1 105 ? -5.091  -16.462 11.502  1.00 35.49 ? 99  ARG A NH2 1 
ATOM   704  N  N   . PHE A 1 106 ? -9.433  -12.385 7.110   1.00 32.75 ? 100 PHE A N   1 
ATOM   705  C  CA  . PHE A 1 106 ? -8.948  -12.779 5.796   1.00 32.34 ? 100 PHE A CA  1 
ATOM   706  C  C   . PHE A 1 106 ? -9.630  -11.955 4.721   1.00 31.61 ? 100 PHE A C   1 
ATOM   707  O  O   . PHE A 1 106 ? -10.804 -11.611 4.841   1.00 31.38 ? 100 PHE A O   1 
ATOM   708  C  CB  . PHE A 1 106 ? -9.203  -14.267 5.542   1.00 32.81 ? 100 PHE A CB  1 
ATOM   709  C  CG  . PHE A 1 106 ? -8.436  -15.178 6.454   1.00 33.92 ? 100 PHE A CG  1 
ATOM   710  C  CD1 . PHE A 1 106 ? -7.142  -15.574 6.135   1.00 34.33 ? 100 PHE A CD1 1 
ATOM   711  C  CD2 . PHE A 1 106 ? -9.001  -15.634 7.638   1.00 34.00 ? 100 PHE A CD2 1 
ATOM   712  C  CE1 . PHE A 1 106 ? -6.431  -16.414 6.980   1.00 34.40 ? 100 PHE A CE1 1 
ATOM   713  C  CE2 . PHE A 1 106 ? -8.299  -16.477 8.483   1.00 34.29 ? 100 PHE A CE2 1 
ATOM   714  C  CZ  . PHE A 1 106 ? -7.011  -16.866 8.155   1.00 34.26 ? 100 PHE A CZ  1 
ATOM   715  N  N   . GLY A 1 107 ? -8.882  -11.640 3.672   1.00 30.57 ? 101 GLY A N   1 
ATOM   716  C  CA  . GLY A 1 107 ? -9.413  -10.893 2.548   1.00 30.22 ? 101 GLY A CA  1 
ATOM   717  C  C   . GLY A 1 107 ? -8.555  -11.100 1.321   1.00 29.81 ? 101 GLY A C   1 
ATOM   718  O  O   . GLY A 1 107 ? -7.342  -11.285 1.427   1.00 28.98 ? 101 GLY A O   1 
ATOM   719  N  N   . ASP A 1 108 ? -9.191  -11.083 0.154   1.00 29.23 ? 102 ASP A N   1 
ATOM   720  C  CA  . ASP A 1 108 ? -8.471  -11.167 -1.111  1.00 29.45 ? 102 ASP A CA  1 
ATOM   721  C  C   . ASP A 1 108 ? -9.246  -10.445 -2.200  1.00 29.24 ? 102 ASP A C   1 
ATOM   722  O  O   . ASP A 1 108 ? -10.453 -10.225 -2.068  1.00 29.01 ? 102 ASP A O   1 
ATOM   723  C  CB  . ASP A 1 108 ? -8.208  -12.625 -1.514  1.00 29.82 ? 102 ASP A CB  1 
ATOM   724  C  CG  . ASP A 1 108 ? -9.419  -13.285 -2.135  1.00 31.19 ? 102 ASP A CG  1 
ATOM   725  O  OD1 . ASP A 1 108 ? -10.345 -13.630 -1.375  1.00 31.67 ? 102 ASP A OD1 1 
ATOM   726  O  OD2 . ASP A 1 108 ? -9.441  -13.465 -3.376  1.00 31.54 ? 102 ASP A OD2 1 
ATOM   727  N  N   . ALA A 1 109 ? -8.544  -10.083 -3.272  1.00 28.39 ? 103 ALA A N   1 
ATOM   728  C  CA  . ALA A 1 109 ? -9.159  -9.398  -4.398  1.00 28.19 ? 103 ALA A CA  1 
ATOM   729  C  C   . ALA A 1 109 ? -8.367  -9.589  -5.682  1.00 28.24 ? 103 ALA A C   1 
ATOM   730  O  O   . ALA A 1 109 ? -7.133  -9.546  -5.672  1.00 27.69 ? 103 ALA A O   1 
ATOM   731  C  CB  . ALA A 1 109 ? -9.300  -7.916  -4.097  1.00 28.19 ? 103 ALA A CB  1 
ATOM   732  N  N   . PHE A 1 110 ? -9.094  -9.789  -6.779  1.00 27.62 ? 104 PHE A N   1 
ATOM   733  C  CA  . PHE A 1 110 ? -8.520  -9.777  -8.117  1.00 28.15 ? 104 PHE A CA  1 
ATOM   734  C  C   . PHE A 1 110 ? -8.730  -8.403  -8.745  1.00 28.83 ? 104 PHE A C   1 
ATOM   735  O  O   . PHE A 1 110 ? -9.816  -7.824  -8.636  1.00 28.86 ? 104 PHE A O   1 
ATOM   736  C  CB  . PHE A 1 110 ? -9.175  -10.851 -8.997  1.00 27.57 ? 104 PHE A CB  1 
ATOM   737  C  CG  . PHE A 1 110 ? -8.738  -12.251 -8.674  1.00 27.57 ? 104 PHE A CG  1 
ATOM   738  C  CD1 . PHE A 1 110 ? -7.633  -12.813 -9.312  1.00 27.05 ? 104 PHE A CD1 1 
ATOM   739  C  CD2 . PHE A 1 110 ? -9.430  -13.013 -7.736  1.00 26.82 ? 104 PHE A CD2 1 
ATOM   740  C  CE1 . PHE A 1 110 ? -7.224  -14.104 -9.013  1.00 27.20 ? 104 PHE A CE1 1 
ATOM   741  C  CE2 . PHE A 1 110 ? -9.024  -14.307 -7.437  1.00 27.12 ? 104 PHE A CE2 1 
ATOM   742  C  CZ  . PHE A 1 110 ? -7.920  -14.853 -8.076  1.00 26.82 ? 104 PHE A CZ  1 
ATOM   743  N  N   . ILE A 1 111 ? -7.689  -7.879  -9.387  1.00 29.19 ? 105 ILE A N   1 
ATOM   744  C  CA  . ILE A 1 111 ? -7.797  -6.610  -10.105 1.00 30.06 ? 105 ILE A CA  1 
ATOM   745  C  C   . ILE A 1 111 ? -7.381  -6.782  -11.563 1.00 31.25 ? 105 ILE A C   1 
ATOM   746  O  O   . ILE A 1 111 ? -6.187  -6.893  -11.864 1.00 31.69 ? 105 ILE A O   1 
ATOM   747  C  CB  . ILE A 1 111 ? -6.967  -5.470  -9.450  1.00 30.04 ? 105 ILE A CB  1 
ATOM   748  C  CG1 . ILE A 1 111 ? -7.360  -5.260  -7.979  1.00 29.40 ? 105 ILE A CG1 1 
ATOM   749  C  CG2 . ILE A 1 111 ? -7.083  -4.173  -10.253 1.00 29.15 ? 105 ILE A CG2 1 
ATOM   750  C  CD1 . ILE A 1 111 ? -8.757  -4.722  -7.735  1.00 29.66 ? 105 ILE A CD1 1 
ATOM   751  N  N   . PRO A 1 112 ? -8.371  -6.832  -12.470 1.00 32.14 ? 106 PRO A N   1 
ATOM   752  C  CA  . PRO A 1 112 ? -8.067  -6.761  -13.888 1.00 32.96 ? 106 PRO A CA  1 
ATOM   753  C  C   . PRO A 1 112 ? -7.851  -5.309  -14.303 1.00 34.06 ? 106 PRO A C   1 
ATOM   754  O  O   . PRO A 1 112 ? -8.636  -4.428  -13.933 1.00 34.43 ? 106 PRO A O   1 
ATOM   755  C  CB  . PRO A 1 112 ? -9.320  -7.337  -14.552 1.00 33.34 ? 106 PRO A CB  1 
ATOM   756  C  CG  . PRO A 1 112 ? -10.422 -7.092  -13.580 1.00 33.67 ? 106 PRO A CG  1 
ATOM   757  C  CD  . PRO A 1 112 ? -9.808  -7.041  -12.210 1.00 32.44 ? 106 PRO A CD  1 
ATOM   758  N  N   . MET A 1 113 ? -6.768  -5.069  -15.034 1.00 33.93 ? 107 MET A N   1 
ATOM   759  C  CA  A MET A 1 113 ? -6.472  -3.745  -15.556 0.70 34.02 ? 107 MET A CA  1 
ATOM   760  C  CA  B MET A 1 113 ? -6.460  -3.740  -15.552 0.30 33.21 ? 107 MET A CA  1 
ATOM   761  C  C   . MET A 1 113 ? -5.916  -3.882  -16.966 1.00 32.83 ? 107 MET A C   1 
ATOM   762  O  O   . MET A 1 113 ? -4.719  -4.128  -17.159 1.00 31.77 ? 107 MET A O   1 
ATOM   763  C  CB  A MET A 1 113 ? -5.502  -3.008  -14.633 0.70 35.81 ? 107 MET A CB  1 
ATOM   764  C  CB  B MET A 1 113 ? -5.461  -3.020  -14.642 0.30 33.59 ? 107 MET A CB  1 
ATOM   765  C  CG  A MET A 1 113 ? -5.489  -1.510  -14.847 0.70 37.27 ? 107 MET A CG  1 
ATOM   766  C  CG  B MET A 1 113 ? -5.215  -1.563  -15.006 0.30 33.65 ? 107 MET A CG  1 
ATOM   767  S  SD  A MET A 1 113 ? -4.896  -0.600  -13.415 0.70 40.00 ? 107 MET A SD  1 
ATOM   768  S  SD  B MET A 1 113 ? -4.256  -0.704  -13.748 0.30 34.10 ? 107 MET A SD  1 
ATOM   769  C  CE  A MET A 1 113 ? -4.778  1.028   -14.152 0.70 37.72 ? 107 MET A CE  1 
ATOM   770  C  CE  B MET A 1 113 ? -5.303  -0.955  -12.318 0.30 32.96 ? 107 MET A CE  1 
ATOM   771  N  N   . ASP A 1 114 ? -6.808  -3.728  -17.945 1.00 32.06 ? 108 ASP A N   1 
ATOM   772  C  CA  . ASP A 1 114 ? -6.502  -4.015  -19.344 1.00 31.99 ? 108 ASP A CA  1 
ATOM   773  C  C   . ASP A 1 114 ? -5.924  -5.430  -19.429 1.00 30.75 ? 108 ASP A C   1 
ATOM   774  O  O   . ASP A 1 114 ? -6.584  -6.381  -19.015 1.00 30.76 ? 108 ASP A O   1 
ATOM   775  C  CB  . ASP A 1 114 ? -5.568  -2.960  -19.956 1.00 33.54 ? 108 ASP A CB  1 
ATOM   776  C  CG  . ASP A 1 114 ? -6.273  -1.640  -20.239 1.00 35.41 ? 108 ASP A CG  1 
ATOM   777  O  OD1 . ASP A 1 114 ? -7.458  -1.482  -19.879 1.00 35.97 ? 108 ASP A OD1 1 
ATOM   778  O  OD2 . ASP A 1 114 ? -5.631  -0.751  -20.832 1.00 37.52 ? 108 ASP A OD2 1 
ATOM   779  N  N   . GLU A 1 115 ? -4.692  -5.559  -19.916 1.00 29.60 ? 109 GLU A N   1 
ATOM   780  C  CA  . GLU A 1 115 ? -4.057  -6.866  -20.106 1.00 28.91 ? 109 GLU A CA  1 
ATOM   781  C  C   . GLU A 1 115 ? -3.601  -7.514  -18.791 1.00 28.39 ? 109 GLU A C   1 
ATOM   782  O  O   . GLU A 1 115 ? -3.328  -8.713  -18.745 1.00 28.17 ? 109 GLU A O   1 
ATOM   783  C  CB  . GLU A 1 115 ? -2.890  -6.754  -21.106 1.00 28.67 ? 109 GLU A CB  1 
ATOM   784  C  CG  . GLU A 1 115 ? -1.526  -6.387  -20.515 1.00 28.95 ? 109 GLU A CG  1 
ATOM   785  C  CD  . GLU A 1 115 ? -1.485  -5.035  -19.812 1.00 29.39 ? 109 GLU A CD  1 
ATOM   786  O  OE1 . GLU A 1 115 ? -0.629  -4.868  -18.917 1.00 28.94 ? 109 GLU A OE1 1 
ATOM   787  O  OE2 . GLU A 1 115 ? -2.295  -4.140  -20.145 1.00 29.25 ? 109 GLU A OE2 1 
ATOM   788  N  N   . THR A 1 116 ? -3.523  -6.714  -17.730 1.00 27.37 ? 110 THR A N   1 
ATOM   789  C  CA  . THR A 1 116 ? -3.000  -7.170  -16.443 1.00 26.91 ? 110 THR A CA  1 
ATOM   790  C  C   . THR A 1 116 ? -4.078  -7.792  -15.555 1.00 26.86 ? 110 THR A C   1 
ATOM   791  O  O   . THR A 1 116 ? -5.199  -7.290  -15.473 1.00 26.66 ? 110 THR A O   1 
ATOM   792  C  CB  . THR A 1 116 ? -2.304  -6.007  -15.690 1.00 26.52 ? 110 THR A CB  1 
ATOM   793  O  OG1 . THR A 1 116 ? -1.096  -5.653  -16.370 1.00 26.05 ? 110 THR A OG1 1 
ATOM   794  C  CG2 . THR A 1 116 ? -1.966  -6.385  -14.254 1.00 26.24 ? 110 THR A CG2 1 
ATOM   795  N  N   . LEU A 1 117 ? -3.725  -8.896  -14.904 1.00 26.24 ? 111 LEU A N   1 
ATOM   796  C  CA  . LEU A 1 117 ? -4.504  -9.417  -13.790 1.00 26.24 ? 111 LEU A CA  1 
ATOM   797  C  C   . LEU A 1 117 ? -3.591  -9.573  -12.577 1.00 26.06 ? 111 LEU A C   1 
ATOM   798  O  O   . LEU A 1 117 ? -2.587  -10.292 -12.629 1.00 26.04 ? 111 LEU A O   1 
ATOM   799  C  CB  . LEU A 1 117 ? -5.174  -10.753 -14.139 1.00 25.78 ? 111 LEU A CB  1 
ATOM   800  C  CG  . LEU A 1 117 ? -6.112  -11.366 -13.088 1.00 26.05 ? 111 LEU A CG  1 
ATOM   801  C  CD1 . LEU A 1 117 ? -7.376  -10.531 -12.890 1.00 26.09 ? 111 LEU A CD1 1 
ATOM   802  C  CD2 . LEU A 1 117 ? -6.474  -12.792 -13.471 1.00 25.89 ? 111 LEU A CD2 1 
ATOM   803  N  N   . ALA A 1 118 ? -3.940  -8.880  -11.498 1.00 25.55 ? 112 ALA A N   1 
ATOM   804  C  CA  . ALA A 1 118 ? -3.209  -8.977  -10.242 1.00 25.99 ? 112 ALA A CA  1 
ATOM   805  C  C   . ALA A 1 118 ? -4.114  -9.504  -9.138  1.00 26.53 ? 112 ALA A C   1 
ATOM   806  O  O   . ALA A 1 118 ? -5.344  -9.423  -9.233  1.00 26.86 ? 112 ALA A O   1 
ATOM   807  C  CB  . ALA A 1 118 ? -2.627  -7.626  -9.854  1.00 25.38 ? 112 ALA A CB  1 
ATOM   808  N  N   . HIS A 1 119 ? -3.494  -10.046 -8.095  1.00 26.82 ? 113 HIS A N   1 
ATOM   809  C  CA  . HIS A 1 119 ? -4.221  -10.590 -6.961  1.00 27.30 ? 113 HIS A CA  1 
ATOM   810  C  C   . HIS A 1 119 ? -3.469  -10.342 -5.691  1.00 27.48 ? 113 HIS A C   1 
ATOM   811  O  O   . HIS A 1 119 ? -2.236  -10.340 -5.676  1.00 28.13 ? 113 HIS A O   1 
ATOM   812  C  CB  . HIS A 1 119 ? -4.447  -12.088 -7.154  1.00 27.72 ? 113 HIS A CB  1 
ATOM   813  C  CG  . HIS A 1 119 ? -5.273  -12.726 -6.064  1.00 28.04 ? 113 HIS A CG  1 
ATOM   814  N  ND1 . HIS A 1 119 ? -4.747  -13.570 -5.160  1.00 28.29 ? 113 HIS A ND1 1 
ATOM   815  C  CD2 . HIS A 1 119 ? -6.623  -12.607 -5.752  1.00 27.52 ? 113 HIS A CD2 1 
ATOM   816  C  CE1 . HIS A 1 119 ? -5.710  -13.978 -4.317  1.00 28.08 ? 113 HIS A CE1 1 
ATOM   817  N  NE2 . HIS A 1 119 ? -6.860  -13.389 -4.682  1.00 28.14 ? 113 HIS A NE2 1 
ATOM   818  N  N   . ALA A 1 120 ? -4.209  -10.119 -4.614  1.00 27.24 ? 114 ALA A N   1 
ATOM   819  C  CA  . ALA A 1 120 ? -3.627  -10.059 -3.282  1.00 27.21 ? 114 ALA A CA  1 
ATOM   820  C  C   . ALA A 1 120 ? -4.502  -10.813 -2.298  1.00 27.30 ? 114 ALA A C   1 
ATOM   821  O  O   . ALA A 1 120 ? -5.729  -10.825 -2.430  1.00 26.52 ? 114 ALA A O   1 
ATOM   822  C  CB  . ALA A 1 120 ? -3.440  -8.619  -2.831  1.00 27.03 ? 114 ALA A CB  1 
ATOM   823  N  N   . ALA A 1 121 ? -3.856  -11.452 -1.330  1.00 27.51 ? 115 ALA A N   1 
ATOM   824  C  CA  . ALA A 1 121 ? -4.542  -12.146 -0.248  1.00 28.26 ? 115 ALA A CA  1 
ATOM   825  C  C   . ALA A 1 121 ? -3.888  -11.746 1.061   1.00 28.68 ? 115 ALA A C   1 
ATOM   826  O  O   . ALA A 1 121 ? -2.661  -11.641 1.140   1.00 28.70 ? 115 ALA A O   1 
ATOM   827  C  CB  . ALA A 1 121 ? -4.464  -13.652 -0.446  1.00 27.38 ? 115 ALA A CB  1 
ATOM   828  N  N   . VAL A 1 122 ? -4.706  -11.504 2.082   1.00 29.65 ? 116 VAL A N   1 
ATOM   829  C  CA  . VAL A 1 122 ? -4.189  -11.113 3.394   1.00 30.53 ? 116 VAL A CA  1 
ATOM   830  C  C   . VAL A 1 122 ? -4.728  -11.974 4.532   1.00 31.42 ? 116 VAL A C   1 
ATOM   831  O  O   . VAL A 1 122 ? -5.847  -12.496 4.462   1.00 30.71 ? 116 VAL A O   1 
ATOM   832  C  CB  . VAL A 1 122 ? -4.461  -9.618  3.736   1.00 30.87 ? 116 VAL A CB  1 
ATOM   833  C  CG1 . VAL A 1 122 ? -3.718  -8.689  2.793   1.00 31.46 ? 116 VAL A CG1 1 
ATOM   834  C  CG2 . VAL A 1 122 ? -5.949  -9.303  3.734   1.00 30.84 ? 116 VAL A CG2 1 
ATOM   835  N  N   . ASP A 1 123 ? -3.901  -12.123 5.563   1.00 32.07 ? 117 ASP A N   1 
ATOM   836  C  CA  . ASP A 1 123 ? -4.341  -12.571 6.876   1.00 33.65 ? 117 ASP A CA  1 
ATOM   837  C  C   . ASP A 1 123 ? -3.883  -11.498 7.859   1.00 34.32 ? 117 ASP A C   1 
ATOM   838  O  O   . ASP A 1 123 ? -2.687  -11.364 8.129   1.00 34.28 ? 117 ASP A O   1 
ATOM   839  C  CB  . ASP A 1 123 ? -3.738  -13.935 7.229   1.00 34.10 ? 117 ASP A CB  1 
ATOM   840  C  CG  . ASP A 1 123 ? -4.170  -14.438 8.606   1.00 34.84 ? 117 ASP A CG  1 
ATOM   841  O  OD1 . ASP A 1 123 ? -4.897  -13.718 9.327   1.00 34.89 ? 117 ASP A OD1 1 
ATOM   842  O  OD2 . ASP A 1 123 ? -3.780  -15.563 8.974   1.00 34.91 ? 117 ASP A OD2 1 
ATOM   843  N  N   . LEU A 1 124 ? -4.838  -10.726 8.374   1.00 35.85 ? 118 LEU A N   1 
ATOM   844  C  CA  . LEU A 1 124 ? -4.535  -9.605  9.268   1.00 37.38 ? 118 LEU A CA  1 
ATOM   845  C  C   . LEU A 1 124 ? -4.096  -10.047 10.662  1.00 39.01 ? 118 LEU A C   1 
ATOM   846  O  O   . LEU A 1 124 ? -3.449  -9.283  11.377  1.00 40.68 ? 118 LEU A O   1 
ATOM   847  C  CB  . LEU A 1 124 ? -5.726  -8.644  9.372   1.00 36.33 ? 118 LEU A CB  1 
ATOM   848  C  CG  . LEU A 1 124 ? -6.185  -7.864  8.133   1.00 36.62 ? 118 LEU A CG  1 
ATOM   849  C  CD1 . LEU A 1 124 ? -7.335  -6.940  8.505   1.00 35.55 ? 118 LEU A CD1 1 
ATOM   850  C  CD2 . LEU A 1 124 ? -5.059  -7.069  7.484   1.00 36.32 ? 118 LEU A CD2 1 
ATOM   851  N  N   . SER A 1 125 ? -4.447  -11.272 11.042  1.00 40.59 ? 119 SER A N   1 
ATOM   852  C  CA  . SER A 1 125 ? -4.042  -11.825 12.335  1.00 42.96 ? 119 SER A CA  1 
ATOM   853  C  C   . SER A 1 125 ? -2.954  -12.891 12.196  1.00 43.21 ? 119 SER A C   1 
ATOM   854  O  O   . SER A 1 125 ? -2.574  -13.527 13.177  1.00 45.45 ? 119 SER A O   1 
ATOM   855  C  CB  . SER A 1 125 ? -5.252  -12.383 13.092  1.00 43.22 ? 119 SER A CB  1 
ATOM   856  O  OG  . SER A 1 125 ? -6.180  -11.354 13.381  1.00 44.56 ? 119 SER A OG  1 
ATOM   857  N  N   . GLY A 1 126 ? -2.458  -13.076 10.976  1.00 43.67 ? 120 GLY A N   1 
ATOM   858  C  CA  . GLY A 1 126 ? -1.351  -13.993 10.725  1.00 42.77 ? 120 GLY A CA  1 
ATOM   859  C  C   . GLY A 1 126 ? -0.023  -13.366 11.102  1.00 43.52 ? 120 GLY A C   1 
ATOM   860  O  O   . GLY A 1 126 ? 0.057   -12.163 11.348  1.00 43.61 ? 120 GLY A O   1 
ATOM   861  N  N   . ARG A 1 127 ? 1.023   -14.186 11.150  1.00 43.98 ? 121 ARG A N   1 
ATOM   862  C  CA  . ARG A 1 127 ? 2.373   -13.703 11.432  1.00 43.60 ? 121 ARG A CA  1 
ATOM   863  C  C   . ARG A 1 127 ? 2.828   -12.754 10.317  1.00 42.51 ? 121 ARG A C   1 
ATOM   864  O  O   . ARG A 1 127 ? 2.454   -12.949 9.160   1.00 42.66 ? 121 ARG A O   1 
ATOM   865  C  CB  . ARG A 1 127 ? 3.350   -14.879 11.556  1.00 45.09 ? 121 ARG A CB  1 
ATOM   866  C  CG  . ARG A 1 127 ? 2.852   -16.055 12.390  1.00 45.62 ? 121 ARG A CG  1 
ATOM   867  C  CD  . ARG A 1 127 ? 2.636   -15.678 13.849  1.00 46.86 ? 121 ARG A CD  1 
ATOM   868  N  NE  . ARG A 1 127 ? 2.587   -16.859 14.708  1.00 49.05 ? 121 ARG A NE  1 
ATOM   869  C  CZ  . ARG A 1 127 ? 2.300   -16.842 16.008  1.00 49.25 ? 121 ARG A CZ  1 
ATOM   870  N  NH1 . ARG A 1 127 ? 2.023   -15.699 16.625  1.00 49.55 ? 121 ARG A NH1 1 
ATOM   871  N  NH2 . ARG A 1 127 ? 2.292   -17.976 16.695  1.00 49.92 ? 121 ARG A NH2 1 
ATOM   872  N  N   . PRO A 1 128 ? 3.616   -11.715 10.663  1.00 40.92 ? 122 PRO A N   1 
ATOM   873  C  CA  . PRO A 1 128 ? 4.155   -10.798 9.653   1.00 39.24 ? 122 PRO A CA  1 
ATOM   874  C  C   . PRO A 1 128 ? 4.931   -11.529 8.553   1.00 37.45 ? 122 PRO A C   1 
ATOM   875  O  O   . PRO A 1 128 ? 5.931   -12.194 8.832   1.00 36.14 ? 122 PRO A O   1 
ATOM   876  C  CB  . PRO A 1 128 ? 5.091   -9.882  10.458  1.00 40.27 ? 122 PRO A CB  1 
ATOM   877  C  CG  . PRO A 1 128 ? 5.242   -10.527 11.800  1.00 41.23 ? 122 PRO A CG  1 
ATOM   878  C  CD  . PRO A 1 128 ? 3.972   -11.287 12.025  1.00 41.59 ? 122 PRO A CD  1 
ATOM   879  N  N   . TYR A 1 129 ? 4.453   -11.411 7.316   1.00 34.95 ? 123 TYR A N   1 
ATOM   880  C  CA  . TYR A 1 129 ? 5.060   -12.103 6.180   1.00 32.78 ? 123 TYR A CA  1 
ATOM   881  C  C   . TYR A 1 129 ? 4.607   -11.485 4.865   1.00 31.78 ? 123 TYR A C   1 
ATOM   882  O  O   . TYR A 1 129 ? 3.476   -11.010 4.745   1.00 31.39 ? 123 TYR A O   1 
ATOM   883  C  CB  . TYR A 1 129 ? 4.704   -13.600 6.201   1.00 31.95 ? 123 TYR A CB  1 
ATOM   884  C  CG  . TYR A 1 129 ? 5.835   -14.502 5.746   1.00 31.76 ? 123 TYR A CG  1 
ATOM   885  C  CD1 . TYR A 1 129 ? 6.032   -14.783 4.393   1.00 31.50 ? 123 TYR A CD1 1 
ATOM   886  C  CD2 . TYR A 1 129 ? 6.715   -15.066 6.670   1.00 31.69 ? 123 TYR A CD2 1 
ATOM   887  C  CE1 . TYR A 1 129 ? 7.071   -15.604 3.975   1.00 31.45 ? 123 TYR A CE1 1 
ATOM   888  C  CE2 . TYR A 1 129 ? 7.754   -15.888 6.265   1.00 31.59 ? 123 TYR A CE2 1 
ATOM   889  C  CZ  . TYR A 1 129 ? 7.930   -16.155 4.917   1.00 32.10 ? 123 TYR A CZ  1 
ATOM   890  O  OH  . TYR A 1 129 ? 8.965   -16.971 4.513   1.00 31.62 ? 123 TYR A OH  1 
ATOM   891  N  N   . CYS A 1 130 ? 5.494   -11.496 3.879   1.00 30.84 ? 124 CYS A N   1 
ATOM   892  C  CA  . CYS A 1 130 ? 5.158   -11.011 2.549   1.00 30.41 ? 124 CYS A CA  1 
ATOM   893  C  C   . CYS A 1 130 ? 5.729   -11.926 1.480   1.00 29.57 ? 124 CYS A C   1 
ATOM   894  O  O   . CYS A 1 130 ? 6.920   -12.239 1.493   1.00 29.29 ? 124 CYS A O   1 
ATOM   895  C  CB  . CYS A 1 130 ? 5.652   -9.575  2.347   1.00 30.91 ? 124 CYS A CB  1 
ATOM   896  S  SG  . CYS A 1 130 ? 5.232   -8.858  0.738   1.00 32.77 ? 124 CYS A SG  1 
ATOM   897  N  N   . VAL A 1 131 ? 4.864   -12.375 0.574   1.00 28.77 ? 125 VAL A N   1 
ATOM   898  C  CA  . VAL A 1 131 ? 5.300   -13.104 -0.614  1.00 28.56 ? 125 VAL A CA  1 
ATOM   899  C  C   . VAL A 1 131 ? 4.817   -12.347 -1.850  1.00 28.95 ? 125 VAL A C   1 
ATOM   900  O  O   . VAL A 1 131 ? 3.625   -12.055 -1.997  1.00 28.79 ? 125 VAL A O   1 
ATOM   901  C  CB  . VAL A 1 131 ? 4.805   -14.570 -0.636  1.00 28.35 ? 125 VAL A CB  1 
ATOM   902  C  CG1 . VAL A 1 131 ? 5.354   -15.305 -1.851  1.00 28.21 ? 125 VAL A CG1 1 
ATOM   903  C  CG2 . VAL A 1 131 ? 5.221   -15.299 0.633   1.00 27.98 ? 125 VAL A CG2 1 
ATOM   904  N  N   . HIS A 1 132 ? 5.761   -12.020 -2.722  1.00 28.93 ? 126 HIS A N   1 
ATOM   905  C  CA  . HIS A 1 132 ? 5.480   -11.243 -3.917  1.00 29.47 ? 126 HIS A CA  1 
ATOM   906  C  C   . HIS A 1 132 ? 5.968   -12.010 -5.112  1.00 29.67 ? 126 HIS A C   1 
ATOM   907  O  O   . HIS A 1 132 ? 7.171   -12.215 -5.267  1.00 30.31 ? 126 HIS A O   1 
ATOM   908  C  CB  . HIS A 1 132 ? 6.155   -9.879  -3.801  1.00 29.02 ? 126 HIS A CB  1 
ATOM   909  C  CG  . HIS A 1 132 ? 5.977   -8.999  -5.011  1.00 29.06 ? 126 HIS A CG  1 
ATOM   910  N  ND1 . HIS A 1 132 ? 7.018   -8.521  -5.714  1.00 29.10 ? 126 HIS A ND1 1 
ATOM   911  C  CD2 . HIS A 1 132 ? 4.829   -8.511  -5.627  1.00 28.64 ? 126 HIS A CD2 1 
ATOM   912  C  CE1 . HIS A 1 132 ? 6.565   -7.767  -6.732  1.00 29.13 ? 126 HIS A CE1 1 
ATOM   913  N  NE2 . HIS A 1 132 ? 5.225   -7.764  -6.679  1.00 28.49 ? 126 HIS A NE2 1 
ATOM   914  N  N   . THR A 1 133 ? 5.038   -12.461 -5.955  1.00 29.59 ? 127 THR A N   1 
ATOM   915  C  CA  . THR A 1 133 ? 5.377   -13.317 -7.098  1.00 29.53 ? 127 THR A CA  1 
ATOM   916  C  C   . THR A 1 133 ? 4.702   -12.900 -8.401  1.00 29.76 ? 127 THR A C   1 
ATOM   917  O  O   . THR A 1 133 ? 3.688   -12.198 -8.391  1.00 29.31 ? 127 THR A O   1 
ATOM   918  C  CB  . THR A 1 133 ? 5.003   -14.794 -6.839  1.00 29.70 ? 127 THR A CB  1 
ATOM   919  O  OG1 . THR A 1 133 ? 3.621   -14.880 -6.463  1.00 29.22 ? 127 THR A OG1 1 
ATOM   920  C  CG2 . THR A 1 133 ? 5.879   -15.404 -5.741  1.00 30.10 ? 127 THR A CG2 1 
ATOM   921  N  N   . GLY A 1 134 ? 5.274   -13.347 -9.518  1.00 29.51 ? 128 GLY A N   1 
ATOM   922  C  CA  . GLY A 1 134 ? 4.643   -13.235 -10.831 1.00 29.37 ? 128 GLY A CA  1 
ATOM   923  C  C   . GLY A 1 134 ? 4.930   -11.958 -11.599 1.00 29.52 ? 128 GLY A C   1 
ATOM   924  O  O   . GLY A 1 134 ? 4.620   -11.863 -12.785 1.00 29.48 ? 128 GLY A O   1 
ATOM   925  N  N   . GLU A 1 135 ? 5.514   -10.970 -10.930 1.00 29.94 ? 129 GLU A N   1 
ATOM   926  C  CA  . GLU A 1 135 ? 5.846   -9.713  -11.586 1.00 30.41 ? 129 GLU A CA  1 
ATOM   927  C  C   . GLU A 1 135 ? 6.903   -9.948  -12.669 1.00 30.93 ? 129 GLU A C   1 
ATOM   928  O  O   . GLU A 1 135 ? 7.968   -10.498 -12.377 1.00 31.41 ? 129 GLU A O   1 
ATOM   929  C  CB  . GLU A 1 135 ? 6.342   -8.699  -10.558 1.00 30.70 ? 129 GLU A CB  1 
ATOM   930  C  CG  . GLU A 1 135 ? 5.978   -7.266  -10.887 1.00 30.04 ? 129 GLU A CG  1 
ATOM   931  C  CD  . GLU A 1 135 ? 6.519   -6.287  -9.869  1.00 30.05 ? 129 GLU A CD  1 
ATOM   932  O  OE1 . GLU A 1 135 ? 7.734   -6.339  -9.580  1.00 29.30 ? 129 GLU A OE1 1 
ATOM   933  O  OE2 . GLU A 1 135 ? 5.728   -5.463  -9.365  1.00 30.62 ? 129 GLU A OE2 1 
ATOM   934  N  N   . PRO A 1 136 ? 6.604   -9.556  -13.926 1.00 31.40 ? 130 PRO A N   1 
ATOM   935  C  CA  . PRO A 1 136 ? 7.542   -9.733  -15.043 1.00 32.13 ? 130 PRO A CA  1 
ATOM   936  C  C   . PRO A 1 136 ? 8.917   -9.131  -14.763 1.00 32.61 ? 130 PRO A C   1 
ATOM   937  O  O   . PRO A 1 136 ? 9.020   -8.116  -14.067 1.00 31.96 ? 130 PRO A O   1 
ATOM   938  C  CB  . PRO A 1 136 ? 6.861   -8.985  -16.191 1.00 31.75 ? 130 PRO A CB  1 
ATOM   939  C  CG  . PRO A 1 136 ? 5.409   -9.080  -15.877 1.00 31.67 ? 130 PRO A CG  1 
ATOM   940  C  CD  . PRO A 1 136 ? 5.322   -8.980  -14.380 1.00 31.19 ? 130 PRO A CD  1 
ATOM   941  N  N   . ASP A 1 137 ? 9.953   -9.759  -15.319 1.00 33.88 ? 131 ASP A N   1 
ATOM   942  C  CA  . ASP A 1 137 ? 11.349  -9.422  -15.027 1.00 34.87 ? 131 ASP A CA  1 
ATOM   943  C  C   . ASP A 1 137 ? 11.750  -7.988  -15.355 1.00 33.68 ? 131 ASP A C   1 
ATOM   944  O  O   . ASP A 1 137 ? 12.658  -7.447  -14.726 1.00 32.66 ? 131 ASP A O   1 
ATOM   945  C  CB  . ASP A 1 137 ? 12.303  -10.383 -15.753 1.00 37.19 ? 131 ASP A CB  1 
ATOM   946  C  CG  . ASP A 1 137 ? 12.354  -11.764 -15.118 1.00 39.42 ? 131 ASP A CG  1 
ATOM   947  O  OD1 . ASP A 1 137 ? 11.810  -11.956 -14.008 1.00 40.73 ? 131 ASP A OD1 1 
ATOM   948  O  OD2 . ASP A 1 137 ? 12.952  -12.668 -15.737 1.00 41.04 ? 131 ASP A OD2 1 
ATOM   949  N  N   . HIS A 1 138 ? 11.091  -7.375  -16.337 1.00 33.53 ? 132 HIS A N   1 
ATOM   950  C  CA  . HIS A 1 138 ? 11.472  -6.024  -16.761 1.00 33.95 ? 132 HIS A CA  1 
ATOM   951  C  C   . HIS A 1 138 ? 11.103  -4.953  -15.764 1.00 32.97 ? 132 HIS A C   1 
ATOM   952  O  O   . HIS A 1 138 ? 11.611  -3.834  -15.835 1.00 32.57 ? 132 HIS A O   1 
ATOM   953  C  CB  . HIS A 1 138 ? 10.980  -5.698  -18.178 1.00 34.46 ? 132 HIS A CB  1 
ATOM   954  C  CG  . HIS A 1 138 ? 9.476   -5.721  -18.340 1.00 35.21 ? 132 HIS A CG  1 
ATOM   955  N  ND1 . HIS A 1 138 ? 8.793   -6.851  -18.602 1.00 35.93 ? 132 HIS A ND1 1 
ATOM   956  C  CD2 . HIS A 1 138 ? 8.535   -4.693  -18.305 1.00 35.70 ? 132 HIS A CD2 1 
ATOM   957  C  CE1 . HIS A 1 138 ? 7.481   -6.569  -18.710 1.00 36.01 ? 132 HIS A CE1 1 
ATOM   958  N  NE2 . HIS A 1 138 ? 7.324   -5.246  -18.530 1.00 36.00 ? 132 HIS A NE2 1 
ATOM   959  N  N   . LEU A 1 139 ? 10.234  -5.292  -14.811 1.00 32.33 ? 133 LEU A N   1 
ATOM   960  C  CA  . LEU A 1 139 ? 9.889   -4.367  -13.729 1.00 31.98 ? 133 LEU A CA  1 
ATOM   961  C  C   . LEU A 1 139 ? 10.981  -4.244  -12.670 1.00 31.36 ? 133 LEU A C   1 
ATOM   962  O  O   . LEU A 1 139 ? 10.927  -3.352  -11.823 1.00 31.52 ? 133 LEU A O   1 
ATOM   963  C  CB  . LEU A 1 139 ? 8.539   -4.722  -13.094 1.00 32.32 ? 133 LEU A CB  1 
ATOM   964  C  CG  . LEU A 1 139 ? 7.341   -3.994  -13.715 1.00 32.48 ? 133 LEU A CG  1 
ATOM   965  C  CD1 . LEU A 1 139 ? 6.920   -4.623  -15.038 1.00 32.76 ? 133 LEU A CD1 1 
ATOM   966  C  CD2 . LEU A 1 139 ? 6.179   -3.963  -12.741 1.00 32.14 ? 133 LEU A CD2 1 
ATOM   967  N  N   . GLN A 1 140 ? 11.978  -5.125  -12.736 1.00 31.25 ? 134 GLN A N   1 
ATOM   968  C  CA  . GLN A 1 140 ? 13.175  -5.016  -11.898 1.00 31.37 ? 134 GLN A CA  1 
ATOM   969  C  C   . GLN A 1 140 ? 14.050  -3.826  -12.276 1.00 30.57 ? 134 GLN A C   1 
ATOM   970  O  O   . GLN A 1 140 ? 14.901  -3.411  -11.490 1.00 30.37 ? 134 GLN A O   1 
ATOM   971  C  CB  . GLN A 1 140 ? 14.023  -6.283  -12.000 1.00 33.86 ? 134 GLN A CB  1 
ATOM   972  C  CG  . GLN A 1 140 ? 13.528  -7.460  -11.179 1.00 36.53 ? 134 GLN A CG  1 
ATOM   973  C  CD  . GLN A 1 140 ? 14.540  -8.590  -11.140 1.00 38.52 ? 134 GLN A CD  1 
ATOM   974  O  OE1 . GLN A 1 140 ? 15.290  -8.807  -12.094 1.00 40.60 ? 134 GLN A OE1 1 
ATOM   975  N  NE2 . GLN A 1 140 ? 14.569  -9.314  -10.032 1.00 40.05 ? 134 GLN A NE2 1 
ATOM   976  N  N   . HIS A 1 141 ? 13.857  -3.295  -13.484 1.00 29.65 ? 135 HIS A N   1 
ATOM   977  C  CA  . HIS A 1 141 ? 14.665  -2.177  -13.981 1.00 29.41 ? 135 HIS A CA  1 
ATOM   978  C  C   . HIS A 1 141 ? 13.873  -1.162  -14.767 1.00 28.96 ? 135 HIS A C   1 
ATOM   979  O  O   . HIS A 1 141 ? 14.438  -0.399  -15.558 1.00 28.98 ? 135 HIS A O   1 
ATOM   980  C  CB  . HIS A 1 141 ? 15.846  -2.688  -14.808 1.00 29.61 ? 135 HIS A CB  1 
ATOM   981  C  CG  . HIS A 1 141 ? 15.446  -3.561  -15.975 1.00 30.40 ? 135 HIS A CG  1 
ATOM   982  N  ND1 . HIS A 1 141 ? 15.060  -3.053  -17.165 1.00 30.16 ? 135 HIS A ND1 1 
ATOM   983  C  CD2 . HIS A 1 141 ? 15.389  -4.948  -16.102 1.00 30.17 ? 135 HIS A CD2 1 
ATOM   984  C  CE1 . HIS A 1 141 ? 14.769  -4.064  -18.008 1.00 30.22 ? 135 HIS A CE1 1 
ATOM   985  N  NE2 . HIS A 1 141 ? 14.969  -5.222  -17.356 1.00 30.24 ? 135 HIS A NE2 1 
ATOM   986  N  N   . THR A 1 142 ? 12.560  -1.140  -14.551 1.00 27.62 ? 136 THR A N   1 
ATOM   987  C  CA  . THR A 1 142 ? 11.687  -0.175  -15.211 1.00 27.58 ? 136 THR A CA  1 
ATOM   988  C  C   . THR A 1 142 ? 11.555  1.111   -14.391 1.00 27.62 ? 136 THR A C   1 
ATOM   989  O  O   . THR A 1 142 ? 11.470  1.078   -13.161 1.00 26.84 ? 136 THR A O   1 
ATOM   990  C  CB  . THR A 1 142 ? 10.292  -0.779  -15.507 1.00 27.52 ? 136 THR A CB  1 
ATOM   991  O  OG1 . THR A 1 142 ? 10.380  -1.665  -16.631 1.00 27.39 ? 136 THR A OG1 1 
ATOM   992  C  CG2 . THR A 1 142 ? 9.260   0.309   -15.814 1.00 26.83 ? 136 THR A CG2 1 
ATOM   993  N  N   . THR A 1 143 ? 11.549  2.238   -15.092 1.00 28.41 ? 137 THR A N   1 
ATOM   994  C  CA  . THR A 1 143 ? 11.305  3.534   -14.481 1.00 29.45 ? 137 THR A CA  1 
ATOM   995  C  C   . THR A 1 143 ? 10.026  4.132   -15.053 1.00 29.60 ? 137 THR A C   1 
ATOM   996  O  O   . THR A 1 143 ? 9.836   4.177   -16.271 1.00 29.79 ? 137 THR A O   1 
ATOM   997  C  CB  . THR A 1 143 ? 12.491  4.490   -14.720 1.00 29.50 ? 137 THR A CB  1 
ATOM   998  O  OG1 . THR A 1 143 ? 13.683  3.889   -14.206 1.00 29.31 ? 137 THR A OG1 1 
ATOM   999  C  CG2 . THR A 1 143 ? 12.269  5.831   -14.030 1.00 28.88 ? 137 THR A CG2 1 
ATOM   1000 N  N   . ILE A 1 144 ? 9.143   4.560   -14.158 1.00 29.35 ? 138 ILE A N   1 
ATOM   1001 C  CA  . ILE A 1 144 ? 7.962   5.319   -14.537 1.00 29.32 ? 138 ILE A CA  1 
ATOM   1002 C  C   . ILE A 1 144 ? 8.281   6.788   -14.270 1.00 29.69 ? 138 ILE A C   1 
ATOM   1003 O  O   . ILE A 1 144 ? 8.428   7.205   -13.119 1.00 29.24 ? 138 ILE A O   1 
ATOM   1004 C  CB  . ILE A 1 144 ? 6.709   4.840   -13.771 1.00 29.38 ? 138 ILE A CB  1 
ATOM   1005 C  CG1 . ILE A 1 144 ? 6.349   3.412   -14.208 1.00 29.05 ? 138 ILE A CG1 1 
ATOM   1006 C  CG2 . ILE A 1 144 ? 5.540   5.794   -13.993 1.00 28.59 ? 138 ILE A CG2 1 
ATOM   1007 C  CD1 . ILE A 1 144 ? 5.273   2.743   -13.376 1.00 28.94 ? 138 ILE A CD1 1 
ATOM   1008 N  N   . ALA A 1 145 ? 8.409   7.556   -15.347 1.00 29.74 ? 139 ALA A N   1 
ATOM   1009 C  CA  . ALA A 1 145 ? 8.949   8.910   -15.268 1.00 30.12 ? 139 ALA A CA  1 
ATOM   1010 C  C   . ALA A 1 145 ? 8.015   9.963   -15.852 1.00 30.29 ? 139 ALA A C   1 
ATOM   1011 O  O   . ALA A 1 145 ? 7.500   9.811   -16.959 1.00 30.37 ? 139 ALA A O   1 
ATOM   1012 C  CB  . ALA A 1 145 ? 10.310  8.971   -15.948 1.00 29.41 ? 139 ALA A CB  1 
ATOM   1013 N  N   . GLY A 1 146 ? 7.807   11.028  -15.086 1.00 31.38 ? 140 GLY A N   1 
ATOM   1014 C  CA  . GLY A 1 146 ? 7.053   12.188  -15.540 1.00 31.77 ? 140 GLY A CA  1 
ATOM   1015 C  C   . GLY A 1 146 ? 7.901   13.439  -15.431 1.00 32.94 ? 140 GLY A C   1 
ATOM   1016 O  O   . GLY A 1 146 ? 9.116   13.389  -15.627 1.00 32.90 ? 140 GLY A O   1 
ATOM   1017 N  N   . SER A 1 147 ? 7.262   14.560  -15.105 1.00 32.93 ? 141 SER A N   1 
ATOM   1018 C  CA  . SER A 1 147 ? 7.948   15.850  -15.029 1.00 33.28 ? 141 SER A CA  1 
ATOM   1019 C  C   . SER A 1 147 ? 8.607   16.094  -13.668 1.00 34.08 ? 141 SER A C   1 
ATOM   1020 O  O   . SER A 1 147 ? 9.228   17.139  -13.454 1.00 34.50 ? 141 SER A O   1 
ATOM   1021 C  CB  . SER A 1 147 ? 6.974   16.987  -15.353 1.00 33.66 ? 141 SER A CB  1 
ATOM   1022 O  OG  . SER A 1 147 ? 5.898   17.014  -14.431 1.00 33.63 ? 141 SER A OG  1 
ATOM   1023 N  N   . SER A 1 148 ? 8.471   15.129  -12.761 1.00 33.22 ? 142 SER A N   1 
ATOM   1024 C  CA  . SER A 1 148 ? 8.967   15.265  -11.394 1.00 33.43 ? 142 SER A CA  1 
ATOM   1025 C  C   . SER A 1 148 ? 9.939   14.131  -11.024 1.00 32.51 ? 142 SER A C   1 
ATOM   1026 O  O   . SER A 1 148 ? 10.711  13.677  -11.868 1.00 32.07 ? 142 SER A O   1 
ATOM   1027 C  CB  . SER A 1 148 ? 7.781   15.331  -10.421 1.00 33.90 ? 142 SER A CB  1 
ATOM   1028 O  OG  . SER A 1 148 ? 8.217   15.478  -9.084  1.00 34.98 ? 142 SER A OG  1 
ATOM   1029 N  N   . VAL A 1 149 ? 9.906   13.697  -9.764  1.00 31.36 ? 143 VAL A N   1 
ATOM   1030 C  CA  . VAL A 1 149 ? 10.736  12.592  -9.272  1.00 30.08 ? 143 VAL A CA  1 
ATOM   1031 C  C   . VAL A 1 149 ? 10.162  11.272  -9.792  1.00 29.19 ? 143 VAL A C   1 
ATOM   1032 O  O   . VAL A 1 149 ? 8.982   10.994  -9.580  1.00 29.47 ? 143 VAL A O   1 
ATOM   1033 C  CB  . VAL A 1 149 ? 10.781  12.574  -7.723  1.00 30.03 ? 143 VAL A CB  1 
ATOM   1034 C  CG1 . VAL A 1 149 ? 11.594  11.393  -7.201  1.00 29.06 ? 143 VAL A CG1 1 
ATOM   1035 C  CG2 . VAL A 1 149 ? 11.331  13.891  -7.180  1.00 29.78 ? 143 VAL A CG2 1 
ATOM   1036 N  N   . PRO A 1 150 ? 10.990  10.456  -10.475 1.00 28.77 ? 144 PRO A N   1 
ATOM   1037 C  CA  . PRO A 1 150 ? 10.507  9.208   -11.077 1.00 28.27 ? 144 PRO A CA  1 
ATOM   1038 C  C   . PRO A 1 150 ? 10.303  8.078   -10.063 1.00 28.13 ? 144 PRO A C   1 
ATOM   1039 O  O   . PRO A 1 150 ? 10.706  8.200   -8.905  1.00 27.77 ? 144 PRO A O   1 
ATOM   1040 C  CB  . PRO A 1 150 ? 11.625  8.846   -12.054 1.00 28.69 ? 144 PRO A CB  1 
ATOM   1041 C  CG  . PRO A 1 150 ? 12.852  9.405   -11.424 1.00 28.55 ? 144 PRO A CG  1 
ATOM   1042 C  CD  . PRO A 1 150 ? 12.418  10.688  -10.773 1.00 28.69 ? 144 PRO A CD  1 
ATOM   1043 N  N   . TYR A 1 151 ? 9.692   6.985   -10.522 1.00 27.71 ? 145 TYR A N   1 
ATOM   1044 C  CA  . TYR A 1 151 ? 9.378   5.826   -9.692  1.00 27.74 ? 145 TYR A CA  1 
ATOM   1045 C  C   . TYR A 1 151 ? 9.940   4.565   -10.350 1.00 27.62 ? 145 TYR A C   1 
ATOM   1046 O  O   . TYR A 1 151 ? 9.565   4.225   -11.474 1.00 27.76 ? 145 TYR A O   1 
ATOM   1047 C  CB  . TYR A 1 151 ? 7.855   5.722   -9.523  1.00 27.81 ? 145 TYR A CB  1 
ATOM   1048 C  CG  . TYR A 1 151 ? 7.342   4.568   -8.679  1.00 27.57 ? 145 TYR A CG  1 
ATOM   1049 C  CD1 . TYR A 1 151 ? 7.150   3.300   -9.234  1.00 27.53 ? 145 TYR A CD1 1 
ATOM   1050 C  CD2 . TYR A 1 151 ? 7.007   4.755   -7.338  1.00 27.77 ? 145 TYR A CD2 1 
ATOM   1051 C  CE1 . TYR A 1 151 ? 6.663   2.250   -8.473  1.00 26.94 ? 145 TYR A CE1 1 
ATOM   1052 C  CE2 . TYR A 1 151 ? 6.517   3.709   -6.567  1.00 27.48 ? 145 TYR A CE2 1 
ATOM   1053 C  CZ  . TYR A 1 151 ? 6.343   2.462   -7.142  1.00 27.26 ? 145 TYR A CZ  1 
ATOM   1054 O  OH  . TYR A 1 151 ? 5.862   1.421   -6.380  1.00 27.41 ? 145 TYR A OH  1 
ATOM   1055 N  N   . HIS A 1 152 ? 10.851  3.890   -9.651  1.00 27.42 ? 146 HIS A N   1 
ATOM   1056 C  CA  . HIS A 1 152 ? 11.451  2.644   -10.139 1.00 27.60 ? 146 HIS A CA  1 
ATOM   1057 C  C   . HIS A 1 152 ? 10.648  1.487   -9.634  1.00 27.33 ? 146 HIS A C   1 
ATOM   1058 O  O   . HIS A 1 152 ? 10.560  1.271   -8.427  1.00 26.63 ? 146 HIS A O   1 
ATOM   1059 C  CB  . HIS A 1 152 ? 12.902  2.514   -9.682  1.00 28.19 ? 146 HIS A CB  1 
ATOM   1060 C  CG  . HIS A 1 152 ? 13.767  3.685   -10.071 1.00 28.81 ? 146 HIS A CG  1 
ATOM   1061 N  ND1 . HIS A 1 152 ? 14.340  4.496   -9.163  1.00 29.71 ? 146 HIS A ND1 1 
ATOM   1062 C  CD2 . HIS A 1 152 ? 14.129  4.178   -11.322 1.00 28.51 ? 146 HIS A CD2 1 
ATOM   1063 C  CE1 . HIS A 1 152 ? 15.040  5.453   -9.797  1.00 29.27 ? 146 HIS A CE1 1 
ATOM   1064 N  NE2 . HIS A 1 152 ? 14.911  5.257   -11.119 1.00 29.47 ? 146 HIS A NE2 1 
ATOM   1065 N  N   . THR A 1 153 ? 10.053  0.735   -10.559 1.00 27.29 ? 147 THR A N   1 
ATOM   1066 C  CA  . THR A 1 153 ? 9.086   -0.312  -10.215 1.00 26.75 ? 147 THR A CA  1 
ATOM   1067 C  C   . THR A 1 153 ? 9.665   -1.457  -9.380  1.00 26.90 ? 147 THR A C   1 
ATOM   1068 O  O   . THR A 1 153 ? 8.919   -2.187  -8.735  1.00 26.84 ? 147 THR A O   1 
ATOM   1069 C  CB  . THR A 1 153 ? 8.386   -0.881  -11.467 1.00 26.95 ? 147 THR A CB  1 
ATOM   1070 O  OG1 . THR A 1 153 ? 9.367   -1.295  -12.425 1.00 26.80 ? 147 THR A OG1 1 
ATOM   1071 C  CG2 . THR A 1 153 ? 7.484   0.171   -12.090 1.00 26.71 ? 147 THR A CG2 1 
ATOM   1072 N  N   . VAL A 1 154 ? 10.989  -1.597  -9.384  1.00 26.61 ? 148 VAL A N   1 
ATOM   1073 C  CA  . VAL A 1 154 ? 11.674  -2.570  -8.531  1.00 26.63 ? 148 VAL A CA  1 
ATOM   1074 C  C   . VAL A 1 154 ? 11.275  -2.377  -7.056  1.00 26.64 ? 148 VAL A C   1 
ATOM   1075 O  O   . VAL A 1 154 ? 11.296  -3.326  -6.265  1.00 26.01 ? 148 VAL A O   1 
ATOM   1076 C  CB  . VAL A 1 154 ? 13.212  -2.503  -8.742  1.00 26.81 ? 148 VAL A CB  1 
ATOM   1077 C  CG1 . VAL A 1 154 ? 13.800  -1.212  -8.179  1.00 26.33 ? 148 VAL A CG1 1 
ATOM   1078 C  CG2 . VAL A 1 154 ? 13.911  -3.737  -8.176  1.00 26.24 ? 148 VAL A CG2 1 
ATOM   1079 N  N   . ILE A 1 155 ? 10.872  -1.152  -6.714  1.00 26.46 ? 149 ILE A N   1 
ATOM   1080 C  CA  . ILE A 1 155 ? 10.455  -0.799  -5.356  1.00 26.85 ? 149 ILE A CA  1 
ATOM   1081 C  C   . ILE A 1 155 ? 9.088   -1.378  -4.949  1.00 26.86 ? 149 ILE A C   1 
ATOM   1082 O  O   . ILE A 1 155 ? 8.758   -1.384  -3.760  1.00 26.81 ? 149 ILE A O   1 
ATOM   1083 C  CB  . ILE A 1 155 ? 10.482  0.741   -5.140  1.00 26.71 ? 149 ILE A CB  1 
ATOM   1084 C  CG1 . ILE A 1 155 ? 10.763  1.097   -3.675  1.00 27.20 ? 149 ILE A CG1 1 
ATOM   1085 C  CG2 . ILE A 1 155 ? 9.190   1.392   -5.613  1.00 26.38 ? 149 ILE A CG2 1 
ATOM   1086 C  CD1 . ILE A 1 155 ? 12.194  0.859   -3.239  1.00 27.87 ? 149 ILE A CD1 1 
ATOM   1087 N  N   . ASN A 1 156 ? 8.299   -1.856  -5.919  1.00 26.99 ? 150 ASN A N   1 
ATOM   1088 C  CA  . ASN A 1 156 ? 6.972   -2.424  -5.618  1.00 26.92 ? 150 ASN A CA  1 
ATOM   1089 C  C   . ASN A 1 156 ? 7.040   -3.445  -4.484  1.00 26.77 ? 150 ASN A C   1 
ATOM   1090 O  O   . ASN A 1 156 ? 6.321   -3.329  -3.494  1.00 26.37 ? 150 ASN A O   1 
ATOM   1091 C  CB  . ASN A 1 156 ? 6.327   -3.088  -6.844  1.00 26.77 ? 150 ASN A CB  1 
ATOM   1092 C  CG  . ASN A 1 156 ? 5.964   -2.107  -7.948  1.00 27.05 ? 150 ASN A CG  1 
ATOM   1093 O  OD1 . ASN A 1 156 ? 5.699   -2.521  -9.082  1.00 27.11 ? 150 ASN A OD1 1 
ATOM   1094 N  ND2 . ASN A 1 156 ? 5.945   -0.815  -7.637  1.00 25.76 ? 150 ASN A ND2 1 
ATOM   1095 N  N   . ARG A 1 157 ? 7.915   -4.438  -4.643  1.00 27.32 ? 151 ARG A N   1 
ATOM   1096 C  CA  . ARG A 1 157 ? 8.096   -5.491  -3.646  1.00 28.02 ? 151 ARG A CA  1 
ATOM   1097 C  C   . ARG A 1 157 ? 8.470   -4.911  -2.284  1.00 27.92 ? 151 ARG A C   1 
ATOM   1098 O  O   . ARG A 1 157 ? 7.951   -5.339  -1.253  1.00 28.09 ? 151 ARG A O   1 
ATOM   1099 C  CB  . ARG A 1 157 ? 9.173   -6.484  -4.099  1.00 28.27 ? 151 ARG A CB  1 
ATOM   1100 C  CG  . ARG A 1 157 ? 9.395   -7.633  -3.122  1.00 29.34 ? 151 ARG A CG  1 
ATOM   1101 C  CD  . ARG A 1 157 ? 10.346  -8.677  -3.682  1.00 29.39 ? 151 ARG A CD  1 
ATOM   1102 N  NE  . ARG A 1 157 ? 9.743   -9.402  -4.794  1.00 29.53 ? 151 ARG A NE  1 
ATOM   1103 C  CZ  . ARG A 1 157 ? 10.299  -10.439 -5.414  1.00 30.66 ? 151 ARG A CZ  1 
ATOM   1104 N  NH1 . ARG A 1 157 ? 11.489  -10.890 -5.038  1.00 30.32 ? 151 ARG A NH1 1 
ATOM   1105 N  NH2 . ARG A 1 157 ? 9.661   -11.025 -6.418  1.00 30.93 ? 151 ARG A NH2 1 
ATOM   1106 N  N   . HIS A 1 158 ? 9.374   -3.937  -2.303  1.00 28.30 ? 152 HIS A N   1 
ATOM   1107 C  CA  . HIS A 1 158 ? 9.847   -3.269  -1.095  1.00 28.99 ? 152 HIS A CA  1 
ATOM   1108 C  C   . HIS A 1 158 ? 8.707   -2.646  -0.330  1.00 28.70 ? 152 HIS A C   1 
ATOM   1109 O  O   . HIS A 1 158 ? 8.634   -2.772  0.893   1.00 28.46 ? 152 HIS A O   1 
ATOM   1110 C  CB  . HIS A 1 158 ? 10.878  -2.208  -1.470  1.00 29.28 ? 152 HIS A CB  1 
ATOM   1111 C  CG  . HIS A 1 158 ? 11.827  -1.848  -0.351  1.00 30.31 ? 152 HIS A CG  1 
ATOM   1112 N  ND1 . HIS A 1 158 ? 11.574  -2.129  0.938   1.00 30.84 ? 152 HIS A ND1 1 
ATOM   1113 C  CD2 . HIS A 1 158 ? 13.046  -1.179  -0.374  1.00 30.24 ? 152 HIS A CD2 1 
ATOM   1114 C  CE1 . HIS A 1 158 ? 12.587  -1.681  1.700   1.00 31.27 ? 152 HIS A CE1 1 
ATOM   1115 N  NE2 . HIS A 1 158 ? 13.485  -1.094  0.896   1.00 30.74 ? 152 HIS A NE2 1 
ATOM   1116 N  N   . VAL A 1 159 ? 7.811   -1.970  -1.049  1.00 28.55 ? 153 VAL A N   1 
ATOM   1117 C  CA  . VAL A 1 159 ? 6.632   -1.330  -0.452  1.00 28.15 ? 153 VAL A CA  1 
ATOM   1118 C  C   . VAL A 1 159 ? 5.766   -2.362  0.267   1.00 28.28 ? 153 VAL A C   1 
ATOM   1119 O  O   . VAL A 1 159 ? 5.418   -2.180  1.439   1.00 28.20 ? 153 VAL A O   1 
ATOM   1120 C  CB  . VAL A 1 159 ? 5.794   -0.580  -1.516  1.00 28.05 ? 153 VAL A CB  1 
ATOM   1121 C  CG1 . VAL A 1 159 ? 4.463   -0.109  -0.942  1.00 27.63 ? 153 VAL A CG1 1 
ATOM   1122 C  CG2 . VAL A 1 159 ? 6.573   0.600   -2.075  1.00 27.83 ? 153 VAL A CG2 1 
ATOM   1123 N  N   . PHE A 1 160 ? 5.443   -3.447  -0.432  1.00 28.11 ? 154 PHE A N   1 
ATOM   1124 C  CA  . PHE A 1 160 ? 4.596   -4.498  0.122   1.00 28.47 ? 154 PHE A CA  1 
ATOM   1125 C  C   . PHE A 1 160 ? 5.248   -5.169  1.329   1.00 28.54 ? 154 PHE A C   1 
ATOM   1126 O  O   . PHE A 1 160 ? 4.575   -5.425  2.330   1.00 28.67 ? 154 PHE A O   1 
ATOM   1127 C  CB  . PHE A 1 160 ? 4.215   -5.532  -0.948  1.00 28.07 ? 154 PHE A CB  1 
ATOM   1128 C  CG  . PHE A 1 160 ? 3.603   -4.930  -2.191  1.00 28.25 ? 154 PHE A CG  1 
ATOM   1129 C  CD1 . PHE A 1 160 ? 2.744   -3.834  -2.109  1.00 28.40 ? 154 PHE A CD1 1 
ATOM   1130 C  CD2 . PHE A 1 160 ? 3.869   -5.473  -3.443  1.00 28.41 ? 154 PHE A CD2 1 
ATOM   1131 C  CE1 . PHE A 1 160 ? 2.182   -3.284  -3.256  1.00 28.89 ? 154 PHE A CE1 1 
ATOM   1132 C  CE2 . PHE A 1 160 ? 3.305   -4.928  -4.590  1.00 28.95 ? 154 PHE A CE2 1 
ATOM   1133 C  CZ  . PHE A 1 160 ? 2.461   -3.833  -4.497  1.00 28.16 ? 154 PHE A CZ  1 
ATOM   1134 N  N   . GLU A 1 161 ? 6.552   -5.430  1.236   1.00 28.72 ? 155 GLU A N   1 
ATOM   1135 C  CA  . GLU A 1 161 ? 7.311   -6.017  2.348   1.00 29.52 ? 155 GLU A CA  1 
ATOM   1136 C  C   . GLU A 1 161 ? 7.342   -5.095  3.571   1.00 29.25 ? 155 GLU A C   1 
ATOM   1137 O  O   . GLU A 1 161 ? 7.166   -5.554  4.697   1.00 28.59 ? 155 GLU A O   1 
ATOM   1138 C  CB  . GLU A 1 161 ? 8.736   -6.376  1.921   1.00 30.05 ? 155 GLU A CB  1 
ATOM   1139 C  CG  . GLU A 1 161 ? 8.828   -7.564  0.973   1.00 31.58 ? 155 GLU A CG  1 
ATOM   1140 C  CD  . GLU A 1 161 ? 10.246  -7.852  0.518   1.00 32.35 ? 155 GLU A CD  1 
ATOM   1141 O  OE1 . GLU A 1 161 ? 11.088  -6.928  0.518   1.00 34.13 ? 155 GLU A OE1 1 
ATOM   1142 O  OE2 . GLU A 1 161 ? 10.522  -9.006  0.148   1.00 33.12 ? 155 GLU A OE2 1 
ATOM   1143 N  N   . SER A 1 162 ? 7.554   -3.799  3.340   1.00 29.21 ? 156 SER A N   1 
ATOM   1144 C  CA  . SER A 1 162 ? 7.579   -2.814  4.423   1.00 29.69 ? 156 SER A CA  1 
ATOM   1145 C  C   . SER A 1 162 ? 6.206   -2.664  5.087   1.00 30.20 ? 156 SER A C   1 
ATOM   1146 O  O   . SER A 1 162 ? 6.115   -2.573  6.314   1.00 29.97 ? 156 SER A O   1 
ATOM   1147 C  CB  . SER A 1 162 ? 8.090   -1.461  3.920   1.00 29.42 ? 156 SER A CB  1 
ATOM   1148 O  OG  . SER A 1 162 ? 9.431   -1.561  3.469   1.00 29.47 ? 156 SER A OG  1 
ATOM   1149 N  N   . LEU A 1 163 ? 5.152   -2.648  4.270   1.00 30.72 ? 157 LEU A N   1 
ATOM   1150 C  CA  . LEU A 1 163 ? 3.772   -2.593  4.762   1.00 31.08 ? 157 LEU A CA  1 
ATOM   1151 C  C   . LEU A 1 163 ? 3.428   -3.779  5.653   1.00 31.06 ? 157 LEU A C   1 
ATOM   1152 O  O   . LEU A 1 163 ? 2.911   -3.603  6.757   1.00 31.22 ? 157 LEU A O   1 
ATOM   1153 C  CB  . LEU A 1 163 ? 2.777   -2.543  3.596   1.00 31.76 ? 157 LEU A CB  1 
ATOM   1154 C  CG  . LEU A 1 163 ? 2.337   -1.193  3.032   1.00 33.24 ? 157 LEU A CG  1 
ATOM   1155 C  CD1 . LEU A 1 163 ? 1.482   -1.420  1.791   1.00 33.60 ? 157 LEU A CD1 1 
ATOM   1156 C  CD2 . LEU A 1 163 ? 1.567   -0.387  4.073   1.00 33.19 ? 157 LEU A CD2 1 
ATOM   1157 N  N   . ALA A 1 164 ? 3.718   -4.981  5.158   1.00 30.77 ? 158 ALA A N   1 
ATOM   1158 C  CA  . ALA A 1 164 ? 3.404   -6.220  5.866   1.00 31.18 ? 158 ALA A CA  1 
ATOM   1159 C  C   . ALA A 1 164 ? 4.197   -6.370  7.161   1.00 30.98 ? 158 ALA A C   1 
ATOM   1160 O  O   . ALA A 1 164 ? 3.650   -6.804  8.172   1.00 32.02 ? 158 ALA A O   1 
ATOM   1161 C  CB  . ALA A 1 164 ? 3.634   -7.421  4.960   1.00 31.02 ? 158 ALA A CB  1 
ATOM   1162 N  N   . ALA A 1 165 ? 5.479   -6.013  7.121   1.00 30.60 ? 159 ALA A N   1 
ATOM   1163 C  CA  . ALA A 1 165 ? 6.367   -6.156  8.278   1.00 31.50 ? 159 ALA A CA  1 
ATOM   1164 C  C   . ALA A 1 165 ? 5.995   -5.212  9.422   1.00 32.08 ? 159 ALA A C   1 
ATOM   1165 O  O   . ALA A 1 165 ? 6.130   -5.564  10.596  1.00 33.14 ? 159 ALA A O   1 
ATOM   1166 C  CB  . ALA A 1 165 ? 7.818   -5.943  7.869   1.00 30.74 ? 159 ALA A CB  1 
ATOM   1167 N  N   . ASN A 1 166 ? 5.520   -4.019  9.074   1.00 31.62 ? 160 ASN A N   1 
ATOM   1168 C  CA  . ASN A 1 166 ? 5.203   -3.004  10.074  1.00 32.25 ? 160 ASN A CA  1 
ATOM   1169 C  C   . ASN A 1 166 ? 3.748   -2.986  10.536  1.00 32.53 ? 160 ASN A C   1 
ATOM   1170 O  O   . ASN A 1 166 ? 3.461   -2.605  11.672  1.00 32.21 ? 160 ASN A O   1 
ATOM   1171 C  CB  . ASN A 1 166 ? 5.684   -1.634  9.600   1.00 31.69 ? 160 ASN A CB  1 
ATOM   1172 C  CG  . ASN A 1 166 ? 7.196   -1.537  9.591   1.00 31.69 ? 160 ASN A CG  1 
ATOM   1173 O  OD1 . ASN A 1 166 ? 7.816   -1.322  10.630  1.00 31.52 ? 160 ASN A OD1 1 
ATOM   1174 N  ND2 . ASN A 1 166 ? 7.801   -1.718  8.420   1.00 30.96 ? 160 ASN A ND2 1 
ATOM   1175 N  N   . ALA A 1 167 ? 2.839   -3.413  9.662   1.00 32.64 ? 161 ALA A N   1 
ATOM   1176 C  CA  . ALA A 1 167 ? 1.450   -3.657  10.049  1.00 33.41 ? 161 ALA A CA  1 
ATOM   1177 C  C   . ALA A 1 167 ? 1.317   -4.989  10.787  1.00 33.89 ? 161 ALA A C   1 
ATOM   1178 O  O   . ALA A 1 167 ? 0.295   -5.252  11.423  1.00 33.63 ? 161 ALA A O   1 
ATOM   1179 C  CB  . ALA A 1 167 ? 0.543   -3.639  8.828   1.00 32.73 ? 161 ALA A CB  1 
ATOM   1180 N  N   . ARG A 1 168 ? 2.363   -5.812  10.695  1.00 35.27 ? 162 ARG A N   1 
ATOM   1181 C  CA  . ARG A 1 168 ? 2.382   -7.172  11.243  1.00 36.63 ? 162 ARG A CA  1 
ATOM   1182 C  C   . ARG A 1 168 ? 1.225   -8.016  10.716  1.00 35.66 ? 162 ARG A C   1 
ATOM   1183 O  O   . ARG A 1 168 ? 0.369   -8.476  11.477  1.00 35.99 ? 162 ARG A O   1 
ATOM   1184 C  CB  . ARG A 1 168 ? 2.442   -7.172  12.778  1.00 39.11 ? 162 ARG A CB  1 
ATOM   1185 C  CG  . ARG A 1 168 ? 3.862   -7.135  13.319  1.00 43.46 ? 162 ARG A CG  1 
ATOM   1186 C  CD  . ARG A 1 168 ? 4.206   -5.801  13.964  1.00 46.36 ? 162 ARG A CD  1 
ATOM   1187 N  NE  . ARG A 1 168 ? 3.803   -5.697  15.374  1.00 49.60 ? 162 ARG A NE  1 
ATOM   1188 C  CZ  . ARG A 1 168 ? 3.746   -6.702  16.254  1.00 52.04 ? 162 ARG A CZ  1 
ATOM   1189 N  NH1 . ARG A 1 168 ? 4.074   -7.944  15.910  1.00 52.23 ? 162 ARG A NH1 1 
ATOM   1190 N  NH2 . ARG A 1 168 ? 3.361   -6.458  17.502  1.00 52.27 ? 162 ARG A NH2 1 
ATOM   1191 N  N   . ILE A 1 169 ? 1.210   -8.191  9.398   1.00 34.39 ? 163 ILE A N   1 
ATOM   1192 C  CA  . ILE A 1 169 ? 0.177   -8.958  8.703   1.00 33.26 ? 163 ILE A CA  1 
ATOM   1193 C  C   . ILE A 1 169 ? 0.822   -9.890  7.682   1.00 32.55 ? 163 ILE A C   1 
ATOM   1194 O  O   . ILE A 1 169 ? 1.983   -9.702  7.308   1.00 32.30 ? 163 ILE A O   1 
ATOM   1195 C  CB  . ILE A 1 169 ? -0.844  -8.034  7.990   1.00 33.60 ? 163 ILE A CB  1 
ATOM   1196 C  CG1 . ILE A 1 169 ? -0.149  -7.148  6.940   1.00 33.20 ? 163 ILE A CG1 1 
ATOM   1197 C  CG2 . ILE A 1 169 ? -1.620  -7.199  9.005   1.00 33.85 ? 163 ILE A CG2 1 
ATOM   1198 C  CD1 . ILE A 1 169 ? -1.098  -6.398  6.024   1.00 34.58 ? 163 ILE A CD1 1 
ATOM   1199 N  N   . ALA A 1 170 ? 0.074   -10.898 7.239   1.00 31.52 ? 164 ALA A N   1 
ATOM   1200 C  CA  . ALA A 1 170 ? 0.518   -11.751 6.144   1.00 30.90 ? 164 ALA A CA  1 
ATOM   1201 C  C   . ALA A 1 170 ? -0.057  -11.206 4.838   1.00 30.58 ? 164 ALA A C   1 
ATOM   1202 O  O   . ALA A 1 170 ? -1.274  -11.133 4.672   1.00 30.31 ? 164 ALA A O   1 
ATOM   1203 C  CB  . ALA A 1 170 ? 0.088   -13.191 6.369   1.00 30.87 ? 164 ALA A CB  1 
ATOM   1204 N  N   . LEU A 1 171 ? 0.826   -10.809 3.924   1.00 29.74 ? 165 LEU A N   1 
ATOM   1205 C  CA  . LEU A 1 171 ? 0.412   -10.214 2.654   1.00 29.42 ? 165 LEU A CA  1 
ATOM   1206 C  C   . LEU A 1 171 ? 1.042   -10.928 1.466   1.00 29.04 ? 165 LEU A C   1 
ATOM   1207 O  O   . LEU A 1 171 ? 2.262   -10.924 1.308   1.00 29.31 ? 165 LEU A O   1 
ATOM   1208 C  CB  . LEU A 1 171 ? 0.763   -8.718  2.618   1.00 29.16 ? 165 LEU A CB  1 
ATOM   1209 C  CG  . LEU A 1 171 ? 0.584   -7.955  1.296   1.00 29.13 ? 165 LEU A CG  1 
ATOM   1210 C  CD1 . LEU A 1 171 ? -0.869  -7.950  0.833   1.00 29.13 ? 165 LEU A CD1 1 
ATOM   1211 C  CD2 . LEU A 1 171 ? 1.112   -6.533  1.416   1.00 29.36 ? 165 LEU A CD2 1 
ATOM   1212 N  N   . HIS A 1 172 ? 0.196   -11.523 0.631   1.00 28.86 ? 166 HIS A N   1 
ATOM   1213 C  CA  . HIS A 1 172 ? 0.637   -12.224 -0.571  1.00 28.81 ? 166 HIS A CA  1 
ATOM   1214 C  C   . HIS A 1 172 ? 0.125   -11.515 -1.788  1.00 28.64 ? 166 HIS A C   1 
ATOM   1215 O  O   . HIS A 1 172 ? -1.086  -11.420 -1.998  1.00 28.66 ? 166 HIS A O   1 
ATOM   1216 C  CB  . HIS A 1 172 ? 0.149   -13.673 -0.561  1.00 28.97 ? 166 HIS A CB  1 
ATOM   1217 C  CG  . HIS A 1 172 ? 0.886   -14.560 0.413   1.00 29.28 ? 166 HIS A CG  1 
ATOM   1218 N  ND1 . HIS A 1 172 ? 1.073   -14.224 1.703   1.00 30.19 ? 166 HIS A ND1 1 
ATOM   1219 C  CD2 . HIS A 1 172 ? 1.468   -15.812 0.247   1.00 29.08 ? 166 HIS A CD2 1 
ATOM   1220 C  CE1 . HIS A 1 172 ? 1.754   -15.201 2.326   1.00 29.56 ? 166 HIS A CE1 1 
ATOM   1221 N  NE2 . HIS A 1 172 ? 1.993   -16.173 1.436   1.00 29.70 ? 166 HIS A NE2 1 
ATOM   1222 N  N   . VAL A 1 173 ? 1.052   -11.002 -2.591  1.00 28.29 ? 167 VAL A N   1 
ATOM   1223 C  CA  . VAL A 1 173 ? 0.726   -10.241 -3.795  1.00 27.81 ? 167 VAL A CA  1 
ATOM   1224 C  C   . VAL A 1 173 ? 1.234   -11.014 -5.004  1.00 28.37 ? 167 VAL A C   1 
ATOM   1225 O  O   . VAL A 1 173 ? 2.408   -11.384 -5.061  1.00 27.97 ? 167 VAL A O   1 
ATOM   1226 C  CB  . VAL A 1 173 ? 1.358   -8.828  -3.770  1.00 27.61 ? 167 VAL A CB  1 
ATOM   1227 C  CG1 . VAL A 1 173 ? 0.945   -8.018  -4.995  1.00 26.87 ? 167 VAL A CG1 1 
ATOM   1228 C  CG2 . VAL A 1 173 ? 0.975   -8.087  -2.499  1.00 27.00 ? 167 VAL A CG2 1 
ATOM   1229 N  N   . ARG A 1 174 ? 0.338   -11.270 -5.954  1.00 28.74 ? 168 ARG A N   1 
ATOM   1230 C  CA  . ARG A 1 174 ? 0.680   -11.987 -7.179  1.00 28.65 ? 168 ARG A CA  1 
ATOM   1231 C  C   . ARG A 1 174 ? 0.283   -11.186 -8.413  1.00 28.17 ? 168 ARG A C   1 
ATOM   1232 O  O   . ARG A 1 174 ? -0.792  -10.580 -8.454  1.00 27.60 ? 168 ARG A O   1 
ATOM   1233 C  CB  . ARG A 1 174 ? -0.046  -13.335 -7.251  1.00 29.73 ? 168 ARG A CB  1 
ATOM   1234 C  CG  . ARG A 1 174 ? 0.109   -14.253 -6.048  1.00 30.63 ? 168 ARG A CG  1 
ATOM   1235 C  CD  . ARG A 1 174 ? -0.591  -15.580 -6.314  1.00 31.30 ? 168 ARG A CD  1 
ATOM   1236 N  NE  . ARG A 1 174 ? -2.048  -15.458 -6.280  1.00 31.25 ? 168 ARG A NE  1 
ATOM   1237 C  CZ  . ARG A 1 174 ? -2.892  -16.188 -7.007  1.00 32.28 ? 168 ARG A CZ  1 
ATOM   1238 N  NH1 . ARG A 1 174 ? -2.442  -17.101 -7.858  1.00 32.48 ? 168 ARG A NH1 1 
ATOM   1239 N  NH2 . ARG A 1 174 ? -4.199  -15.993 -6.894  1.00 32.55 ? 168 ARG A NH2 1 
ATOM   1240 N  N   . VAL A 1 175 ? 1.154   -11.198 -9.418  1.00 27.15 ? 169 VAL A N   1 
ATOM   1241 C  CA  . VAL A 1 175 ? 0.776   -10.796 -10.765 1.00 26.69 ? 169 VAL A CA  1 
ATOM   1242 C  C   . VAL A 1 175 ? 0.569   -12.094 -11.535 1.00 26.69 ? 169 VAL A C   1 
ATOM   1243 O  O   . VAL A 1 175 ? 1.499   -12.884 -11.675 1.00 26.80 ? 169 VAL A O   1 
ATOM   1244 C  CB  . VAL A 1 175 ? 1.869   -9.942  -11.445 1.00 26.91 ? 169 VAL A CB  1 
ATOM   1245 C  CG1 . VAL A 1 175 ? 1.509   -9.646  -12.897 1.00 26.19 ? 169 VAL A CG1 1 
ATOM   1246 C  CG2 . VAL A 1 175 ? 2.096   -8.648  -10.675 1.00 26.43 ? 169 VAL A CG2 1 
ATOM   1247 N  N   . LEU A 1 176 ? -0.651  -12.324 -12.012 1.00 26.18 ? 170 LEU A N   1 
ATOM   1248 C  CA  . LEU A 1 176 ? -0.946  -13.528 -12.780 1.00 26.57 ? 170 LEU A CA  1 
ATOM   1249 C  C   . LEU A 1 176 ? -0.373  -13.402 -14.186 1.00 26.46 ? 170 LEU A C   1 
ATOM   1250 O  O   . LEU A 1 176 ? 0.183   -14.359 -14.728 1.00 25.71 ? 170 LEU A O   1 
ATOM   1251 C  CB  . LEU A 1 176 ? -2.455  -13.813 -12.820 1.00 26.74 ? 170 LEU A CB  1 
ATOM   1252 C  CG  . LEU A 1 176 ? -3.155  -14.420 -11.589 1.00 27.28 ? 170 LEU A CG  1 
ATOM   1253 C  CD1 . LEU A 1 176 ? -2.567  -15.771 -11.207 1.00 27.81 ? 170 LEU A CD1 1 
ATOM   1254 C  CD2 . LEU A 1 176 ? -3.149  -13.478 -10.390 1.00 27.51 ? 170 LEU A CD2 1 
ATOM   1255 N  N   . TYR A 1 177 ? -0.519  -12.210 -14.761 1.00 26.25 ? 171 TYR A N   1 
ATOM   1256 C  CA  . TYR A 1 177 ? 0.066   -11.851 -16.053 1.00 26.88 ? 171 TYR A CA  1 
ATOM   1257 C  C   . TYR A 1 177 ? -0.110  -10.353 -16.268 1.00 27.28 ? 171 TYR A C   1 
ATOM   1258 O  O   . TYR A 1 177 ? -0.927  -9.709  -15.601 1.00 27.14 ? 171 TYR A O   1 
ATOM   1259 C  CB  . TYR A 1 177 ? -0.568  -12.639 -17.213 1.00 26.85 ? 171 TYR A CB  1 
ATOM   1260 C  CG  . TYR A 1 177 ? -2.079  -12.702 -17.163 1.00 27.14 ? 171 TYR A CG  1 
ATOM   1261 C  CD1 . TYR A 1 177 ? -2.859  -11.602 -17.524 1.00 27.22 ? 171 TYR A CD1 1 
ATOM   1262 C  CD2 . TYR A 1 177 ? -2.729  -13.866 -16.756 1.00 27.21 ? 171 TYR A CD2 1 
ATOM   1263 C  CE1 . TYR A 1 177 ? -4.243  -11.656 -17.473 1.00 26.94 ? 171 TYR A CE1 1 
ATOM   1264 C  CE2 . TYR A 1 177 ? -4.112  -13.929 -16.700 1.00 27.49 ? 171 TYR A CE2 1 
ATOM   1265 C  CZ  . TYR A 1 177 ? -4.863  -12.824 -17.058 1.00 27.48 ? 171 TYR A CZ  1 
ATOM   1266 O  OH  . TYR A 1 177 ? -6.235  -12.895 -17.001 1.00 27.74 ? 171 TYR A OH  1 
ATOM   1267 N  N   . GLY A 1 178 ? 0.665   -9.804  -17.196 1.00 27.86 ? 172 GLY A N   1 
ATOM   1268 C  CA  . GLY A 1 178 ? 0.593   -8.383  -17.517 1.00 27.97 ? 172 GLY A CA  1 
ATOM   1269 C  C   . GLY A 1 178 ? 1.775   -7.951  -18.353 1.00 27.78 ? 172 GLY A C   1 
ATOM   1270 O  O   . GLY A 1 178 ? 2.737   -8.706  -18.518 1.00 27.89 ? 172 GLY A O   1 
ATOM   1271 N  N   . ARG A 1 179 ? 1.706   -6.728  -18.868 1.00 27.36 ? 173 ARG A N   1 
ATOM   1272 C  CA  . ARG A 1 179 ? 2.732   -6.194  -19.755 1.00 27.46 ? 173 ARG A CA  1 
ATOM   1273 C  C   . ARG A 1 179 ? 3.115   -4.767  -19.370 1.00 27.18 ? 173 ARG A C   1 
ATOM   1274 O  O   . ARG A 1 179 ? 4.291   -4.468  -19.177 1.00 27.15 ? 173 ARG A O   1 
ATOM   1275 C  CB  . ARG A 1 179 ? 2.244   -6.241  -21.207 1.00 27.35 ? 173 ARG A CB  1 
ATOM   1276 C  CG  . ARG A 1 179 ? 3.290   -5.854  -22.239 1.00 27.98 ? 173 ARG A CG  1 
ATOM   1277 C  CD  . ARG A 1 179 ? 2.688   -5.777  -23.632 1.00 27.98 ? 173 ARG A CD  1 
ATOM   1278 N  NE  . ARG A 1 179 ? 3.651   -5.268  -24.606 1.00 28.26 ? 173 ARG A NE  1 
ATOM   1279 C  CZ  . ARG A 1 179 ? 3.808   -3.984  -24.921 1.00 28.66 ? 173 ARG A CZ  1 
ATOM   1280 N  NH1 . ARG A 1 179 ? 3.060   -3.048  -24.344 1.00 28.45 ? 173 ARG A NH1 1 
ATOM   1281 N  NH2 . ARG A 1 179 ? 4.722   -3.634  -25.815 1.00 27.93 ? 173 ARG A NH2 1 
ATOM   1282 N  N   . ASP A 1 180 ? 2.121   -3.888  -19.275 1.00 26.99 ? 174 ASP A N   1 
ATOM   1283 C  CA  . ASP A 1 180 ? 2.371   -2.479  -18.984 1.00 27.49 ? 174 ASP A CA  1 
ATOM   1284 C  C   . ASP A 1 180 ? 2.739   -2.296  -17.507 1.00 27.40 ? 174 ASP A C   1 
ATOM   1285 O  O   . ASP A 1 180 ? 1.998   -2.736  -16.636 1.00 27.46 ? 174 ASP A O   1 
ATOM   1286 C  CB  . ASP A 1 180 ? 1.153   -1.634  -19.365 1.00 27.38 ? 174 ASP A CB  1 
ATOM   1287 C  CG  . ASP A 1 180 ? 1.394   -0.149  -19.184 1.00 27.62 ? 174 ASP A CG  1 
ATOM   1288 O  OD1 . ASP A 1 180 ? 1.302   0.333   -18.040 1.00 27.72 ? 174 ASP A OD1 1 
ATOM   1289 O  OD2 . ASP A 1 180 ? 1.667   0.538   -20.188 1.00 27.79 ? 174 ASP A OD2 1 
ATOM   1290 N  N   . PRO A 1 181 ? 3.891   -1.650  -17.227 1.00 27.69 ? 175 PRO A N   1 
ATOM   1291 C  CA  . PRO A 1 181 ? 4.394   -1.515  -15.855 1.00 27.47 ? 175 PRO A CA  1 
ATOM   1292 C  C   . PRO A 1 181 ? 3.488   -0.666  -14.965 1.00 27.80 ? 175 PRO A C   1 
ATOM   1293 O  O   . PRO A 1 181 ? 3.421   -0.895  -13.754 1.00 27.55 ? 175 PRO A O   1 
ATOM   1294 C  CB  . PRO A 1 181 ? 5.747   -0.825  -16.043 1.00 27.52 ? 175 PRO A CB  1 
ATOM   1295 C  CG  . PRO A 1 181 ? 5.612   -0.077  -17.329 1.00 27.53 ? 175 PRO A CG  1 
ATOM   1296 C  CD  . PRO A 1 181 ? 4.760   -0.956  -18.197 1.00 27.44 ? 175 PRO A CD  1 
ATOM   1297 N  N   . HIS A 1 182 ? 2.810   0.306   -15.570 1.00 27.77 ? 176 HIS A N   1 
ATOM   1298 C  CA  . HIS A 1 182 ? 1.834   1.140   -14.877 1.00 28.27 ? 176 HIS A CA  1 
ATOM   1299 C  C   . HIS A 1 182 ? 0.639   0.301   -14.489 1.00 28.17 ? 176 HIS A C   1 
ATOM   1300 O  O   . HIS A 1 182 ? 0.186   0.354   -13.344 1.00 28.02 ? 176 HIS A O   1 
ATOM   1301 C  CB  . HIS A 1 182 ? 1.428   2.290   -15.794 1.00 28.91 ? 176 HIS A CB  1 
ATOM   1302 C  CG  . HIS A 1 182 ? 0.683   3.411   -15.109 1.00 29.06 ? 176 HIS A CG  1 
ATOM   1303 N  ND1 . HIS A 1 182 ? 1.035   4.701   -15.232 1.00 29.91 ? 176 HIS A ND1 1 
ATOM   1304 C  CD2 . HIS A 1 182 ? -0.392  3.379   -14.229 1.00 29.21 ? 176 HIS A CD2 1 
ATOM   1305 C  CE1 . HIS A 1 182 ? 0.207   5.458   -14.492 1.00 30.24 ? 176 HIS A CE1 1 
ATOM   1306 N  NE2 . HIS A 1 182 ? -0.662  4.647   -13.874 1.00 30.45 ? 176 HIS A NE2 1 
ATOM   1307 N  N   . HIS A 1 183 ? 0.135   -0.498  -15.431 1.00 28.14 ? 177 HIS A N   1 
ATOM   1308 C  CA  . HIS A 1 183 ? -0.982  -1.413  -15.161 1.00 27.91 ? 177 HIS A CA  1 
ATOM   1309 C  C   . HIS A 1 183 ? -0.625  -2.441  -14.127 1.00 27.48 ? 177 HIS A C   1 
ATOM   1310 O  O   . HIS A 1 183 ? -1.394  -2.687  -13.195 1.00 27.50 ? 177 HIS A O   1 
ATOM   1311 C  CB  . HIS A 1 183 ? -1.447  -2.123  -16.431 1.00 27.98 ? 177 HIS A CB  1 
ATOM   1312 C  CG  . HIS A 1 183 ? -2.056  -1.206  -17.466 1.00 28.45 ? 177 HIS A CG  1 
ATOM   1313 N  ND1 . HIS A 1 183 ? -2.268  -1.596  -18.736 1.00 28.56 ? 177 HIS A ND1 1 
ATOM   1314 C  CD2 . HIS A 1 183 ? -2.485  0.118   -17.385 1.00 28.48 ? 177 HIS A CD2 1 
ATOM   1315 C  CE1 . HIS A 1 183 ? -2.813  -0.581  -19.431 1.00 28.54 ? 177 HIS A CE1 1 
ATOM   1316 N  NE2 . HIS A 1 183 ? -2.944  0.468   -18.603 1.00 28.67 ? 177 HIS A NE2 1 
ATOM   1317 N  N   . ILE A 1 184 ? 0.545   -3.056  -14.288 1.00 26.65 ? 178 ILE A N   1 
ATOM   1318 C  CA  . ILE A 1 184 ? 1.005   -4.092  -13.365 1.00 26.29 ? 178 ILE A CA  1 
ATOM   1319 C  C   . ILE A 1 184 ? 1.111   -3.545  -11.941 1.00 25.88 ? 178 ILE A C   1 
ATOM   1320 O  O   . ILE A 1 184 ? 0.606   -4.160  -11.000 1.00 24.67 ? 178 ILE A O   1 
ATOM   1321 C  CB  . ILE A 1 184 ? 2.336   -4.728  -13.837 1.00 26.63 ? 178 ILE A CB  1 
ATOM   1322 C  CG1 . ILE A 1 184 ? 2.110   -5.531  -15.125 1.00 26.58 ? 178 ILE A CG1 1 
ATOM   1323 C  CG2 . ILE A 1 184 ? 2.925   -5.626  -12.756 1.00 26.20 ? 178 ILE A CG2 1 
ATOM   1324 C  CD1 . ILE A 1 184 ? 3.368   -5.811  -15.924 1.00 26.65 ? 178 ILE A CD1 1 
ATOM   1325 N  N   . THR A 1 185 ? 1.746   -2.383  -11.794 1.00 26.23 ? 179 THR A N   1 
ATOM   1326 C  CA  . THR A 1 185 ? 1.933   -1.758  -10.483 1.00 26.88 ? 179 THR A CA  1 
ATOM   1327 C  C   . THR A 1 185 ? 0.607   -1.327  -9.842  1.00 27.33 ? 179 THR A C   1 
ATOM   1328 O  O   . THR A 1 185 ? 0.327   -1.685  -8.693  1.00 27.51 ? 179 THR A O   1 
ATOM   1329 C  CB  . THR A 1 185 ? 2.920   -0.570  -10.559 1.00 27.00 ? 179 THR A CB  1 
ATOM   1330 O  OG1 . THR A 1 185 ? 4.169   -1.027  -11.090 1.00 26.89 ? 179 THR A OG1 1 
ATOM   1331 C  CG2 . THR A 1 185 ? 3.168   0.028   -9.183  1.00 26.33 ? 179 THR A CG2 1 
ATOM   1332 N  N   . GLU A 1 186 ? -0.207  -0.582  -10.588 1.00 27.79 ? 180 GLU A N   1 
ATOM   1333 C  CA  . GLU A 1 186 ? -1.480  -0.077  -10.069 1.00 28.34 ? 180 GLU A CA  1 
ATOM   1334 C  C   . GLU A 1 186 ? -2.439  -1.203  -9.693  1.00 27.79 ? 180 GLU A C   1 
ATOM   1335 O  O   . GLU A 1 186 ? -3.102  -1.131  -8.655  1.00 28.05 ? 180 GLU A O   1 
ATOM   1336 C  CB  . GLU A 1 186 ? -2.139  0.883   -11.060 1.00 29.84 ? 180 GLU A CB  1 
ATOM   1337 C  CG  . GLU A 1 186 ? -3.295  1.680   -10.475 1.00 30.99 ? 180 GLU A CG  1 
ATOM   1338 C  CD  . GLU A 1 186 ? -3.766  2.793   -11.390 1.00 32.86 ? 180 GLU A CD  1 
ATOM   1339 O  OE1 . GLU A 1 186 ? -2.999  3.201   -12.283 1.00 34.01 ? 180 GLU A OE1 1 
ATOM   1340 O  OE2 . GLU A 1 186 ? -4.908  3.264   -11.221 1.00 34.31 ? 180 GLU A OE2 1 
ATOM   1341 N  N   . ALA A 1 187 ? -2.497  -2.242  -10.522 1.00 27.19 ? 181 ALA A N   1 
ATOM   1342 C  CA  . ALA A 1 187 ? -3.357  -3.392  -10.237 1.00 27.15 ? 181 ALA A CA  1 
ATOM   1343 C  C   . ALA A 1 187 ? -2.970  -4.066  -8.922  1.00 26.64 ? 181 ALA A C   1 
ATOM   1344 O  O   . ALA A 1 187 ? -3.835  -4.527  -8.185  1.00 26.89 ? 181 ALA A O   1 
ATOM   1345 C  CB  . ALA A 1 187 ? -3.327  -4.391  -11.383 1.00 26.71 ? 181 ALA A CB  1 
ATOM   1346 N  N   . GLN A 1 188 ? -1.672  -4.102  -8.630  1.00 26.35 ? 182 GLN A N   1 
ATOM   1347 C  CA  . GLN A 1 188 ? -1.164  -4.682  -7.388  1.00 26.43 ? 182 GLN A CA  1 
ATOM   1348 C  C   . GLN A 1 188 ? -1.550  -3.862  -6.159  1.00 26.61 ? 182 GLN A C   1 
ATOM   1349 O  O   . GLN A 1 188 ? -2.058  -4.415  -5.185  1.00 26.81 ? 182 GLN A O   1 
ATOM   1350 C  CB  . GLN A 1 188 ? 0.352   -4.858  -7.457  1.00 26.68 ? 182 GLN A CB  1 
ATOM   1351 C  CG  . GLN A 1 188 ? 0.780   -6.074  -8.255  1.00 26.76 ? 182 GLN A CG  1 
ATOM   1352 C  CD  . GLN A 1 188 ? 2.278   -6.158  -8.404  1.00 27.19 ? 182 GLN A CD  1 
ATOM   1353 O  OE1 . GLN A 1 188 ? 2.876   -5.444  -9.210  1.00 27.97 ? 182 GLN A OE1 1 
ATOM   1354 N  NE2 . GLN A 1 188 ? 2.893   -7.045  -7.639  1.00 26.37 ? 182 GLN A NE2 1 
ATOM   1355 N  N   . TYR A 1 189 ? -1.319  -2.548  -6.213  1.00 26.27 ? 183 TYR A N   1 
ATOM   1356 C  CA  . TYR A 1 189 ? -1.729  -1.643  -5.130  1.00 27.03 ? 183 TYR A CA  1 
ATOM   1357 C  C   . TYR A 1 189 ? -3.228  -1.719  -4.872  1.00 27.05 ? 183 TYR A C   1 
ATOM   1358 O  O   . TYR A 1 189 ? -3.660  -1.736  -3.720  1.00 28.29 ? 183 TYR A O   1 
ATOM   1359 C  CB  . TYR A 1 189 ? -1.349  -0.196  -5.442  1.00 26.75 ? 183 TYR A CB  1 
ATOM   1360 C  CG  . TYR A 1 189 ? 0.072   0.185   -5.096  1.00 27.11 ? 183 TYR A CG  1 
ATOM   1361 C  CD1 . TYR A 1 189 ? 1.102   0.020   -6.018  1.00 26.89 ? 183 TYR A CD1 1 
ATOM   1362 C  CD2 . TYR A 1 189 ? 0.382   0.739   -3.852  1.00 27.25 ? 183 TYR A CD2 1 
ATOM   1363 C  CE1 . TYR A 1 189 ? 2.404   0.384   -5.712  1.00 26.85 ? 183 TYR A CE1 1 
ATOM   1364 C  CE2 . TYR A 1 189 ? 1.684   1.104   -3.537  1.00 27.21 ? 183 TYR A CE2 1 
ATOM   1365 C  CZ  . TYR A 1 189 ? 2.687   0.927   -4.471  1.00 26.97 ? 183 TYR A CZ  1 
ATOM   1366 O  OH  . TYR A 1 189 ? 3.981   1.289   -4.170  1.00 27.58 ? 183 TYR A OH  1 
ATOM   1367 N  N   . LYS A 1 190 ? -4.010  -1.761  -5.947  1.00 27.18 ? 184 LYS A N   1 
ATOM   1368 C  CA  . LYS A 1 190 ? -5.465  -1.885  -5.854  1.00 27.64 ? 184 LYS A CA  1 
ATOM   1369 C  C   . LYS A 1 190 ? -5.908  -3.236  -5.296  1.00 27.27 ? 184 LYS A C   1 
ATOM   1370 O  O   . LYS A 1 190 ? -6.918  -3.314  -4.595  1.00 27.53 ? 184 LYS A O   1 
ATOM   1371 C  CB  . LYS A 1 190 ? -6.117  -1.636  -7.216  1.00 28.35 ? 184 LYS A CB  1 
ATOM   1372 C  CG  . LYS A 1 190 ? -6.136  -0.171  -7.629  1.00 29.70 ? 184 LYS A CG  1 
ATOM   1373 C  CD  . LYS A 1 190 ? -6.722  0.009   -9.020  1.00 30.75 ? 184 LYS A CD  1 
ATOM   1374 C  CE  . LYS A 1 190 ? -6.889  1.486   -9.347  1.00 32.52 ? 184 LYS A CE  1 
ATOM   1375 N  NZ  . LYS A 1 190 ? -7.197  1.718   -10.786 1.00 33.61 ? 184 LYS A NZ  1 
ATOM   1376 N  N   . ALA A 1 191 ? -5.158  -4.290  -5.618  1.00 27.01 ? 185 ALA A N   1 
ATOM   1377 C  CA  . ALA A 1 191 ? -5.444  -5.634  -5.114  1.00 27.16 ? 185 ALA A CA  1 
ATOM   1378 C  C   . ALA A 1 191 ? -5.230  -5.708  -3.604  1.00 27.30 ? 185 ALA A C   1 
ATOM   1379 O  O   . ALA A 1 191 ? -6.071  -6.246  -2.876  1.00 26.93 ? 185 ALA A O   1 
ATOM   1380 C  CB  . ALA A 1 191 ? -4.593  -6.673  -5.833  1.00 26.31 ? 185 ALA A CB  1 
ATOM   1381 N  N   . VAL A 1 192 ? -4.096  -5.170  -3.154  1.00 27.21 ? 186 VAL A N   1 
ATOM   1382 C  CA  . VAL A 1 192 ? -3.787  -5.026  -1.731  1.00 27.18 ? 186 VAL A CA  1 
ATOM   1383 C  C   . VAL A 1 192 ? -4.891  -4.218  -1.048  1.00 27.63 ? 186 VAL A C   1 
ATOM   1384 O  O   . VAL A 1 192 ? -5.402  -4.609  0.005   1.00 27.46 ? 186 VAL A O   1 
ATOM   1385 C  CB  . VAL A 1 192 ? -2.410  -4.345  -1.520  1.00 27.18 ? 186 VAL A CB  1 
ATOM   1386 C  CG1 . VAL A 1 192 ? -2.152  -4.054  -0.046  1.00 26.49 ? 186 VAL A CG1 1 
ATOM   1387 C  CG2 . VAL A 1 192 ? -1.291  -5.212  -2.089  1.00 26.79 ? 186 VAL A CG2 1 
ATOM   1388 N  N   . ALA A 1 193 ? -5.263  -3.100  -1.671  1.00 27.72 ? 187 ALA A N   1 
ATOM   1389 C  CA  . ALA A 1 193 ? -6.295  -2.213  -1.146  1.00 28.12 ? 187 ALA A CA  1 
ATOM   1390 C  C   . ALA A 1 193 ? -7.611  -2.936  -0.874  1.00 28.46 ? 187 ALA A C   1 
ATOM   1391 O  O   . ALA A 1 193 ? -8.144  -2.868  0.238   1.00 28.49 ? 187 ALA A O   1 
ATOM   1392 C  CB  . ALA A 1 193 ? -6.524  -1.051  -2.098  1.00 27.76 ? 187 ALA A CB  1 
ATOM   1393 N  N   . ARG A 1 194 ? -8.122  -3.637  -1.883  1.00 28.36 ? 188 ARG A N   1 
ATOM   1394 C  CA  A ARG A 1 194 ? -9.418  -4.292  -1.748  0.65 29.12 ? 188 ARG A CA  1 
ATOM   1395 C  CA  B ARG A 1 194 ? -9.414  -4.318  -1.786  0.35 28.71 ? 188 ARG A CA  1 
ATOM   1396 C  C   . ARG A 1 194 ? -9.347  -5.567  -0.908  1.00 28.84 ? 188 ARG A C   1 
ATOM   1397 O  O   . ARG A 1 194 ? -10.346 -5.971  -0.314  1.00 28.63 ? 188 ARG A O   1 
ATOM   1398 C  CB  A ARG A 1 194 ? -10.070 -4.523  -3.114  0.65 29.59 ? 188 ARG A CB  1 
ATOM   1399 C  CB  B ARG A 1 194 ? -9.944  -4.674  -3.174  0.35 28.71 ? 188 ARG A CB  1 
ATOM   1400 C  CG  A ARG A 1 194 ? -10.393 -3.215  -3.817  0.65 30.41 ? 188 ARG A CG  1 
ATOM   1401 C  CG  B ARG A 1 194 ? -10.335 -3.483  -4.031  0.35 28.94 ? 188 ARG A CG  1 
ATOM   1402 C  CD  A ARG A 1 194 ? -11.518 -3.342  -4.823  0.65 31.27 ? 188 ARG A CD  1 
ATOM   1403 C  CD  B ARG A 1 194 ? -11.271 -3.923  -5.140  0.35 29.02 ? 188 ARG A CD  1 
ATOM   1404 N  NE  A ARG A 1 194 ? -12.026 -2.019  -5.180  0.65 31.67 ? 188 ARG A NE  1 
ATOM   1405 N  NE  B ARG A 1 194 ? -12.451 -4.584  -4.594  0.35 29.27 ? 188 ARG A NE  1 
ATOM   1406 C  CZ  A ARG A 1 194 ? -13.194 -1.520  -4.783  0.65 31.91 ? 188 ARG A CZ  1 
ATOM   1407 C  CZ  B ARG A 1 194 ? -13.581 -3.957  -4.286  0.35 29.24 ? 188 ARG A CZ  1 
ATOM   1408 N  NH1 A ARG A 1 194 ? -14.012 -2.236  -4.018  0.65 32.04 ? 188 ARG A NH1 1 
ATOM   1409 N  NH1 B ARG A 1 194 ? -13.689 -2.651  -4.482  0.35 29.20 ? 188 ARG A NH1 1 
ATOM   1410 N  NH2 A ARG A 1 194 ? -13.552 -0.301  -5.163  0.65 31.60 ? 188 ARG A NH2 1 
ATOM   1411 N  NH2 B ARG A 1 194 ? -14.602 -4.636  -3.787  0.35 29.41 ? 188 ARG A NH2 1 
ATOM   1412 N  N   . ALA A 1 195 ? -8.165  -6.178  -0.839  1.00 28.91 ? 189 ALA A N   1 
ATOM   1413 C  CA  . ALA A 1 195 ? -7.950  -7.317  0.053   1.00 29.31 ? 189 ALA A CA  1 
ATOM   1414 C  C   . ALA A 1 195 ? -8.039  -6.827  1.497   1.00 30.15 ? 189 ALA A C   1 
ATOM   1415 O  O   . ALA A 1 195 ? -8.721  -7.431  2.326   1.00 29.99 ? 189 ALA A O   1 
ATOM   1416 C  CB  . ALA A 1 195 ? -6.602  -7.973  -0.212  1.00 29.09 ? 189 ALA A CB  1 
ATOM   1417 N  N   . LEU A 1 196 ? -7.358  -5.716  1.777   1.00 30.77 ? 190 LEU A N   1 
ATOM   1418 C  CA  . LEU A 1 196 ? -7.412  -5.080  3.092   1.00 31.93 ? 190 LEU A CA  1 
ATOM   1419 C  C   . LEU A 1 196 ? -8.827  -4.675  3.481   1.00 32.44 ? 190 LEU A C   1 
ATOM   1420 O  O   . LEU A 1 196 ? -9.239  -4.895  4.619   1.00 32.63 ? 190 LEU A O   1 
ATOM   1421 C  CB  . LEU A 1 196 ? -6.496  -3.853  3.146   1.00 31.10 ? 190 LEU A CB  1 
ATOM   1422 C  CG  . LEU A 1 196 ? -4.983  -4.073  3.181   1.00 30.44 ? 190 LEU A CG  1 
ATOM   1423 C  CD1 . LEU A 1 196 ? -4.270  -2.729  3.136   1.00 30.26 ? 190 LEU A CD1 1 
ATOM   1424 C  CD2 . LEU A 1 196 ? -4.556  -4.875  4.406   1.00 30.33 ? 190 LEU A CD2 1 
ATOM   1425 N  N   . ARG A 1 197 ? -9.561  -4.094  2.532   1.00 33.53 ? 191 ARG A N   1 
ATOM   1426 C  CA  A ARG A 1 197 ? -10.921 -3.618  2.776   0.50 34.26 ? 191 ARG A CA  1 
ATOM   1427 C  CA  B ARG A 1 197 ? -10.907 -3.606  2.814   0.50 34.60 ? 191 ARG A CA  1 
ATOM   1428 C  C   . ARG A 1 197 ? -11.843 -4.752  3.215   1.00 34.73 ? 191 ARG A C   1 
ATOM   1429 O  O   . ARG A 1 197 ? -12.670 -4.584  4.111   1.00 35.73 ? 191 ARG A O   1 
ATOM   1430 C  CB  A ARG A 1 197 ? -11.496 -2.952  1.527   0.50 34.55 ? 191 ARG A CB  1 
ATOM   1431 C  CB  B ARG A 1 197 ? -11.450 -2.761  1.647   0.50 35.52 ? 191 ARG A CB  1 
ATOM   1432 C  CG  A ARG A 1 197 ? -12.813 -2.249  1.798   0.50 35.09 ? 191 ARG A CG  1 
ATOM   1433 C  CG  B ARG A 1 197 ? -12.324 -3.470  0.627   0.50 36.59 ? 191 ARG A CG  1 
ATOM   1434 C  CD  A ARG A 1 197 ? -13.676 -2.119  0.564   0.50 35.97 ? 191 ARG A CD  1 
ATOM   1435 C  CD  B ARG A 1 197 ? -13.791 -3.129  0.825   0.50 38.00 ? 191 ARG A CD  1 
ATOM   1436 N  NE  A ARG A 1 197 ? -15.079 -2.046  0.951   0.50 36.53 ? 191 ARG A NE  1 
ATOM   1437 N  NE  B ARG A 1 197 ? -14.236 -2.045  -0.047  0.50 38.88 ? 191 ARG A NE  1 
ATOM   1438 C  CZ  A ARG A 1 197 ? -16.050 -1.592  0.171   0.50 36.81 ? 191 ARG A CZ  1 
ATOM   1439 C  CZ  B ARG A 1 197 ? -15.508 -1.685  -0.198  0.50 39.04 ? 191 ARG A CZ  1 
ATOM   1440 N  NH1 A ARG A 1 197 ? -15.776 -1.154  -1.050  0.50 36.70 ? 191 ARG A NH1 1 
ATOM   1441 N  NH1 B ARG A 1 197 ? -16.463 -2.322  0.467   0.50 39.55 ? 191 ARG A NH1 1 
ATOM   1442 N  NH2 A ARG A 1 197 ? -17.297 -1.571  0.622   0.50 36.43 ? 191 ARG A NH2 1 
ATOM   1443 N  NH2 B ARG A 1 197 ? -15.824 -0.689  -1.014  0.50 38.90 ? 191 ARG A NH2 1 
ATOM   1444 N  N   . GLN A 1 198 ? -11.693 -5.907  2.571   1.00 33.82 ? 192 GLN A N   1 
ATOM   1445 C  CA  . GLN A 1 198 ? -12.500 -7.080  2.893   1.00 33.40 ? 192 GLN A CA  1 
ATOM   1446 C  C   . GLN A 1 198 ? -12.139 -7.617  4.278   1.00 33.06 ? 192 GLN A C   1 
ATOM   1447 O  O   . GLN A 1 198 ? -13.018 -7.875  5.100   1.00 33.15 ? 192 GLN A O   1 
ATOM   1448 C  CB  . GLN A 1 198 ? -12.327 -8.170  1.829   1.00 32.89 ? 192 GLN A CB  1 
ATOM   1449 C  CG  . GLN A 1 198 ? -13.162 -9.418  2.088   1.00 32.94 ? 192 GLN A CG  1 
ATOM   1450 C  CD  . GLN A 1 198 ? -13.158 -10.381 0.920   1.00 33.15 ? 192 GLN A CD  1 
ATOM   1451 O  OE1 . GLN A 1 198 ? -12.112 -10.890 0.522   1.00 32.84 ? 192 GLN A OE1 1 
ATOM   1452 N  NE2 . GLN A 1 198 ? -14.336 -10.643 0.371   1.00 33.49 ? 192 GLN A NE2 1 
ATOM   1453 N  N   . ALA A 1 199 ? -10.839 -7.756  4.527   1.00 32.97 ? 193 ALA A N   1 
ATOM   1454 C  CA  . ALA A 1 199 ? -10.326 -8.323  5.771   1.00 33.46 ? 193 ALA A CA  1 
ATOM   1455 C  C   . ALA A 1 199 ? -10.613 -7.438  6.982   1.00 34.44 ? 193 ALA A C   1 
ATOM   1456 O  O   . ALA A 1 199 ? -10.791 -7.933  8.097   1.00 33.14 ? 193 ALA A O   1 
ATOM   1457 C  CB  . ALA A 1 199 ? -8.836  -8.577  5.645   1.00 32.44 ? 193 ALA A CB  1 
ATOM   1458 N  N   . VAL A 1 200 ? -10.657 -6.131  6.739   1.00 35.40 ? 194 VAL A N   1 
ATOM   1459 C  CA  . VAL A 1 200 ? -10.858 -5.121  7.777   1.00 37.53 ? 194 VAL A CA  1 
ATOM   1460 C  C   . VAL A 1 200 ? -12.305 -5.061  8.292   1.00 38.81 ? 194 VAL A C   1 
ATOM   1461 O  O   . VAL A 1 200 ? -12.544 -4.703  9.452   1.00 38.89 ? 194 VAL A O   1 
ATOM   1462 C  CB  . VAL A 1 200 ? -10.340 -3.747  7.269   1.00 37.01 ? 194 VAL A CB  1 
ATOM   1463 C  CG1 . VAL A 1 200 ? -11.289 -2.603  7.575   1.00 38.17 ? 194 VAL A CG1 1 
ATOM   1464 C  CG2 . VAL A 1 200 ? -8.938  -3.483  7.790   1.00 36.88 ? 194 VAL A CG2 1 
ATOM   1465 N  N   . GLU A 1 201 ? -13.254 -5.432  7.432   1.00 40.25 ? 195 GLU A N   1 
ATOM   1466 C  CA  . GLU A 1 201 ? -14.688 -5.409  7.751   1.00 42.59 ? 195 GLU A CA  1 
ATOM   1467 C  C   . GLU A 1 201 ? -15.037 -6.182  9.020   1.00 43.35 ? 195 GLU A C   1 
ATOM   1468 O  O   . GLU A 1 201 ? -14.448 -7.233  9.284   1.00 41.89 ? 195 GLU A O   1 
ATOM   1469 C  CB  . GLU A 1 201 ? -15.502 -6.014  6.606   1.00 44.39 ? 195 GLU A CB  1 
ATOM   1470 C  CG  . GLU A 1 201 ? -15.585 -5.183  5.339   1.00 46.70 ? 195 GLU A CG  1 
ATOM   1471 C  CD  . GLU A 1 201 ? -16.129 -5.980  4.165   1.00 47.85 ? 195 GLU A CD  1 
ATOM   1472 O  OE1 . GLU A 1 201 ? -16.402 -7.190  4.330   1.00 48.98 ? 195 GLU A OE1 1 
ATOM   1473 O  OE2 . GLU A 1 201 ? -16.280 -5.399  3.071   1.00 48.89 ? 195 GLU A OE2 1 
ATOM   1474 N  N   . PRO A 1 202 ? -16.008 -5.669  9.803   1.00 45.02 ? 196 PRO A N   1 
ATOM   1475 C  CA  . PRO A 1 202 ? -16.548 -6.445  10.920  1.00 46.29 ? 196 PRO A CA  1 
ATOM   1476 C  C   . PRO A 1 202 ? -17.178 -7.738  10.413  1.00 46.70 ? 196 PRO A C   1 
ATOM   1477 O  O   . PRO A 1 202 ? -17.882 -7.729  9.399   1.00 46.83 ? 196 PRO A O   1 
ATOM   1478 C  CB  . PRO A 1 202 ? -17.632 -5.526  11.499  1.00 46.39 ? 196 PRO A CB  1 
ATOM   1479 C  CG  . PRO A 1 202 ? -17.239 -4.154  11.071  1.00 47.03 ? 196 PRO A CG  1 
ATOM   1480 C  CD  . PRO A 1 202 ? -16.627 -4.333  9.713   1.00 45.46 ? 196 PRO A CD  1 
ATOM   1481 N  N   . ASP A 1 203 ? -16.900 -8.841  11.100  1.00 47.85 ? 197 ASP A N   1 
ATOM   1482 C  CA  . ASP A 1 203 ? -17.492 -10.128 10.767  1.00 50.18 ? 197 ASP A CA  1 
ATOM   1483 C  C   . ASP A 1 203 ? -18.624 -10.405 11.751  1.00 52.37 ? 197 ASP A C   1 
ATOM   1484 O  O   . ASP A 1 203 ? -18.371 -10.614 12.940  1.00 52.53 ? 197 ASP A O   1 
ATOM   1485 C  CB  . ASP A 1 203 ? -16.435 -11.238 10.817  1.00 50.26 ? 197 ASP A CB  1 
ATOM   1486 C  CG  . ASP A 1 203 ? -16.887 -12.519 10.128  1.00 50.93 ? 197 ASP A CG  1 
ATOM   1487 O  OD1 . ASP A 1 203 ? -18.102 -12.810 10.116  1.00 51.02 ? 197 ASP A OD1 1 
ATOM   1488 O  OD2 . ASP A 1 203 ? -16.019 -13.245 9.601   1.00 50.44 ? 197 ASP A OD2 1 
ATOM   1489 N  N   . PRO A 1 204 ? -19.879 -10.410 11.258  1.00 54.98 ? 198 PRO A N   1 
ATOM   1490 C  CA  . PRO A 1 204 ? -21.066 -10.544 12.114  1.00 57.12 ? 198 PRO A CA  1 
ATOM   1491 C  C   . PRO A 1 204 ? -21.188 -11.896 12.832  1.00 58.76 ? 198 PRO A C   1 
ATOM   1492 O  O   . PRO A 1 204 ? -22.096 -12.075 13.648  1.00 60.34 ? 198 PRO A O   1 
ATOM   1493 C  CB  . PRO A 1 204 ? -22.231 -10.345 11.134  1.00 57.18 ? 198 PRO A CB  1 
ATOM   1494 C  CG  . PRO A 1 204 ? -21.677 -10.729 9.803   1.00 56.67 ? 198 PRO A CG  1 
ATOM   1495 C  CD  . PRO A 1 204 ? -20.243 -10.287 9.832   1.00 55.37 ? 198 PRO A CD  1 
ATOM   1496 N  N   . ARG A 1 205 ? -20.281 -12.824 12.538  1.00 61.05 ? 199 ARG A N   1 
ATOM   1497 C  CA  . ARG A 1 205 ? -20.291 -14.151 13.162  1.00 62.59 ? 199 ARG A CA  1 
ATOM   1498 C  C   . ARG A 1 205 ? -19.047 -14.425 14.017  1.00 64.42 ? 199 ARG A C   1 
ATOM   1499 O  O   . ARG A 1 205 ? -18.957 -15.464 14.677  1.00 64.89 ? 199 ARG A O   1 
ATOM   1500 C  CB  . ARG A 1 205 ? -20.472 -15.241 12.099  1.00 61.59 ? 199 ARG A CB  1 
ATOM   1501 C  CG  . ARG A 1 205 ? -21.845 -15.229 11.442  1.00 61.70 ? 199 ARG A CG  1 
ATOM   1502 C  CD  . ARG A 1 205 ? -22.048 -16.406 10.503  1.00 61.30 ? 199 ARG A CD  1 
ATOM   1503 N  NE  . ARG A 1 205 ? -21.852 -17.693 11.172  1.00 61.99 ? 199 ARG A NE  1 
ATOM   1504 C  CZ  . ARG A 1 205 ? -22.309 -18.858 10.722  1.00 61.65 ? 199 ARG A CZ  1 
ATOM   1505 N  NH1 . ARG A 1 205 ? -23.012 -18.920 9.599   1.00 62.44 ? 199 ARG A NH1 1 
ATOM   1506 N  NH2 . ARG A 1 205 ? -22.073 -19.967 11.406  1.00 60.00 ? 199 ARG A NH2 1 
ATOM   1507 N  N   . VAL A 1 206 ? -18.101 -13.487 14.002  1.00 66.07 ? 200 VAL A N   1 
ATOM   1508 C  CA  . VAL A 1 206 ? -16.880 -13.583 14.806  1.00 67.34 ? 200 VAL A CA  1 
ATOM   1509 C  C   . VAL A 1 206 ? -16.815 -12.444 15.825  1.00 68.29 ? 200 VAL A C   1 
ATOM   1510 O  O   . VAL A 1 206 ? -17.786 -12.171 16.532  1.00 69.79 ? 200 VAL A O   1 
ATOM   1511 C  CB  . VAL A 1 206 ? -15.606 -13.571 13.927  1.00 67.72 ? 200 VAL A CB  1 
ATOM   1512 C  CG1 . VAL A 1 206 ? -14.349 -13.518 14.786  1.00 67.08 ? 200 VAL A CG1 1 
ATOM   1513 C  CG2 . VAL A 1 206 ? -15.571 -14.788 13.010  1.00 67.29 ? 200 VAL A CG2 1 
HETATM 1514 MN MN  . MN  B 2 .   ? 15.348  -0.068  1.193   1.00 30.52 ? 301 MN  A MN  1 
HETATM 1515 MN MN  . MN  C 2 .   ? -2.958  5.144   -13.284 1.00 33.07 ? 302 MN  A MN  1 
HETATM 1516 MN MN  . MN  D 2 .   ? -5.883  -18.553 -8.574  0.33 40.55 ? 303 MN  A MN  1 
HETATM 1517 MN MN  . MN  E 2 .   ? 11.683  -13.853 -7.379  1.00 90.93 ? 304 MN  A MN  1 
HETATM 1518 C  C1  . EDO F 3 .   ? 8.672   -14.860 -8.345  1.00 55.51 ? 305 EDO A C1  1 
HETATM 1519 O  O1  . EDO F 3 .   ? 9.150   -13.519 -8.492  1.00 55.48 ? 305 EDO A O1  1 
HETATM 1520 C  C2  . EDO F 3 .   ? 8.006   -15.306 -9.641  1.00 55.78 ? 305 EDO A C2  1 
HETATM 1521 O  O2  . EDO F 3 .   ? 7.250   -16.499 -9.399  1.00 57.61 ? 305 EDO A O2  1 
HETATM 1522 O  O   . HOH G 4 .   ? 16.397  7.685   -1.617  1.00 28.59 ? 401 HOH A O   1 
HETATM 1523 O  O   . HOH G 4 .   ? 8.502   -12.361 -2.282  1.00 36.83 ? 402 HOH A O   1 
HETATM 1524 O  O   . HOH G 4 .   ? 12.924  -0.474  -11.416 1.00 24.96 ? 403 HOH A O   1 
HETATM 1525 O  O   . HOH G 4 .   ? 8.999   -4.785  -7.724  1.00 26.64 ? 404 HOH A O   1 
HETATM 1526 O  O   . HOH G 4 .   ? -0.819  -10.355 13.285  1.00 48.74 ? 405 HOH A O   1 
HETATM 1527 O  O   . HOH G 4 .   ? 2.826   -14.239 -4.029  1.00 26.00 ? 406 HOH A O   1 
HETATM 1528 O  O   . HOH G 4 .   ? 10.497  11.596  -13.729 1.00 28.86 ? 407 HOH A O   1 
HETATM 1529 O  O   . HOH G 4 .   ? 13.691  9.784   -0.902  1.00 28.30 ? 408 HOH A O   1 
HETATM 1530 O  O   . HOH G 4 .   ? 2.920   -11.836 -17.949 1.00 37.33 ? 409 HOH A O   1 
HETATM 1531 O  O   . HOH G 4 .   ? 18.981  12.671  -8.696  1.00 26.13 ? 410 HOH A O   1 
HETATM 1532 O  O   . HOH G 4 .   ? 6.054   9.279   -19.258 1.00 28.92 ? 411 HOH A O   1 
HETATM 1533 O  O   . HOH G 4 .   ? 9.892   14.114  -0.658  1.00 33.10 ? 412 HOH A O   1 
HETATM 1534 O  O   . HOH G 4 .   ? 7.221   -10.859 -8.234  1.00 35.64 ? 413 HOH A O   1 
HETATM 1535 O  O   . HOH G 4 .   ? -8.079  5.125   -12.168 1.00 44.06 ? 414 HOH A O   1 
HETATM 1536 O  O   . HOH G 4 .   ? -9.474  3.635   -9.995  1.00 46.20 ? 415 HOH A O   1 
HETATM 1537 O  O   . HOH G 4 .   ? -12.243 -0.064  4.922   1.00 37.16 ? 416 HOH A O   1 
HETATM 1538 O  O   . HOH G 4 .   ? 5.273   -9.067  -19.435 1.00 31.49 ? 417 HOH A O   1 
HETATM 1539 O  O   . HOH G 4 .   ? 6.869   9.345   -9.406  1.00 26.01 ? 418 HOH A O   1 
HETATM 1540 O  O   . HOH G 4 .   ? 9.879   -7.611  -11.248 1.00 37.51 ? 419 HOH A O   1 
HETATM 1541 O  O   . HOH G 4 .   ? 0.633   -3.202  -22.721 1.00 30.92 ? 420 HOH A O   1 
HETATM 1542 O  O   . HOH G 4 .   ? 2.743   2.845   -19.421 1.00 30.59 ? 421 HOH A O   1 
HETATM 1543 O  O   . HOH G 4 .   ? -2.166  -13.278 -20.620 1.00 37.63 ? 422 HOH A O   1 
HETATM 1544 O  O   . HOH G 4 .   ? 16.940  2.159   -6.907  1.00 32.04 ? 423 HOH A O   1 
HETATM 1545 O  O   . HOH G 4 .   ? -4.169  9.560   -7.914  1.00 44.61 ? 424 HOH A O   1 
HETATM 1546 O  O   . HOH G 4 .   ? 15.603  -1.217  3.108   1.00 32.77 ? 425 HOH A O   1 
HETATM 1547 O  O   . HOH G 4 .   ? 0.997   -0.410  -22.649 1.00 25.92 ? 426 HOH A O   1 
HETATM 1548 O  O   . HOH G 4 .   ? 7.091   9.399   -12.183 1.00 29.99 ? 427 HOH A O   1 
HETATM 1549 O  O   . HOH G 4 .   ? 13.359  3.234   -5.671  1.00 29.41 ? 428 HOH A O   1 
HETATM 1550 O  O   . HOH G 4 .   ? 11.730  4.957   -7.116  1.00 28.69 ? 429 HOH A O   1 
HETATM 1551 O  O   . HOH G 4 .   ? -12.966 4.004   12.822  1.00 48.69 ? 430 HOH A O   1 
HETATM 1552 O  O   . HOH G 4 .   ? 9.307   16.288  -5.284  1.00 32.39 ? 431 HOH A O   1 
HETATM 1553 O  O   . HOH G 4 .   ? 2.975   -13.445 -14.201 1.00 38.86 ? 432 HOH A O   1 
HETATM 1554 O  O   . HOH G 4 .   ? 1.739   -15.422 -10.738 1.00 38.38 ? 433 HOH A O   1 
HETATM 1555 O  O   . HOH G 4 .   ? 8.451   -1.348  -18.452 1.00 30.07 ? 434 HOH A O   1 
HETATM 1556 O  O   . HOH G 4 .   ? -2.696  -10.386 -20.769 1.00 30.78 ? 435 HOH A O   1 
HETATM 1557 O  O   . HOH G 4 .   ? -15.277 9.343   5.661   1.00 42.94 ? 436 HOH A O   1 
HETATM 1558 O  O   . HOH G 4 .   ? -7.610  -0.122  -22.773 1.00 38.82 ? 437 HOH A O   1 
HETATM 1559 O  O   . HOH G 4 .   ? -5.259  5.488   -12.909 1.00 42.26 ? 438 HOH A O   1 
HETATM 1560 O  O   . HOH G 4 .   ? -9.348  5.386   16.930  1.00 53.85 ? 439 HOH A O   1 
HETATM 1561 O  O   . HOH G 4 .   ? 0.011   12.101  -8.194  1.00 35.88 ? 440 HOH A O   1 
HETATM 1562 O  O   . HOH G 4 .   ? -12.027 -15.592 -1.938  1.00 42.09 ? 441 HOH A O   1 
HETATM 1563 O  O   . HOH G 4 .   ? 8.224   -12.144 4.770   1.00 35.82 ? 442 HOH A O   1 
HETATM 1564 O  O   . HOH G 4 .   ? 8.631   -17.125 0.087   1.00 30.10 ? 443 HOH A O   1 
HETATM 1565 O  O   . HOH G 4 .   ? 7.400   3.139   -17.491 1.00 28.79 ? 444 HOH A O   1 
HETATM 1566 O  O   . HOH G 4 .   ? 13.337  -9.886  -2.749  1.00 36.83 ? 445 HOH A O   1 
HETATM 1567 O  O   . HOH G 4 .   ? 0.334   -17.692 -11.795 1.00 49.92 ? 446 HOH A O   1 
HETATM 1568 O  O   . HOH G 4 .   ? 15.552  0.366   -11.320 1.00 26.44 ? 447 HOH A O   1 
HETATM 1569 O  O   . HOH G 4 .   ? 11.170  2.341   -18.189 1.00 37.56 ? 448 HOH A O   1 
HETATM 1570 O  O   . HOH G 4 .   ? 5.386   16.379  -0.150  1.00 43.54 ? 449 HOH A O   1 
HETATM 1571 O  O   . HOH G 4 .   ? 11.476  -1.465  5.154   1.00 34.70 ? 450 HOH A O   1 
HETATM 1572 O  O   . HOH G 4 .   ? 14.884  -11.439 -4.337  1.00 35.84 ? 451 HOH A O   1 
HETATM 1573 O  O   . HOH G 4 .   ? -16.410 -0.603  -4.755  1.00 50.79 ? 452 HOH A O   1 
HETATM 1574 O  O   . HOH G 4 .   ? 5.589   15.627  6.945   1.00 47.68 ? 453 HOH A O   1 
HETATM 1575 O  O   . HOH G 4 .   ? 10.641  -2.332  7.769   1.00 36.55 ? 454 HOH A O   1 
HETATM 1576 O  O   . HOH G 4 .   ? 11.995  -4.842  1.870   1.00 45.28 ? 455 HOH A O   1 
HETATM 1577 O  O   . HOH G 4 .   ? -12.837 -5.975  -1.372  1.00 36.91 ? 456 HOH A O   1 
HETATM 1578 O  O   . HOH G 4 .   ? 0.286   -17.123 10.328  1.00 45.47 ? 457 HOH A O   1 
HETATM 1579 O  O   . HOH G 4 .   ? 1.482   -11.941 -20.249 1.00 46.37 ? 458 HOH A O   1 
HETATM 1580 O  O   . HOH G 4 .   ? -0.011  -9.576  -20.602 1.00 34.36 ? 459 HOH A O   1 
HETATM 1581 O  O   . HOH G 4 .   ? -15.194 -5.830  0.346   1.00 47.08 ? 460 HOH A O   1 
HETATM 1582 O  O   . HOH G 4 .   ? -2.061  13.680  -4.726  1.00 47.86 ? 461 HOH A O   1 
HETATM 1583 O  O   . HOH G 4 .   ? 3.143   -9.562  -23.166 1.00 44.55 ? 462 HOH A O   1 
HETATM 1584 O  O   . HOH G 4 .   ? 3.774   8.980   15.843  1.00 44.13 ? 463 HOH A O   1 
HETATM 1585 O  O   . HOH G 4 .   ? -11.967 12.331  6.854   1.00 53.22 ? 464 HOH A O   1 
HETATM 1586 O  O   . HOH G 4 .   ? 13.398  -7.350  -1.480  1.00 39.25 ? 465 HOH A O   1 
HETATM 1587 O  O   . HOH G 4 .   ? -0.746  -16.979 -14.386 1.00 36.54 ? 466 HOH A O   1 
HETATM 1588 O  O   . HOH G 4 .   ? 19.760  11.909  2.827   1.00 35.51 ? 467 HOH A O   1 
HETATM 1589 O  O   . HOH G 4 .   ? 0.699   -18.449 -7.550  1.00 37.79 ? 468 HOH A O   1 
HETATM 1590 O  O   . HOH G 4 .   ? 8.889   -14.287 0.857   1.00 34.95 ? 469 HOH A O   1 
HETATM 1591 O  O   . HOH G 4 .   ? -9.890  -4.073  13.849  1.00 38.80 ? 470 HOH A O   1 
HETATM 1592 O  O   . HOH G 4 .   ? 9.413   -9.583  3.817   1.00 43.20 ? 471 HOH A O   1 
HETATM 1593 O  O   . HOH G 4 .   ? -3.960  12.077  -3.111  1.00 36.29 ? 472 HOH A O   1 
HETATM 1594 O  O   . HOH G 4 .   ? 14.496  -7.785  -18.297 1.00 38.66 ? 473 HOH A O   1 
HETATM 1595 O  O   . HOH G 4 .   ? -16.797 -9.636  2.668   1.00 41.82 ? 474 HOH A O   1 
HETATM 1596 O  O   . HOH G 4 .   ? -17.859 -11.735 6.082   1.00 45.77 ? 475 HOH A O   1 
HETATM 1597 O  O   . HOH G 4 .   ? -21.540 -19.204 7.372   1.00 41.27 ? 476 HOH A O   1 
HETATM 1598 O  O   . HOH G 4 .   ? -16.197 -2.690  3.223   1.00 51.20 ? 477 HOH A O   1 
HETATM 1599 O  O   . HOH G 4 .   ? -3.011  7.701   16.796  1.00 46.05 ? 478 HOH A O   1 
HETATM 1600 O  O   . HOH G 4 .   ? 10.217  1.673   12.261  1.00 53.51 ? 479 HOH A O   1 
HETATM 1601 O  O   . HOH G 4 .   ? 9.192   -11.904 -17.047 1.00 42.55 ? 480 HOH A O   1 
HETATM 1602 O  O   . HOH G 4 .   ? 15.622  -8.145  -15.120 1.00 55.36 ? 481 HOH A O   1 
HETATM 1603 O  O   . HOH G 4 .   ? 14.808  2.350   -15.996 1.00 42.76 ? 482 HOH A O   1 
HETATM 1604 O  O   . HOH G 4 .   ? -13.601 0.334   -1.717  1.00 39.49 ? 483 HOH A O   1 
HETATM 1605 O  O   . HOH G 4 .   ? 7.825   17.462  -0.958  1.00 46.64 ? 484 HOH A O   1 
HETATM 1606 O  O   . HOH G 4 .   ? -12.374 -8.600  -9.925  1.00 37.97 ? 485 HOH A O   1 
HETATM 1607 O  O   . HOH G 4 .   ? -9.421  -15.067 0.948   1.00 45.61 ? 486 HOH A O   1 
HETATM 1608 O  O   . HOH G 4 .   ? -16.539 -4.338  -1.791  1.00 50.15 ? 487 HOH A O   1 
HETATM 1609 O  O   . HOH G 4 .   ? 3.948   -12.852 15.750  1.00 51.72 ? 488 HOH A O   1 
HETATM 1610 O  O   . HOH G 4 .   ? -9.426  -2.625  -18.193 1.00 46.27 ? 489 HOH A O   1 
HETATM 1611 O  O   . HOH G 4 .   ? -2.238  11.305  -6.511  1.00 44.36 ? 490 HOH A O   1 
HETATM 1612 O  O   . HOH G 4 .   ? 0.740   14.129  -6.532  1.00 39.08 ? 491 HOH A O   1 
HETATM 1613 O  O   . HOH G 4 .   ? 4.136   14.906  -4.496  1.00 39.68 ? 492 HOH A O   1 
HETATM 1614 O  O   . HOH G 4 .   ? 12.318  16.316  5.350   1.00 48.00 ? 493 HOH A O   1 
HETATM 1615 O  O   . HOH G 4 .   ? 6.865   14.371  14.587  1.00 48.98 ? 494 HOH A O   1 
HETATM 1616 O  O   . HOH G 4 .   ? 7.143   -8.260  5.169   1.00 39.05 ? 495 HOH A O   1 
HETATM 1617 O  O   . HOH G 4 .   ? 13.108  11.333  -14.408 1.00 37.41 ? 496 HOH A O   1 
HETATM 1618 O  O   . HOH G 4 .   ? 11.740  14.243  -16.482 1.00 48.74 ? 497 HOH A O   1 
HETATM 1619 O  O   . HOH G 4 .   ? 12.103  -14.471 -3.083  1.00 46.64 ? 498 HOH A O   1 
HETATM 1620 O  O   . HOH G 4 .   ? 9.936   -9.309  -18.970 1.00 43.22 ? 499 HOH A O   1 
HETATM 1621 O  O   . HOH G 4 .   ? 15.959  4.010   -18.162 0.25 43.99 ? 500 HOH A O   1 
HETATM 1622 O  O   . HOH G 4 .   ? 10.059  -14.113 3.573   1.00 40.73 ? 501 HOH A O   1 
HETATM 1623 O  O   . HOH G 4 .   ? -2.112  16.333  -0.352  1.00 48.38 ? 502 HOH A O   1 
HETATM 1624 O  O   . HOH G 4 .   ? -9.199  12.486  5.626   1.00 52.40 ? 503 HOH A O   1 
HETATM 1625 O  O   . HOH G 4 .   ? -7.601  10.142  7.955   1.00 52.98 ? 504 HOH A O   1 
HETATM 1626 O  O   . HOH G 4 .   ? -4.276  2.818   -17.051 1.00 41.04 ? 505 HOH A O   1 
HETATM 1627 O  O   . HOH G 4 .   ? -3.786  4.168   -14.986 1.00 44.03 ? 506 HOH A O   1 
HETATM 1628 O  O   . HOH G 4 .   ? -17.225 -8.998  6.764   1.00 52.01 ? 507 HOH A O   1 
HETATM 1629 O  O   . HOH G 4 .   ? 2.627   -16.581 -8.277  1.00 39.50 ? 508 HOH A O   1 
HETATM 1630 O  O   . HOH G 4 .   ? -0.891  15.490  2.233   1.00 43.41 ? 509 HOH A O   1 
# 
loop_
_pdbx_poly_seq_scheme.asym_id 
_pdbx_poly_seq_scheme.entity_id 
_pdbx_poly_seq_scheme.seq_id 
_pdbx_poly_seq_scheme.mon_id 
_pdbx_poly_seq_scheme.ndb_seq_num 
_pdbx_poly_seq_scheme.pdb_seq_num 
_pdbx_poly_seq_scheme.auth_seq_num 
_pdbx_poly_seq_scheme.pdb_mon_id 
_pdbx_poly_seq_scheme.auth_mon_id 
_pdbx_poly_seq_scheme.pdb_strand_id 
_pdbx_poly_seq_scheme.pdb_ins_code 
_pdbx_poly_seq_scheme.hetero 
A 1 1   MET 1   -5  ?   ?   ?   A . n 
A 1 2   HIS 2   -4  ?   ?   ?   A . n 
A 1 3   HIS 3   -3  ?   ?   ?   A . n 
A 1 4   HIS 4   -2  ?   ?   ?   A . n 
A 1 5   HIS 5   -1  ?   ?   ?   A . n 
A 1 6   HIS 6   0   ?   ?   ?   A . n 
A 1 7   HIS 7   1   ?   ?   ?   A . n 
A 1 8   THR 8   2   ?   ?   ?   A . n 
A 1 9   THR 9   3   ?   ?   ?   A . n 
A 1 10  THR 10  4   ?   ?   ?   A . n 
A 1 11  GLN 11  5   ?   ?   ?   A . n 
A 1 12  THR 12  6   ?   ?   ?   A . n 
A 1 13  ALA 13  7   ?   ?   ?   A . n 
A 1 14  LYS 14  8   ?   ?   ?   A . n 
A 1 15  ALA 15  9   ?   ?   ?   A . n 
A 1 16  SER 16  10  10  SER SER A . n 
A 1 17  ARG 17  11  11  ARG ARG A . n 
A 1 18  ARG 18  12  12  ARG ARG A . n 
A 1 19  ALA 19  13  13  ALA ALA A . n 
A 1 20  ARG 20  14  14  ARG ARG A . n 
A 1 21  ILE 21  15  15  ILE ILE A . n 
A 1 22  GLU 22  16  16  GLU GLU A . n 
A 1 23  ARG 23  17  17  ARG ARG A . n 
A 1 24  ARG 24  18  18  ARG ARG A . n 
A 1 25  THR 25  19  19  THR THR A . n 
A 1 26  ARG 26  20  20  ARG ARG A . n 
A 1 27  GLU 27  21  21  GLU GLU A . n 
A 1 28  SER 28  22  22  SER SER A . n 
A 1 29  ASP 29  23  23  ASP ASP A . n 
A 1 30  ILE 30  24  24  ILE ILE A . n 
A 1 31  VAL 31  25  25  VAL VAL A . n 
A 1 32  ILE 32  26  26  ILE ILE A . n 
A 1 33  GLU 33  27  27  GLU GLU A . n 
A 1 34  LEU 34  28  28  LEU LEU A . n 
A 1 35  ASP 35  29  29  ASP ASP A . n 
A 1 36  LEU 36  30  30  LEU LEU A . n 
A 1 37  ASP 37  31  31  ASP ASP A . n 
A 1 38  GLY 38  32  32  GLY GLY A . n 
A 1 39  THR 39  33  33  THR THR A . n 
A 1 40  GLY 40  34  34  GLY GLY A . n 
A 1 41  GLN 41  35  35  GLN GLN A . n 
A 1 42  VAL 42  36  36  VAL VAL A . n 
A 1 43  ALA 43  37  37  ALA ALA A . n 
A 1 44  VAL 44  38  38  VAL VAL A . n 
A 1 45  ASP 45  39  39  ASP ASP A . n 
A 1 46  THR 46  40  40  THR THR A . n 
A 1 47  GLY 47  41  41  GLY GLY A . n 
A 1 48  VAL 48  42  42  VAL VAL A . n 
A 1 49  PRO 49  43  43  PRO PRO A . n 
A 1 50  PHE 50  44  44  PHE PHE A . n 
A 1 51  TYR 51  45  45  TYR TYR A . n 
A 1 52  ASP 52  46  46  ASP ASP A . n 
A 1 53  HIS 53  47  47  HIS HIS A . n 
A 1 54  MET 54  48  48  MET MET A . n 
A 1 55  LEU 55  49  49  LEU LEU A . n 
A 1 56  THR 56  50  50  THR THR A . n 
A 1 57  ALA 57  51  51  ALA ALA A . n 
A 1 58  LEU 58  52  52  LEU LEU A . n 
A 1 59  GLY 59  53  53  GLY GLY A . n 
A 1 60  SER 60  54  54  SER SER A . n 
A 1 61  HIS 61  55  55  HIS HIS A . n 
A 1 62  ALA 62  56  56  ALA ALA A . n 
A 1 63  SER 63  57  57  SER SER A . n 
A 1 64  PHE 64  58  58  PHE PHE A . n 
A 1 65  ASP 65  59  59  ASP ASP A . n 
A 1 66  LEU 66  60  60  LEU LEU A . n 
A 1 67  THR 67  61  61  THR THR A . n 
A 1 68  VAL 68  62  62  VAL VAL A . n 
A 1 69  ARG 69  63  63  ARG ARG A . n 
A 1 70  ALA 70  64  64  ALA ALA A . n 
A 1 71  THR 71  65  65  THR THR A . n 
A 1 72  GLY 72  66  66  GLY GLY A . n 
A 1 73  ASP 73  67  67  ASP ASP A . n 
A 1 74  VAL 74  68  68  VAL VAL A . n 
A 1 75  GLU 75  69  69  GLU GLU A . n 
A 1 76  ILE 76  70  70  ILE ILE A . n 
A 1 77  GLU 77  71  71  GLU GLU A . n 
A 1 78  ALA 78  72  72  ALA ALA A . n 
A 1 79  HIS 79  73  73  HIS HIS A . n 
A 1 80  HIS 80  74  74  HIS HIS A . n 
A 1 81  THR 81  75  75  THR THR A . n 
A 1 82  ILE 82  76  76  ILE ILE A . n 
A 1 83  GLU 83  77  77  GLU GLU A . n 
A 1 84  ASP 84  78  78  ASP ASP A . n 
A 1 85  THR 85  79  79  THR THR A . n 
A 1 86  ALA 86  80  80  ALA ALA A . n 
A 1 87  ILE 87  81  81  ILE ILE A . n 
A 1 88  ALA 88  82  82  ALA ALA A . n 
A 1 89  LEU 89  83  83  LEU LEU A . n 
A 1 90  GLY 90  84  84  GLY GLY A . n 
A 1 91  THR 91  85  85  THR THR A . n 
A 1 92  ALA 92  86  86  ALA ALA A . n 
A 1 93  LEU 93  87  87  LEU LEU A . n 
A 1 94  GLY 94  88  88  GLY GLY A . n 
A 1 95  GLN 95  89  89  GLN GLN A . n 
A 1 96  ALA 96  90  90  ALA ALA A . n 
A 1 97  LEU 97  91  91  LEU LEU A . n 
A 1 98  GLY 98  92  92  GLY GLY A . n 
A 1 99  ASP 99  93  93  ASP ASP A . n 
A 1 100 LYS 100 94  94  LYS LYS A . n 
A 1 101 ARG 101 95  95  ARG ARG A . n 
A 1 102 GLY 102 96  96  GLY GLY A . n 
A 1 103 ILE 103 97  97  ILE ILE A . n 
A 1 104 ARG 104 98  98  ARG ARG A . n 
A 1 105 ARG 105 99  99  ARG ARG A . n 
A 1 106 PHE 106 100 100 PHE PHE A . n 
A 1 107 GLY 107 101 101 GLY GLY A . n 
A 1 108 ASP 108 102 102 ASP ASP A . n 
A 1 109 ALA 109 103 103 ALA ALA A . n 
A 1 110 PHE 110 104 104 PHE PHE A . n 
A 1 111 ILE 111 105 105 ILE ILE A . n 
A 1 112 PRO 112 106 106 PRO PRO A . n 
A 1 113 MET 113 107 107 MET MET A . n 
A 1 114 ASP 114 108 108 ASP ASP A . n 
A 1 115 GLU 115 109 109 GLU GLU A . n 
A 1 116 THR 116 110 110 THR THR A . n 
A 1 117 LEU 117 111 111 LEU LEU A . n 
A 1 118 ALA 118 112 112 ALA ALA A . n 
A 1 119 HIS 119 113 113 HIS HIS A . n 
A 1 120 ALA 120 114 114 ALA ALA A . n 
A 1 121 ALA 121 115 115 ALA ALA A . n 
A 1 122 VAL 122 116 116 VAL VAL A . n 
A 1 123 ASP 123 117 117 ASP ASP A . n 
A 1 124 LEU 124 118 118 LEU LEU A . n 
A 1 125 SER 125 119 119 SER SER A . n 
A 1 126 GLY 126 120 120 GLY GLY A . n 
A 1 127 ARG 127 121 121 ARG ARG A . n 
A 1 128 PRO 128 122 122 PRO PRO A . n 
A 1 129 TYR 129 123 123 TYR TYR A . n 
A 1 130 CYS 130 124 124 CYS CYS A . n 
A 1 131 VAL 131 125 125 VAL VAL A . n 
A 1 132 HIS 132 126 126 HIS HIS A . n 
A 1 133 THR 133 127 127 THR THR A . n 
A 1 134 GLY 134 128 128 GLY GLY A . n 
A 1 135 GLU 135 129 129 GLU GLU A . n 
A 1 136 PRO 136 130 130 PRO PRO A . n 
A 1 137 ASP 137 131 131 ASP ASP A . n 
A 1 138 HIS 138 132 132 HIS HIS A . n 
A 1 139 LEU 139 133 133 LEU LEU A . n 
A 1 140 GLN 140 134 134 GLN GLN A . n 
A 1 141 HIS 141 135 135 HIS HIS A . n 
A 1 142 THR 142 136 136 THR THR A . n 
A 1 143 THR 143 137 137 THR THR A . n 
A 1 144 ILE 144 138 138 ILE ILE A . n 
A 1 145 ALA 145 139 139 ALA ALA A . n 
A 1 146 GLY 146 140 140 GLY GLY A . n 
A 1 147 SER 147 141 141 SER SER A . n 
A 1 148 SER 148 142 142 SER SER A . n 
A 1 149 VAL 149 143 143 VAL VAL A . n 
A 1 150 PRO 150 144 144 PRO PRO A . n 
A 1 151 TYR 151 145 145 TYR TYR A . n 
A 1 152 HIS 152 146 146 HIS HIS A . n 
A 1 153 THR 153 147 147 THR THR A . n 
A 1 154 VAL 154 148 148 VAL VAL A . n 
A 1 155 ILE 155 149 149 ILE ILE A . n 
A 1 156 ASN 156 150 150 ASN ASN A . n 
A 1 157 ARG 157 151 151 ARG ARG A . n 
A 1 158 HIS 158 152 152 HIS HIS A . n 
A 1 159 VAL 159 153 153 VAL VAL A . n 
A 1 160 PHE 160 154 154 PHE PHE A . n 
A 1 161 GLU 161 155 155 GLU GLU A . n 
A 1 162 SER 162 156 156 SER SER A . n 
A 1 163 LEU 163 157 157 LEU LEU A . n 
A 1 164 ALA 164 158 158 ALA ALA A . n 
A 1 165 ALA 165 159 159 ALA ALA A . n 
A 1 166 ASN 166 160 160 ASN ASN A . n 
A 1 167 ALA 167 161 161 ALA ALA A . n 
A 1 168 ARG 168 162 162 ARG ARG A . n 
A 1 169 ILE 169 163 163 ILE ILE A . n 
A 1 170 ALA 170 164 164 ALA ALA A . n 
A 1 171 LEU 171 165 165 LEU LEU A . n 
A 1 172 HIS 172 166 166 HIS HIS A . n 
A 1 173 VAL 173 167 167 VAL VAL A . n 
A 1 174 ARG 174 168 168 ARG ARG A . n 
A 1 175 VAL 175 169 169 VAL VAL A . n 
A 1 176 LEU 176 170 170 LEU LEU A . n 
A 1 177 TYR 177 171 171 TYR TYR A . n 
A 1 178 GLY 178 172 172 GLY GLY A . n 
A 1 179 ARG 179 173 173 ARG ARG A . n 
A 1 180 ASP 180 174 174 ASP ASP A . n 
A 1 181 PRO 181 175 175 PRO PRO A . n 
A 1 182 HIS 182 176 176 HIS HIS A . n 
A 1 183 HIS 183 177 177 HIS HIS A . n 
A 1 184 ILE 184 178 178 ILE ILE A . n 
A 1 185 THR 185 179 179 THR THR A . n 
A 1 186 GLU 186 180 180 GLU GLU A . n 
A 1 187 ALA 187 181 181 ALA ALA A . n 
A 1 188 GLN 188 182 182 GLN GLN A . n 
A 1 189 TYR 189 183 183 TYR TYR A . n 
A 1 190 LYS 190 184 184 LYS LYS A . n 
A 1 191 ALA 191 185 185 ALA ALA A . n 
A 1 192 VAL 192 186 186 VAL VAL A . n 
A 1 193 ALA 193 187 187 ALA ALA A . n 
A 1 194 ARG 194 188 188 ARG ARG A . n 
A 1 195 ALA 195 189 189 ALA ALA A . n 
A 1 196 LEU 196 190 190 LEU LEU A . n 
A 1 197 ARG 197 191 191 ARG ARG A . n 
A 1 198 GLN 198 192 192 GLN GLN A . n 
A 1 199 ALA 199 193 193 ALA ALA A . n 
A 1 200 VAL 200 194 194 VAL VAL A . n 
A 1 201 GLU 201 195 195 GLU GLU A . n 
A 1 202 PRO 202 196 196 PRO PRO A . n 
A 1 203 ASP 203 197 197 ASP ASP A . n 
A 1 204 PRO 204 198 198 PRO PRO A . n 
A 1 205 ARG 205 199 199 ARG ARG A . n 
A 1 206 VAL 206 200 200 VAL VAL A . n 
A 1 207 SER 207 201 ?   ?   ?   A . n 
A 1 208 GLY 208 202 ?   ?   ?   A . n 
A 1 209 VAL 209 203 ?   ?   ?   A . n 
A 1 210 PRO 210 204 ?   ?   ?   A . n 
A 1 211 SER 211 205 ?   ?   ?   A . n 
A 1 212 THR 212 206 ?   ?   ?   A . n 
A 1 213 LYS 213 207 ?   ?   ?   A . n 
A 1 214 GLY 214 208 ?   ?   ?   A . n 
A 1 215 ALA 215 209 ?   ?   ?   A . n 
A 1 216 LEU 216 210 ?   ?   ?   A . n 
# 
loop_
_pdbx_nonpoly_scheme.asym_id 
_pdbx_nonpoly_scheme.entity_id 
_pdbx_nonpoly_scheme.mon_id 
_pdbx_nonpoly_scheme.ndb_seq_num 
_pdbx_nonpoly_scheme.pdb_seq_num 
_pdbx_nonpoly_scheme.auth_seq_num 
_pdbx_nonpoly_scheme.pdb_mon_id 
_pdbx_nonpoly_scheme.auth_mon_id 
_pdbx_nonpoly_scheme.pdb_strand_id 
_pdbx_nonpoly_scheme.pdb_ins_code 
B 2 MN  1   301 301 MN  MN  A . 
C 2 MN  1   302 302 MN  MN  A . 
D 2 MN  1   303 303 MN  MN  A . 
E 2 MN  1   304 304 MN  MN  A . 
F 3 EDO 1   305 305 EDO EGL A . 
G 4 HOH 1   401 401 HOH HOH A . 
G 4 HOH 2   402 402 HOH HOH A . 
G 4 HOH 3   403 403 HOH HOH A . 
G 4 HOH 4   404 404 HOH HOH A . 
G 4 HOH 5   405 405 HOH HOH A . 
G 4 HOH 6   406 406 HOH HOH A . 
G 4 HOH 7   407 407 HOH HOH A . 
G 4 HOH 8   408 408 HOH HOH A . 
G 4 HOH 9   409 409 HOH HOH A . 
G 4 HOH 10  410 410 HOH HOH A . 
G 4 HOH 11  411 411 HOH HOH A . 
G 4 HOH 12  412 412 HOH HOH A . 
G 4 HOH 13  413 413 HOH HOH A . 
G 4 HOH 14  414 414 HOH HOH A . 
G 4 HOH 15  415 415 HOH HOH A . 
G 4 HOH 16  416 416 HOH HOH A . 
G 4 HOH 17  417 417 HOH HOH A . 
G 4 HOH 18  418 418 HOH HOH A . 
G 4 HOH 19  419 419 HOH HOH A . 
G 4 HOH 20  420 420 HOH HOH A . 
G 4 HOH 21  421 421 HOH HOH A . 
G 4 HOH 22  422 422 HOH HOH A . 
G 4 HOH 23  423 423 HOH HOH A . 
G 4 HOH 24  424 424 HOH HOH A . 
G 4 HOH 25  425 425 HOH HOH A . 
G 4 HOH 26  426 426 HOH HOH A . 
G 4 HOH 27  427 427 HOH HOH A . 
G 4 HOH 28  428 428 HOH HOH A . 
G 4 HOH 29  429 429 HOH HOH A . 
G 4 HOH 30  430 430 HOH HOH A . 
G 4 HOH 31  431 431 HOH HOH A . 
G 4 HOH 32  432 432 HOH HOH A . 
G 4 HOH 33  433 433 HOH HOH A . 
G 4 HOH 34  434 434 HOH HOH A . 
G 4 HOH 35  435 435 HOH HOH A . 
G 4 HOH 36  436 436 HOH HOH A . 
G 4 HOH 37  437 437 HOH HOH A . 
G 4 HOH 38  438 438 HOH HOH A . 
G 4 HOH 39  439 439 HOH HOH A . 
G 4 HOH 40  440 440 HOH HOH A . 
G 4 HOH 41  441 441 HOH HOH A . 
G 4 HOH 42  442 442 HOH HOH A . 
G 4 HOH 43  443 443 HOH HOH A . 
G 4 HOH 44  444 444 HOH HOH A . 
G 4 HOH 45  445 445 HOH HOH A . 
G 4 HOH 46  446 446 HOH HOH A . 
G 4 HOH 47  447 447 HOH HOH A . 
G 4 HOH 48  448 448 HOH HOH A . 
G 4 HOH 49  449 449 HOH HOH A . 
G 4 HOH 50  450 450 HOH HOH A . 
G 4 HOH 51  451 451 HOH HOH A . 
G 4 HOH 52  452 452 HOH HOH A . 
G 4 HOH 53  453 453 HOH HOH A . 
G 4 HOH 54  454 454 HOH HOH A . 
G 4 HOH 55  455 455 HOH HOH A . 
G 4 HOH 56  456 456 HOH HOH A . 
G 4 HOH 57  457 457 HOH HOH A . 
G 4 HOH 58  458 458 HOH HOH A . 
G 4 HOH 59  459 459 HOH HOH A . 
G 4 HOH 60  460 460 HOH HOH A . 
G 4 HOH 61  461 461 HOH HOH A . 
G 4 HOH 62  462 462 HOH HOH A . 
G 4 HOH 63  463 463 HOH HOH A . 
G 4 HOH 64  464 464 HOH HOH A . 
G 4 HOH 65  465 465 HOH HOH A . 
G 4 HOH 66  466 466 HOH HOH A . 
G 4 HOH 67  467 467 HOH HOH A . 
G 4 HOH 68  468 468 HOH HOH A . 
G 4 HOH 69  469 469 HOH HOH A . 
G 4 HOH 70  470 470 HOH HOH A . 
G 4 HOH 71  471 471 HOH HOH A . 
G 4 HOH 72  472 472 HOH HOH A . 
G 4 HOH 73  473 473 HOH HOH A . 
G 4 HOH 74  474 474 HOH HOH A . 
G 4 HOH 75  475 475 HOH HOH A . 
G 4 HOH 76  476 476 HOH HOH A . 
G 4 HOH 77  477 477 HOH HOH A . 
G 4 HOH 78  478 478 HOH HOH A . 
G 4 HOH 79  479 479 HOH HOH A . 
G 4 HOH 80  480 480 HOH HOH A . 
G 4 HOH 81  481 481 HOH HOH A . 
G 4 HOH 82  482 482 HOH HOH A . 
G 4 HOH 83  483 483 HOH HOH A . 
G 4 HOH 84  484 484 HOH HOH A . 
G 4 HOH 85  485 485 HOH HOH A . 
G 4 HOH 86  486 486 HOH HOH A . 
G 4 HOH 87  487 487 HOH HOH A . 
G 4 HOH 88  488 488 HOH HOH A . 
G 4 HOH 89  489 489 HOH HOH A . 
G 4 HOH 90  490 490 HOH HOH A . 
G 4 HOH 91  491 491 HOH HOH A . 
G 4 HOH 92  492 492 HOH HOH A . 
G 4 HOH 93  493 493 HOH HOH A . 
G 4 HOH 94  494 494 HOH HOH A . 
G 4 HOH 95  495 495 HOH HOH A . 
G 4 HOH 96  496 496 HOH HOH A . 
G 4 HOH 97  497 497 HOH HOH A . 
G 4 HOH 98  498 498 HOH HOH A . 
G 4 HOH 99  499 499 HOH HOH A . 
G 4 HOH 100 500 500 HOH HOH A . 
G 4 HOH 101 501 501 HOH HOH A . 
G 4 HOH 102 502 502 HOH HOH A . 
G 4 HOH 103 503 503 HOH HOH A . 
G 4 HOH 104 504 504 HOH HOH A . 
G 4 HOH 105 505 505 HOH HOH A . 
G 4 HOH 106 506 506 HOH HOH A . 
G 4 HOH 107 507 507 HOH HOH A . 
G 4 HOH 108 508 508 HOH HOH A . 
G 4 HOH 109 509 509 HOH HOH A . 
# 
_pdbx_struct_assembly.id                   1 
_pdbx_struct_assembly.details              author_and_software_defined_assembly 
_pdbx_struct_assembly.method_details       PISA 
_pdbx_struct_assembly.oligomeric_details   24-meric 
_pdbx_struct_assembly.oligomeric_count     24 
# 
_pdbx_struct_assembly_gen.assembly_id       1 
_pdbx_struct_assembly_gen.oper_expression   1,2,3,4,5,6,7,8,9,10,11,12,13,14,15,16,17,18,19,20,21,22,23,24 
_pdbx_struct_assembly_gen.asym_id_list      A,B,C,D,E,F,G 
# 
loop_
_pdbx_struct_assembly_prop.biol_id 
_pdbx_struct_assembly_prop.type 
_pdbx_struct_assembly_prop.value 
_pdbx_struct_assembly_prop.details 
1 'ABSA (A^2)' 107500 ? 
1 MORE         -726   ? 
1 'SSA (A^2)'  129200 ? 
# 
loop_
_pdbx_struct_oper_list.id 
_pdbx_struct_oper_list.type 
_pdbx_struct_oper_list.name 
_pdbx_struct_oper_list.symmetry_operation 
_pdbx_struct_oper_list.matrix[1][1] 
_pdbx_struct_oper_list.matrix[1][2] 
_pdbx_struct_oper_list.matrix[1][3] 
_pdbx_struct_oper_list.vector[1] 
_pdbx_struct_oper_list.matrix[2][1] 
_pdbx_struct_oper_list.matrix[2][2] 
_pdbx_struct_oper_list.matrix[2][3] 
_pdbx_struct_oper_list.vector[2] 
_pdbx_struct_oper_list.matrix[3][1] 
_pdbx_struct_oper_list.matrix[3][2] 
_pdbx_struct_oper_list.matrix[3][3] 
_pdbx_struct_oper_list.vector[3] 
1  'identity operation'         1_555  x,y,z    1.0000000000  0.0000000000  0.0000000000  0.0000000000   0.0000000000  1.0000000000  0.0000000000  0.0000000000   0.0000000000  0.0000000000  1.0000000000  0.0000000000   
2  'crystal symmetry operation' 2_555  -x,-y,z  -0.9815861702 -0.1867122740 -0.0403375419 31.6404908709  -0.1867122740 0.8932222990  0.4090139990  10.8364277984  -0.0403375419 0.4090139990  -0.9116361288 -35.7154004091 
3  'crystal symmetry operation' 3_555  -x,y,-z  0.8613532541  0.0750223716  0.5024362799  18.1013691866  0.0750223716  -0.9969762020 0.0202508370  -64.4522503247 0.5024362799  0.0202508370  -0.8643770521 -57.4355055980 
4  'crystal symmetry operation' 4_555  x,-y,-z  -0.8797670840 0.1116899025  -0.4620987380 28.2232705574  0.1116899025  -0.8962460970 -0.4292648360 -73.6054330421 -0.4620987380 -0.4292648360 0.7760131809  -10.4471558170 
5  'crystal symmetry operation' 5_555  z,x,y    -0.1674946196 0.0225540133  0.9856149699  49.0002552470  -0.9699983715 0.1749145012  -0.1688433489 -11.7085517672 -0.1762064460 -0.9843252683 -0.0074198816 -53.9639712801 
6  'crystal symmetry operation' 6_555  z,-x,-y  0.1204420059  0.4545493692  -0.8825409872 8.7434149031   0.9262890280  0.2682888413  0.2645935266  -34.4740202120 0.3570467195  -0.8493562083 -0.3887308472 -69.9407953819 
7  'crystal symmetry operation' 7_555  -z,-x,y  0.3526287388  -0.0150921301 -0.9356415981 -12.0945777330 -0.9072217772 -0.2505763925 -0.3378758921 -30.8428805088 -0.2293504294 0.9679791832  -0.1020523463 6.7145940326   
8  'crystal symmetry operation' 8_555  -z,x,-y  -0.3055761251 -0.4620112525 0.8325676155  32.3160381977  0.9509311208  -0.1926269501 0.2421257144  -50.1958030804 0.0485101559  0.8657022933  0.4982030752  13.5921108054  
9  'crystal symmetry operation' 9_555  y,z,x    -0.1674946196 -0.9699983715 -0.1762064460 -12.6587966264 0.0225540133  0.1749145012  -0.9843252683 -52.1752574247 0.9856149699  -0.1688433489 -0.0074198816 -50.6727024710 
10 'crystal symmetry operation' 10_555 -y,z,-x  0.3526287388  -0.9072217772 -0.2293504294 -22.1764421527 -0.0150921301 -0.2505763925 0.9679791832  -14.4106179196 -0.9356415981 -0.3378758921 -0.1020523463 -21.0520157293 
11 'crystal symmetry operation' 11_555 y,-z,-x  -0.3055761251 0.9509311208  0.0485101559  56.9484056005  -0.4620112525 -0.1926269501 0.8657022933  -6.5054126647  0.8325676155  0.2421257144  0.4982030752  -21.5232235840 
12 'crystal symmetry operation' 12_555 -y,-z,x  0.1204420059  0.9262890280  0.3570467195  55.8519637934  0.4545493692  0.2682888413  -0.8493562083 -54.1299675594 -0.8825409872 0.2645935266  -0.3887308472 -10.3501200398 
13 'crystal symmetry operation' 13_555 y,x,-z   -0.4822776596 -0.1359061079 0.8654119186  46.9827057740  -0.1359061079 -0.9643235983 -0.2271773042 -65.7107263677 0.8654119186  -0.2271773042 0.4466012579  -38.4261930603 
14 'crystal symmetry operation' 14_555 -y,-x,-z 0.4638638298  0.3226183820  -0.8250743767 -0.6580660300  0.3226183820  -0.9288987006 -0.1818366948 -72.3469569991 -0.8250743767 -0.1818366948 -0.5349651291 -29.4564683547 
15 'crystal symmetry operation' 15_555 y,-x,z   0.0092069149  0.1168388572  -0.9931082087 -2.6930967998  -0.3035511312 0.9466111495  0.1085543293  7.0300562783   0.9527706668  0.3004596697  0.0441819356  -33.7697329947 
16 'crystal symmetry operation' 16_555 -y,x,z   0.0092069149  -0.3035511312 0.9527706668  34.3335876708  0.1168388572  0.9466111495  0.3004596697  3.8063715201   -0.9931082087 0.1085543293  0.0441819356  -1.9456674144  
17 'crystal symmetry operation' 17_555 x,z,-y   0.0601164580  -0.8864960648 -0.4588144926 -21.7588228679 0.9981859672  0.0518769515  0.0305541600  -48.8199380552 -0.0032842454 -0.4598189959 0.8880065905  -17.4612483848 
18 'crystal symmetry operation' 18_555 -x,z,y   0.1250176612  -0.9907240840 0.0532576172  -13.0764159112 -0.9907240840 -0.1275388428 -0.0469002450 -17.7659372891 0.0532576172  -0.0469002450 -0.9974788184 -54.2634698154 
19 'crystal symmetry operation' 19_555 -x,-z,-y -0.2452505773 0.8790341815  0.4088411208  62.8182759687  0.8790341815  0.0237849398  0.4761650810  -35.8498852372 0.4088411208  0.4761650810  -0.7785343625 -38.8874361917 
20 'crystal symmetry operation' 20_555 x,-z,y   0.0601164580  0.9981859672  -0.0032842454 49.9820934253  -0.8864960648 0.0518769515  -0.4598189959 -24.7854949869 -0.4588144926 0.0305541600  0.8880065905  7.0140925679   
21 'crystal symmetry operation' 21_555 z,y,-x   0.9306766271  0.2979175489  0.2123349945  16.3259360849  -0.2228951773 0.0015118990  0.9748412456  -2.1647986599  0.2901012854  -0.9545904086 0.0678114739  -60.1587248746 
22 'crystal symmetry operation' 22_555 z,-y,x   -0.9777292408 0.1791858337  -0.1092610119 41.4177340653  0.1791858337  0.4416914436  -0.8790910679 -44.0177733193 -0.1092610119 -0.8790910679 -0.4639622028 -63.7460417874 
23 'crystal symmetry operation' 23_555 -z,y,x   0.9306766271  -0.2228951773 0.2901012854  1.7754331017   0.2979175489  0.0015118990  -0.9545904086 -62.2874516648 0.2123349945  0.9748412456  0.0678114739  2.7232192766   
24 'crystal symmetry operation' 24_555 -z,-y,-x -0.8836240134 -0.2542082053 -0.3931752680 18.4460273630  -0.2542082053 -0.4447152416 0.8588402309  -18.7512319244 -0.3931752680 0.8588402309  0.3283392549  17.5834855613 
# 
_pdbx_struct_special_symmetry.id              1 
_pdbx_struct_special_symmetry.PDB_model_num   1 
_pdbx_struct_special_symmetry.auth_asym_id    A 
_pdbx_struct_special_symmetry.auth_comp_id    HOH 
_pdbx_struct_special_symmetry.auth_seq_id     500 
_pdbx_struct_special_symmetry.PDB_ins_code    ? 
_pdbx_struct_special_symmetry.label_asym_id   G 
_pdbx_struct_special_symmetry.label_comp_id   HOH 
_pdbx_struct_special_symmetry.label_seq_id    . 
# 
loop_
_pdbx_struct_conn_angle.id 
_pdbx_struct_conn_angle.ptnr1_label_atom_id 
_pdbx_struct_conn_angle.ptnr1_label_alt_id 
_pdbx_struct_conn_angle.ptnr1_label_asym_id 
_pdbx_struct_conn_angle.ptnr1_label_comp_id 
_pdbx_struct_conn_angle.ptnr1_label_seq_id 
_pdbx_struct_conn_angle.ptnr1_auth_atom_id 
_pdbx_struct_conn_angle.ptnr1_auth_asym_id 
_pdbx_struct_conn_angle.ptnr1_auth_comp_id 
_pdbx_struct_conn_angle.ptnr1_auth_seq_id 
_pdbx_struct_conn_angle.ptnr1_PDB_ins_code 
_pdbx_struct_conn_angle.ptnr1_symmetry 
_pdbx_struct_conn_angle.ptnr2_label_atom_id 
_pdbx_struct_conn_angle.ptnr2_label_alt_id 
_pdbx_struct_conn_angle.ptnr2_label_asym_id 
_pdbx_struct_conn_angle.ptnr2_label_comp_id 
_pdbx_struct_conn_angle.ptnr2_label_seq_id 
_pdbx_struct_conn_angle.ptnr2_auth_atom_id 
_pdbx_struct_conn_angle.ptnr2_auth_asym_id 
_pdbx_struct_conn_angle.ptnr2_auth_comp_id 
_pdbx_struct_conn_angle.ptnr2_auth_seq_id 
_pdbx_struct_conn_angle.ptnr2_PDB_ins_code 
_pdbx_struct_conn_angle.ptnr2_symmetry 
_pdbx_struct_conn_angle.ptnr3_label_atom_id 
_pdbx_struct_conn_angle.ptnr3_label_alt_id 
_pdbx_struct_conn_angle.ptnr3_label_asym_id 
_pdbx_struct_conn_angle.ptnr3_label_comp_id 
_pdbx_struct_conn_angle.ptnr3_label_seq_id 
_pdbx_struct_conn_angle.ptnr3_auth_atom_id 
_pdbx_struct_conn_angle.ptnr3_auth_asym_id 
_pdbx_struct_conn_angle.ptnr3_auth_comp_id 
_pdbx_struct_conn_angle.ptnr3_auth_seq_id 
_pdbx_struct_conn_angle.ptnr3_PDB_ins_code 
_pdbx_struct_conn_angle.ptnr3_symmetry 
_pdbx_struct_conn_angle.value 
_pdbx_struct_conn_angle.value_esd 
1  NE2 ? A HIS 53  ? A HIS 47  ? 1_555 MN ? C MN . ? A MN 302 ? 1_555 NE2 ? A HIS 182 ? A HIS 176 ? 1_555 103.3 ? 
2  NE2 ? A HIS 53  ? A HIS 47  ? 1_555 MN ? C MN . ? A MN 302 ? 1_555 OE1 ? A GLU 186 ? A GLU 180 ? 1_555 93.0  ? 
3  NE2 ? A HIS 182 ? A HIS 176 ? 1_555 MN ? C MN . ? A MN 302 ? 1_555 OE1 ? A GLU 186 ? A GLU 180 ? 1_555 87.0  ? 
4  NE2 ? A HIS 53  ? A HIS 47  ? 1_555 MN ? C MN . ? A MN 302 ? 1_555 O   ? G HOH .   ? A HOH 438 ? 1_555 82.8  ? 
5  NE2 ? A HIS 182 ? A HIS 176 ? 1_555 MN ? C MN . ? A MN 302 ? 1_555 O   ? G HOH .   ? A HOH 438 ? 1_555 173.9 ? 
6  OE1 ? A GLU 186 ? A GLU 180 ? 1_555 MN ? C MN . ? A MN 302 ? 1_555 O   ? G HOH .   ? A HOH 438 ? 1_555 92.2  ? 
7  NE2 ? A HIS 53  ? A HIS 47  ? 1_555 MN ? C MN . ? A MN 302 ? 1_555 O   ? G HOH .   ? A HOH 506 ? 1_555 162.2 ? 
8  NE2 ? A HIS 182 ? A HIS 176 ? 1_555 MN ? C MN . ? A MN 302 ? 1_555 O   ? G HOH .   ? A HOH 506 ? 1_555 94.6  ? 
9  OE1 ? A GLU 186 ? A GLU 180 ? 1_555 MN ? C MN . ? A MN 302 ? 1_555 O   ? G HOH .   ? A HOH 506 ? 1_555 87.2  ? 
10 O   ? G HOH .   ? A HOH 438 ? 1_555 MN ? C MN . ? A MN 302 ? 1_555 O   ? G HOH .   ? A HOH 506 ? 1_555 79.3  ? 
11 NE2 ? A HIS 79  ? A HIS 73  ? 1_555 MN ? B MN . ? A MN 301 ? 1_555 OE1 ? A GLU 83  ? A GLU 77  ? 1_555 92.8  ? 
12 NE2 ? A HIS 79  ? A HIS 73  ? 1_555 MN ? B MN . ? A MN 301 ? 1_555 NE2 ? A HIS 158 ? A HIS 152 ? 1_555 96.6  ? 
13 OE1 ? A GLU 83  ? A GLU 77  ? 1_555 MN ? B MN . ? A MN 301 ? 1_555 NE2 ? A HIS 158 ? A HIS 152 ? 1_555 85.6  ? 
14 NE2 ? A HIS 79  ? A HIS 73  ? 1_555 MN ? B MN . ? A MN 301 ? 1_555 O   ? G HOH .   ? A HOH 425 ? 1_555 173.5 ? 
15 OE1 ? A GLU 83  ? A GLU 77  ? 1_555 MN ? B MN . ? A MN 301 ? 1_555 O   ? G HOH .   ? A HOH 425 ? 1_555 83.5  ? 
16 NE2 ? A HIS 158 ? A HIS 152 ? 1_555 MN ? B MN . ? A MN 301 ? 1_555 O   ? G HOH .   ? A HOH 425 ? 1_555 88.4  ? 
# 
loop_
_pdbx_audit_revision_history.ordinal 
_pdbx_audit_revision_history.data_content_type 
_pdbx_audit_revision_history.major_revision 
_pdbx_audit_revision_history.minor_revision 
_pdbx_audit_revision_history.revision_date 
1 'Structure model' 1 0 2013-08-28 
2 'Structure model' 1 1 2023-11-08 
# 
_pdbx_audit_revision_details.ordinal             1 
_pdbx_audit_revision_details.revision_ordinal    1 
_pdbx_audit_revision_details.data_content_type   'Structure model' 
_pdbx_audit_revision_details.provider            repository 
_pdbx_audit_revision_details.type                'Initial release' 
_pdbx_audit_revision_details.description         ? 
_pdbx_audit_revision_details.details             ? 
# 
loop_
_pdbx_audit_revision_group.ordinal 
_pdbx_audit_revision_group.revision_ordinal 
_pdbx_audit_revision_group.data_content_type 
_pdbx_audit_revision_group.group 
1 2 'Structure model' 'Data collection'        
2 2 'Structure model' 'Database references'    
3 2 'Structure model' 'Derived calculations'   
4 2 'Structure model' 'Refinement description' 
# 
loop_
_pdbx_audit_revision_category.ordinal 
_pdbx_audit_revision_category.revision_ordinal 
_pdbx_audit_revision_category.data_content_type 
_pdbx_audit_revision_category.category 
1 2 'Structure model' chem_comp_atom                
2 2 'Structure model' chem_comp_bond                
3 2 'Structure model' database_2                    
4 2 'Structure model' pdbx_initial_refinement_model 
5 2 'Structure model' pdbx_struct_conn_angle        
6 2 'Structure model' struct_conn                   
7 2 'Structure model' struct_ref_seq_dif            
8 2 'Structure model' struct_site                   
# 
loop_
_pdbx_audit_revision_item.ordinal 
_pdbx_audit_revision_item.revision_ordinal 
_pdbx_audit_revision_item.data_content_type 
_pdbx_audit_revision_item.item 
1  2 'Structure model' '_database_2.pdbx_DOI'                        
2  2 'Structure model' '_database_2.pdbx_database_accession'         
3  2 'Structure model' '_pdbx_struct_conn_angle.ptnr1_auth_comp_id'  
4  2 'Structure model' '_pdbx_struct_conn_angle.ptnr1_auth_seq_id'   
5  2 'Structure model' '_pdbx_struct_conn_angle.ptnr1_label_asym_id' 
6  2 'Structure model' '_pdbx_struct_conn_angle.ptnr1_label_atom_id' 
7  2 'Structure model' '_pdbx_struct_conn_angle.ptnr1_label_comp_id' 
8  2 'Structure model' '_pdbx_struct_conn_angle.ptnr1_label_seq_id'  
9  2 'Structure model' '_pdbx_struct_conn_angle.ptnr3_auth_comp_id'  
10 2 'Structure model' '_pdbx_struct_conn_angle.ptnr3_auth_seq_id'   
11 2 'Structure model' '_pdbx_struct_conn_angle.ptnr3_label_asym_id' 
12 2 'Structure model' '_pdbx_struct_conn_angle.ptnr3_label_atom_id' 
13 2 'Structure model' '_pdbx_struct_conn_angle.ptnr3_label_comp_id' 
14 2 'Structure model' '_pdbx_struct_conn_angle.ptnr3_label_seq_id'  
15 2 'Structure model' '_pdbx_struct_conn_angle.value'               
16 2 'Structure model' '_struct_conn.pdbx_dist_value'                
17 2 'Structure model' '_struct_conn.ptnr1_auth_comp_id'             
18 2 'Structure model' '_struct_conn.ptnr1_auth_seq_id'              
19 2 'Structure model' '_struct_conn.ptnr1_label_asym_id'            
20 2 'Structure model' '_struct_conn.ptnr1_label_atom_id'            
21 2 'Structure model' '_struct_conn.ptnr1_label_comp_id'            
22 2 'Structure model' '_struct_conn.ptnr1_label_seq_id'             
23 2 'Structure model' '_struct_conn.ptnr2_auth_comp_id'             
24 2 'Structure model' '_struct_conn.ptnr2_auth_seq_id'              
25 2 'Structure model' '_struct_conn.ptnr2_label_asym_id'            
26 2 'Structure model' '_struct_conn.ptnr2_label_atom_id'            
27 2 'Structure model' '_struct_conn.ptnr2_label_comp_id'            
28 2 'Structure model' '_struct_ref_seq_dif.details'                 
29 2 'Structure model' '_struct_site.pdbx_auth_asym_id'              
30 2 'Structure model' '_struct_site.pdbx_auth_comp_id'              
31 2 'Structure model' '_struct_site.pdbx_auth_seq_id'               
# 
loop_
_software.name 
_software.classification 
_software.version 
_software.citation_id 
_software.pdbx_ordinal 
StructureStudio 'data collection' .        ? 1 
PHASER          phasing           .        ? 2 
REFMAC          refinement        5.6.0117 ? 3 
HKL-2000        'data reduction'  .        ? 4 
HKL-2000        'data scaling'    .        ? 5 
# 
loop_
_pdbx_validate_torsion.id 
_pdbx_validate_torsion.PDB_model_num 
_pdbx_validate_torsion.auth_comp_id 
_pdbx_validate_torsion.auth_asym_id 
_pdbx_validate_torsion.auth_seq_id 
_pdbx_validate_torsion.PDB_ins_code 
_pdbx_validate_torsion.label_alt_id 
_pdbx_validate_torsion.phi 
_pdbx_validate_torsion.psi 
1 1 ASP A 31  ? ? -100.74 54.96   
2 1 GLU A 71  ? ? 169.27  -177.98 
3 1 ARG A 99  ? ? 70.12   -54.50  
4 1 ASP A 108 ? ? 52.26   -119.79 
5 1 HIS A 135 ? ? -140.98 21.39   
6 1 SER A 142 ? ? -123.68 -144.93 
7 1 ARG A 173 ? ? -134.74 -53.82  
# 
loop_
_pdbx_unobs_or_zero_occ_residues.id 
_pdbx_unobs_or_zero_occ_residues.PDB_model_num 
_pdbx_unobs_or_zero_occ_residues.polymer_flag 
_pdbx_unobs_or_zero_occ_residues.occupancy_flag 
_pdbx_unobs_or_zero_occ_residues.auth_asym_id 
_pdbx_unobs_or_zero_occ_residues.auth_comp_id 
_pdbx_unobs_or_zero_occ_residues.auth_seq_id 
_pdbx_unobs_or_zero_occ_residues.PDB_ins_code 
_pdbx_unobs_or_zero_occ_residues.label_asym_id 
_pdbx_unobs_or_zero_occ_residues.label_comp_id 
_pdbx_unobs_or_zero_occ_residues.label_seq_id 
1  1 Y 1 A MET -5  ? A MET 1   
2  1 Y 1 A HIS -4  ? A HIS 2   
3  1 Y 1 A HIS -3  ? A HIS 3   
4  1 Y 1 A HIS -2  ? A HIS 4   
5  1 Y 1 A HIS -1  ? A HIS 5   
6  1 Y 1 A HIS 0   ? A HIS 6   
7  1 Y 1 A HIS 1   ? A HIS 7   
8  1 Y 1 A THR 2   ? A THR 8   
9  1 Y 1 A THR 3   ? A THR 9   
10 1 Y 1 A THR 4   ? A THR 10  
11 1 Y 1 A GLN 5   ? A GLN 11  
12 1 Y 1 A THR 6   ? A THR 12  
13 1 Y 1 A ALA 7   ? A ALA 13  
14 1 Y 1 A LYS 8   ? A LYS 14  
15 1 Y 1 A ALA 9   ? A ALA 15  
16 1 Y 1 A SER 201 ? A SER 207 
17 1 Y 1 A GLY 202 ? A GLY 208 
18 1 Y 1 A VAL 203 ? A VAL 209 
19 1 Y 1 A PRO 204 ? A PRO 210 
20 1 Y 1 A SER 205 ? A SER 211 
21 1 Y 1 A THR 206 ? A THR 212 
22 1 Y 1 A LYS 207 ? A LYS 213 
23 1 Y 1 A GLY 208 ? A GLY 214 
24 1 Y 1 A ALA 209 ? A ALA 215 
25 1 Y 1 A LEU 210 ? A LEU 216 
# 
loop_
_chem_comp_atom.comp_id 
_chem_comp_atom.atom_id 
_chem_comp_atom.type_symbol 
_chem_comp_atom.pdbx_aromatic_flag 
_chem_comp_atom.pdbx_stereo_config 
_chem_comp_atom.pdbx_ordinal 
ALA N    N  N N 1   
ALA CA   C  N S 2   
ALA C    C  N N 3   
ALA O    O  N N 4   
ALA CB   C  N N 5   
ALA OXT  O  N N 6   
ALA H    H  N N 7   
ALA H2   H  N N 8   
ALA HA   H  N N 9   
ALA HB1  H  N N 10  
ALA HB2  H  N N 11  
ALA HB3  H  N N 12  
ALA HXT  H  N N 13  
ARG N    N  N N 14  
ARG CA   C  N S 15  
ARG C    C  N N 16  
ARG O    O  N N 17  
ARG CB   C  N N 18  
ARG CG   C  N N 19  
ARG CD   C  N N 20  
ARG NE   N  N N 21  
ARG CZ   C  N N 22  
ARG NH1  N  N N 23  
ARG NH2  N  N N 24  
ARG OXT  O  N N 25  
ARG H    H  N N 26  
ARG H2   H  N N 27  
ARG HA   H  N N 28  
ARG HB2  H  N N 29  
ARG HB3  H  N N 30  
ARG HG2  H  N N 31  
ARG HG3  H  N N 32  
ARG HD2  H  N N 33  
ARG HD3  H  N N 34  
ARG HE   H  N N 35  
ARG HH11 H  N N 36  
ARG HH12 H  N N 37  
ARG HH21 H  N N 38  
ARG HH22 H  N N 39  
ARG HXT  H  N N 40  
ASN N    N  N N 41  
ASN CA   C  N S 42  
ASN C    C  N N 43  
ASN O    O  N N 44  
ASN CB   C  N N 45  
ASN CG   C  N N 46  
ASN OD1  O  N N 47  
ASN ND2  N  N N 48  
ASN OXT  O  N N 49  
ASN H    H  N N 50  
ASN H2   H  N N 51  
ASN HA   H  N N 52  
ASN HB2  H  N N 53  
ASN HB3  H  N N 54  
ASN HD21 H  N N 55  
ASN HD22 H  N N 56  
ASN HXT  H  N N 57  
ASP N    N  N N 58  
ASP CA   C  N S 59  
ASP C    C  N N 60  
ASP O    O  N N 61  
ASP CB   C  N N 62  
ASP CG   C  N N 63  
ASP OD1  O  N N 64  
ASP OD2  O  N N 65  
ASP OXT  O  N N 66  
ASP H    H  N N 67  
ASP H2   H  N N 68  
ASP HA   H  N N 69  
ASP HB2  H  N N 70  
ASP HB3  H  N N 71  
ASP HD2  H  N N 72  
ASP HXT  H  N N 73  
CYS N    N  N N 74  
CYS CA   C  N R 75  
CYS C    C  N N 76  
CYS O    O  N N 77  
CYS CB   C  N N 78  
CYS SG   S  N N 79  
CYS OXT  O  N N 80  
CYS H    H  N N 81  
CYS H2   H  N N 82  
CYS HA   H  N N 83  
CYS HB2  H  N N 84  
CYS HB3  H  N N 85  
CYS HG   H  N N 86  
CYS HXT  H  N N 87  
EDO C1   C  N N 88  
EDO O1   O  N N 89  
EDO C2   C  N N 90  
EDO O2   O  N N 91  
EDO H11  H  N N 92  
EDO H12  H  N N 93  
EDO HO1  H  N N 94  
EDO H21  H  N N 95  
EDO H22  H  N N 96  
EDO HO2  H  N N 97  
GLN N    N  N N 98  
GLN CA   C  N S 99  
GLN C    C  N N 100 
GLN O    O  N N 101 
GLN CB   C  N N 102 
GLN CG   C  N N 103 
GLN CD   C  N N 104 
GLN OE1  O  N N 105 
GLN NE2  N  N N 106 
GLN OXT  O  N N 107 
GLN H    H  N N 108 
GLN H2   H  N N 109 
GLN HA   H  N N 110 
GLN HB2  H  N N 111 
GLN HB3  H  N N 112 
GLN HG2  H  N N 113 
GLN HG3  H  N N 114 
GLN HE21 H  N N 115 
GLN HE22 H  N N 116 
GLN HXT  H  N N 117 
GLU N    N  N N 118 
GLU CA   C  N S 119 
GLU C    C  N N 120 
GLU O    O  N N 121 
GLU CB   C  N N 122 
GLU CG   C  N N 123 
GLU CD   C  N N 124 
GLU OE1  O  N N 125 
GLU OE2  O  N N 126 
GLU OXT  O  N N 127 
GLU H    H  N N 128 
GLU H2   H  N N 129 
GLU HA   H  N N 130 
GLU HB2  H  N N 131 
GLU HB3  H  N N 132 
GLU HG2  H  N N 133 
GLU HG3  H  N N 134 
GLU HE2  H  N N 135 
GLU HXT  H  N N 136 
GLY N    N  N N 137 
GLY CA   C  N N 138 
GLY C    C  N N 139 
GLY O    O  N N 140 
GLY OXT  O  N N 141 
GLY H    H  N N 142 
GLY H2   H  N N 143 
GLY HA2  H  N N 144 
GLY HA3  H  N N 145 
GLY HXT  H  N N 146 
HIS N    N  N N 147 
HIS CA   C  N S 148 
HIS C    C  N N 149 
HIS O    O  N N 150 
HIS CB   C  N N 151 
HIS CG   C  Y N 152 
HIS ND1  N  Y N 153 
HIS CD2  C  Y N 154 
HIS CE1  C  Y N 155 
HIS NE2  N  Y N 156 
HIS OXT  O  N N 157 
HIS H    H  N N 158 
HIS H2   H  N N 159 
HIS HA   H  N N 160 
HIS HB2  H  N N 161 
HIS HB3  H  N N 162 
HIS HD1  H  N N 163 
HIS HD2  H  N N 164 
HIS HE1  H  N N 165 
HIS HE2  H  N N 166 
HIS HXT  H  N N 167 
HOH O    O  N N 168 
HOH H1   H  N N 169 
HOH H2   H  N N 170 
ILE N    N  N N 171 
ILE CA   C  N S 172 
ILE C    C  N N 173 
ILE O    O  N N 174 
ILE CB   C  N S 175 
ILE CG1  C  N N 176 
ILE CG2  C  N N 177 
ILE CD1  C  N N 178 
ILE OXT  O  N N 179 
ILE H    H  N N 180 
ILE H2   H  N N 181 
ILE HA   H  N N 182 
ILE HB   H  N N 183 
ILE HG12 H  N N 184 
ILE HG13 H  N N 185 
ILE HG21 H  N N 186 
ILE HG22 H  N N 187 
ILE HG23 H  N N 188 
ILE HD11 H  N N 189 
ILE HD12 H  N N 190 
ILE HD13 H  N N 191 
ILE HXT  H  N N 192 
LEU N    N  N N 193 
LEU CA   C  N S 194 
LEU C    C  N N 195 
LEU O    O  N N 196 
LEU CB   C  N N 197 
LEU CG   C  N N 198 
LEU CD1  C  N N 199 
LEU CD2  C  N N 200 
LEU OXT  O  N N 201 
LEU H    H  N N 202 
LEU H2   H  N N 203 
LEU HA   H  N N 204 
LEU HB2  H  N N 205 
LEU HB3  H  N N 206 
LEU HG   H  N N 207 
LEU HD11 H  N N 208 
LEU HD12 H  N N 209 
LEU HD13 H  N N 210 
LEU HD21 H  N N 211 
LEU HD22 H  N N 212 
LEU HD23 H  N N 213 
LEU HXT  H  N N 214 
LYS N    N  N N 215 
LYS CA   C  N S 216 
LYS C    C  N N 217 
LYS O    O  N N 218 
LYS CB   C  N N 219 
LYS CG   C  N N 220 
LYS CD   C  N N 221 
LYS CE   C  N N 222 
LYS NZ   N  N N 223 
LYS OXT  O  N N 224 
LYS H    H  N N 225 
LYS H2   H  N N 226 
LYS HA   H  N N 227 
LYS HB2  H  N N 228 
LYS HB3  H  N N 229 
LYS HG2  H  N N 230 
LYS HG3  H  N N 231 
LYS HD2  H  N N 232 
LYS HD3  H  N N 233 
LYS HE2  H  N N 234 
LYS HE3  H  N N 235 
LYS HZ1  H  N N 236 
LYS HZ2  H  N N 237 
LYS HZ3  H  N N 238 
LYS HXT  H  N N 239 
MET N    N  N N 240 
MET CA   C  N S 241 
MET C    C  N N 242 
MET O    O  N N 243 
MET CB   C  N N 244 
MET CG   C  N N 245 
MET SD   S  N N 246 
MET CE   C  N N 247 
MET OXT  O  N N 248 
MET H    H  N N 249 
MET H2   H  N N 250 
MET HA   H  N N 251 
MET HB2  H  N N 252 
MET HB3  H  N N 253 
MET HG2  H  N N 254 
MET HG3  H  N N 255 
MET HE1  H  N N 256 
MET HE2  H  N N 257 
MET HE3  H  N N 258 
MET HXT  H  N N 259 
MN  MN   MN N N 260 
PHE N    N  N N 261 
PHE CA   C  N S 262 
PHE C    C  N N 263 
PHE O    O  N N 264 
PHE CB   C  N N 265 
PHE CG   C  Y N 266 
PHE CD1  C  Y N 267 
PHE CD2  C  Y N 268 
PHE CE1  C  Y N 269 
PHE CE2  C  Y N 270 
PHE CZ   C  Y N 271 
PHE OXT  O  N N 272 
PHE H    H  N N 273 
PHE H2   H  N N 274 
PHE HA   H  N N 275 
PHE HB2  H  N N 276 
PHE HB3  H  N N 277 
PHE HD1  H  N N 278 
PHE HD2  H  N N 279 
PHE HE1  H  N N 280 
PHE HE2  H  N N 281 
PHE HZ   H  N N 282 
PHE HXT  H  N N 283 
PRO N    N  N N 284 
PRO CA   C  N S 285 
PRO C    C  N N 286 
PRO O    O  N N 287 
PRO CB   C  N N 288 
PRO CG   C  N N 289 
PRO CD   C  N N 290 
PRO OXT  O  N N 291 
PRO H    H  N N 292 
PRO HA   H  N N 293 
PRO HB2  H  N N 294 
PRO HB3  H  N N 295 
PRO HG2  H  N N 296 
PRO HG3  H  N N 297 
PRO HD2  H  N N 298 
PRO HD3  H  N N 299 
PRO HXT  H  N N 300 
SER N    N  N N 301 
SER CA   C  N S 302 
SER C    C  N N 303 
SER O    O  N N 304 
SER CB   C  N N 305 
SER OG   O  N N 306 
SER OXT  O  N N 307 
SER H    H  N N 308 
SER H2   H  N N 309 
SER HA   H  N N 310 
SER HB2  H  N N 311 
SER HB3  H  N N 312 
SER HG   H  N N 313 
SER HXT  H  N N 314 
THR N    N  N N 315 
THR CA   C  N S 316 
THR C    C  N N 317 
THR O    O  N N 318 
THR CB   C  N R 319 
THR OG1  O  N N 320 
THR CG2  C  N N 321 
THR OXT  O  N N 322 
THR H    H  N N 323 
THR H2   H  N N 324 
THR HA   H  N N 325 
THR HB   H  N N 326 
THR HG1  H  N N 327 
THR HG21 H  N N 328 
THR HG22 H  N N 329 
THR HG23 H  N N 330 
THR HXT  H  N N 331 
TYR N    N  N N 332 
TYR CA   C  N S 333 
TYR C    C  N N 334 
TYR O    O  N N 335 
TYR CB   C  N N 336 
TYR CG   C  Y N 337 
TYR CD1  C  Y N 338 
TYR CD2  C  Y N 339 
TYR CE1  C  Y N 340 
TYR CE2  C  Y N 341 
TYR CZ   C  Y N 342 
TYR OH   O  N N 343 
TYR OXT  O  N N 344 
TYR H    H  N N 345 
TYR H2   H  N N 346 
TYR HA   H  N N 347 
TYR HB2  H  N N 348 
TYR HB3  H  N N 349 
TYR HD1  H  N N 350 
TYR HD2  H  N N 351 
TYR HE1  H  N N 352 
TYR HE2  H  N N 353 
TYR HH   H  N N 354 
TYR HXT  H  N N 355 
VAL N    N  N N 356 
VAL CA   C  N S 357 
VAL C    C  N N 358 
VAL O    O  N N 359 
VAL CB   C  N N 360 
VAL CG1  C  N N 361 
VAL CG2  C  N N 362 
VAL OXT  O  N N 363 
VAL H    H  N N 364 
VAL H2   H  N N 365 
VAL HA   H  N N 366 
VAL HB   H  N N 367 
VAL HG11 H  N N 368 
VAL HG12 H  N N 369 
VAL HG13 H  N N 370 
VAL HG21 H  N N 371 
VAL HG22 H  N N 372 
VAL HG23 H  N N 373 
VAL HXT  H  N N 374 
# 
loop_
_chem_comp_bond.comp_id 
_chem_comp_bond.atom_id_1 
_chem_comp_bond.atom_id_2 
_chem_comp_bond.value_order 
_chem_comp_bond.pdbx_aromatic_flag 
_chem_comp_bond.pdbx_stereo_config 
_chem_comp_bond.pdbx_ordinal 
ALA N   CA   sing N N 1   
ALA N   H    sing N N 2   
ALA N   H2   sing N N 3   
ALA CA  C    sing N N 4   
ALA CA  CB   sing N N 5   
ALA CA  HA   sing N N 6   
ALA C   O    doub N N 7   
ALA C   OXT  sing N N 8   
ALA CB  HB1  sing N N 9   
ALA CB  HB2  sing N N 10  
ALA CB  HB3  sing N N 11  
ALA OXT HXT  sing N N 12  
ARG N   CA   sing N N 13  
ARG N   H    sing N N 14  
ARG N   H2   sing N N 15  
ARG CA  C    sing N N 16  
ARG CA  CB   sing N N 17  
ARG CA  HA   sing N N 18  
ARG C   O    doub N N 19  
ARG C   OXT  sing N N 20  
ARG CB  CG   sing N N 21  
ARG CB  HB2  sing N N 22  
ARG CB  HB3  sing N N 23  
ARG CG  CD   sing N N 24  
ARG CG  HG2  sing N N 25  
ARG CG  HG3  sing N N 26  
ARG CD  NE   sing N N 27  
ARG CD  HD2  sing N N 28  
ARG CD  HD3  sing N N 29  
ARG NE  CZ   sing N N 30  
ARG NE  HE   sing N N 31  
ARG CZ  NH1  sing N N 32  
ARG CZ  NH2  doub N N 33  
ARG NH1 HH11 sing N N 34  
ARG NH1 HH12 sing N N 35  
ARG NH2 HH21 sing N N 36  
ARG NH2 HH22 sing N N 37  
ARG OXT HXT  sing N N 38  
ASN N   CA   sing N N 39  
ASN N   H    sing N N 40  
ASN N   H2   sing N N 41  
ASN CA  C    sing N N 42  
ASN CA  CB   sing N N 43  
ASN CA  HA   sing N N 44  
ASN C   O    doub N N 45  
ASN C   OXT  sing N N 46  
ASN CB  CG   sing N N 47  
ASN CB  HB2  sing N N 48  
ASN CB  HB3  sing N N 49  
ASN CG  OD1  doub N N 50  
ASN CG  ND2  sing N N 51  
ASN ND2 HD21 sing N N 52  
ASN ND2 HD22 sing N N 53  
ASN OXT HXT  sing N N 54  
ASP N   CA   sing N N 55  
ASP N   H    sing N N 56  
ASP N   H2   sing N N 57  
ASP CA  C    sing N N 58  
ASP CA  CB   sing N N 59  
ASP CA  HA   sing N N 60  
ASP C   O    doub N N 61  
ASP C   OXT  sing N N 62  
ASP CB  CG   sing N N 63  
ASP CB  HB2  sing N N 64  
ASP CB  HB3  sing N N 65  
ASP CG  OD1  doub N N 66  
ASP CG  OD2  sing N N 67  
ASP OD2 HD2  sing N N 68  
ASP OXT HXT  sing N N 69  
CYS N   CA   sing N N 70  
CYS N   H    sing N N 71  
CYS N   H2   sing N N 72  
CYS CA  C    sing N N 73  
CYS CA  CB   sing N N 74  
CYS CA  HA   sing N N 75  
CYS C   O    doub N N 76  
CYS C   OXT  sing N N 77  
CYS CB  SG   sing N N 78  
CYS CB  HB2  sing N N 79  
CYS CB  HB3  sing N N 80  
CYS SG  HG   sing N N 81  
CYS OXT HXT  sing N N 82  
EDO C1  O1   sing N N 83  
EDO C1  C2   sing N N 84  
EDO C1  H11  sing N N 85  
EDO C1  H12  sing N N 86  
EDO O1  HO1  sing N N 87  
EDO C2  O2   sing N N 88  
EDO C2  H21  sing N N 89  
EDO C2  H22  sing N N 90  
EDO O2  HO2  sing N N 91  
GLN N   CA   sing N N 92  
GLN N   H    sing N N 93  
GLN N   H2   sing N N 94  
GLN CA  C    sing N N 95  
GLN CA  CB   sing N N 96  
GLN CA  HA   sing N N 97  
GLN C   O    doub N N 98  
GLN C   OXT  sing N N 99  
GLN CB  CG   sing N N 100 
GLN CB  HB2  sing N N 101 
GLN CB  HB3  sing N N 102 
GLN CG  CD   sing N N 103 
GLN CG  HG2  sing N N 104 
GLN CG  HG3  sing N N 105 
GLN CD  OE1  doub N N 106 
GLN CD  NE2  sing N N 107 
GLN NE2 HE21 sing N N 108 
GLN NE2 HE22 sing N N 109 
GLN OXT HXT  sing N N 110 
GLU N   CA   sing N N 111 
GLU N   H    sing N N 112 
GLU N   H2   sing N N 113 
GLU CA  C    sing N N 114 
GLU CA  CB   sing N N 115 
GLU CA  HA   sing N N 116 
GLU C   O    doub N N 117 
GLU C   OXT  sing N N 118 
GLU CB  CG   sing N N 119 
GLU CB  HB2  sing N N 120 
GLU CB  HB3  sing N N 121 
GLU CG  CD   sing N N 122 
GLU CG  HG2  sing N N 123 
GLU CG  HG3  sing N N 124 
GLU CD  OE1  doub N N 125 
GLU CD  OE2  sing N N 126 
GLU OE2 HE2  sing N N 127 
GLU OXT HXT  sing N N 128 
GLY N   CA   sing N N 129 
GLY N   H    sing N N 130 
GLY N   H2   sing N N 131 
GLY CA  C    sing N N 132 
GLY CA  HA2  sing N N 133 
GLY CA  HA3  sing N N 134 
GLY C   O    doub N N 135 
GLY C   OXT  sing N N 136 
GLY OXT HXT  sing N N 137 
HIS N   CA   sing N N 138 
HIS N   H    sing N N 139 
HIS N   H2   sing N N 140 
HIS CA  C    sing N N 141 
HIS CA  CB   sing N N 142 
HIS CA  HA   sing N N 143 
HIS C   O    doub N N 144 
HIS C   OXT  sing N N 145 
HIS CB  CG   sing N N 146 
HIS CB  HB2  sing N N 147 
HIS CB  HB3  sing N N 148 
HIS CG  ND1  sing Y N 149 
HIS CG  CD2  doub Y N 150 
HIS ND1 CE1  doub Y N 151 
HIS ND1 HD1  sing N N 152 
HIS CD2 NE2  sing Y N 153 
HIS CD2 HD2  sing N N 154 
HIS CE1 NE2  sing Y N 155 
HIS CE1 HE1  sing N N 156 
HIS NE2 HE2  sing N N 157 
HIS OXT HXT  sing N N 158 
HOH O   H1   sing N N 159 
HOH O   H2   sing N N 160 
ILE N   CA   sing N N 161 
ILE N   H    sing N N 162 
ILE N   H2   sing N N 163 
ILE CA  C    sing N N 164 
ILE CA  CB   sing N N 165 
ILE CA  HA   sing N N 166 
ILE C   O    doub N N 167 
ILE C   OXT  sing N N 168 
ILE CB  CG1  sing N N 169 
ILE CB  CG2  sing N N 170 
ILE CB  HB   sing N N 171 
ILE CG1 CD1  sing N N 172 
ILE CG1 HG12 sing N N 173 
ILE CG1 HG13 sing N N 174 
ILE CG2 HG21 sing N N 175 
ILE CG2 HG22 sing N N 176 
ILE CG2 HG23 sing N N 177 
ILE CD1 HD11 sing N N 178 
ILE CD1 HD12 sing N N 179 
ILE CD1 HD13 sing N N 180 
ILE OXT HXT  sing N N 181 
LEU N   CA   sing N N 182 
LEU N   H    sing N N 183 
LEU N   H2   sing N N 184 
LEU CA  C    sing N N 185 
LEU CA  CB   sing N N 186 
LEU CA  HA   sing N N 187 
LEU C   O    doub N N 188 
LEU C   OXT  sing N N 189 
LEU CB  CG   sing N N 190 
LEU CB  HB2  sing N N 191 
LEU CB  HB3  sing N N 192 
LEU CG  CD1  sing N N 193 
LEU CG  CD2  sing N N 194 
LEU CG  HG   sing N N 195 
LEU CD1 HD11 sing N N 196 
LEU CD1 HD12 sing N N 197 
LEU CD1 HD13 sing N N 198 
LEU CD2 HD21 sing N N 199 
LEU CD2 HD22 sing N N 200 
LEU CD2 HD23 sing N N 201 
LEU OXT HXT  sing N N 202 
LYS N   CA   sing N N 203 
LYS N   H    sing N N 204 
LYS N   H2   sing N N 205 
LYS CA  C    sing N N 206 
LYS CA  CB   sing N N 207 
LYS CA  HA   sing N N 208 
LYS C   O    doub N N 209 
LYS C   OXT  sing N N 210 
LYS CB  CG   sing N N 211 
LYS CB  HB2  sing N N 212 
LYS CB  HB3  sing N N 213 
LYS CG  CD   sing N N 214 
LYS CG  HG2  sing N N 215 
LYS CG  HG3  sing N N 216 
LYS CD  CE   sing N N 217 
LYS CD  HD2  sing N N 218 
LYS CD  HD3  sing N N 219 
LYS CE  NZ   sing N N 220 
LYS CE  HE2  sing N N 221 
LYS CE  HE3  sing N N 222 
LYS NZ  HZ1  sing N N 223 
LYS NZ  HZ2  sing N N 224 
LYS NZ  HZ3  sing N N 225 
LYS OXT HXT  sing N N 226 
MET N   CA   sing N N 227 
MET N   H    sing N N 228 
MET N   H2   sing N N 229 
MET CA  C    sing N N 230 
MET CA  CB   sing N N 231 
MET CA  HA   sing N N 232 
MET C   O    doub N N 233 
MET C   OXT  sing N N 234 
MET CB  CG   sing N N 235 
MET CB  HB2  sing N N 236 
MET CB  HB3  sing N N 237 
MET CG  SD   sing N N 238 
MET CG  HG2  sing N N 239 
MET CG  HG3  sing N N 240 
MET SD  CE   sing N N 241 
MET CE  HE1  sing N N 242 
MET CE  HE2  sing N N 243 
MET CE  HE3  sing N N 244 
MET OXT HXT  sing N N 245 
PHE N   CA   sing N N 246 
PHE N   H    sing N N 247 
PHE N   H2   sing N N 248 
PHE CA  C    sing N N 249 
PHE CA  CB   sing N N 250 
PHE CA  HA   sing N N 251 
PHE C   O    doub N N 252 
PHE C   OXT  sing N N 253 
PHE CB  CG   sing N N 254 
PHE CB  HB2  sing N N 255 
PHE CB  HB3  sing N N 256 
PHE CG  CD1  doub Y N 257 
PHE CG  CD2  sing Y N 258 
PHE CD1 CE1  sing Y N 259 
PHE CD1 HD1  sing N N 260 
PHE CD2 CE2  doub Y N 261 
PHE CD2 HD2  sing N N 262 
PHE CE1 CZ   doub Y N 263 
PHE CE1 HE1  sing N N 264 
PHE CE2 CZ   sing Y N 265 
PHE CE2 HE2  sing N N 266 
PHE CZ  HZ   sing N N 267 
PHE OXT HXT  sing N N 268 
PRO N   CA   sing N N 269 
PRO N   CD   sing N N 270 
PRO N   H    sing N N 271 
PRO CA  C    sing N N 272 
PRO CA  CB   sing N N 273 
PRO CA  HA   sing N N 274 
PRO C   O    doub N N 275 
PRO C   OXT  sing N N 276 
PRO CB  CG   sing N N 277 
PRO CB  HB2  sing N N 278 
PRO CB  HB3  sing N N 279 
PRO CG  CD   sing N N 280 
PRO CG  HG2  sing N N 281 
PRO CG  HG3  sing N N 282 
PRO CD  HD2  sing N N 283 
PRO CD  HD3  sing N N 284 
PRO OXT HXT  sing N N 285 
SER N   CA   sing N N 286 
SER N   H    sing N N 287 
SER N   H2   sing N N 288 
SER CA  C    sing N N 289 
SER CA  CB   sing N N 290 
SER CA  HA   sing N N 291 
SER C   O    doub N N 292 
SER C   OXT  sing N N 293 
SER CB  OG   sing N N 294 
SER CB  HB2  sing N N 295 
SER CB  HB3  sing N N 296 
SER OG  HG   sing N N 297 
SER OXT HXT  sing N N 298 
THR N   CA   sing N N 299 
THR N   H    sing N N 300 
THR N   H2   sing N N 301 
THR CA  C    sing N N 302 
THR CA  CB   sing N N 303 
THR CA  HA   sing N N 304 
THR C   O    doub N N 305 
THR C   OXT  sing N N 306 
THR CB  OG1  sing N N 307 
THR CB  CG2  sing N N 308 
THR CB  HB   sing N N 309 
THR OG1 HG1  sing N N 310 
THR CG2 HG21 sing N N 311 
THR CG2 HG22 sing N N 312 
THR CG2 HG23 sing N N 313 
THR OXT HXT  sing N N 314 
TYR N   CA   sing N N 315 
TYR N   H    sing N N 316 
TYR N   H2   sing N N 317 
TYR CA  C    sing N N 318 
TYR CA  CB   sing N N 319 
TYR CA  HA   sing N N 320 
TYR C   O    doub N N 321 
TYR C   OXT  sing N N 322 
TYR CB  CG   sing N N 323 
TYR CB  HB2  sing N N 324 
TYR CB  HB3  sing N N 325 
TYR CG  CD1  doub Y N 326 
TYR CG  CD2  sing Y N 327 
TYR CD1 CE1  sing Y N 328 
TYR CD1 HD1  sing N N 329 
TYR CD2 CE2  doub Y N 330 
TYR CD2 HD2  sing N N 331 
TYR CE1 CZ   doub Y N 332 
TYR CE1 HE1  sing N N 333 
TYR CE2 CZ   sing Y N 334 
TYR CE2 HE2  sing N N 335 
TYR CZ  OH   sing N N 336 
TYR OH  HH   sing N N 337 
TYR OXT HXT  sing N N 338 
VAL N   CA   sing N N 339 
VAL N   H    sing N N 340 
VAL N   H2   sing N N 341 
VAL CA  C    sing N N 342 
VAL CA  CB   sing N N 343 
VAL CA  HA   sing N N 344 
VAL C   O    doub N N 345 
VAL C   OXT  sing N N 346 
VAL CB  CG1  sing N N 347 
VAL CB  CG2  sing N N 348 
VAL CB  HB   sing N N 349 
VAL CG1 HG11 sing N N 350 
VAL CG1 HG12 sing N N 351 
VAL CG1 HG13 sing N N 352 
VAL CG2 HG21 sing N N 353 
VAL CG2 HG22 sing N N 354 
VAL CG2 HG23 sing N N 355 
VAL OXT HXT  sing N N 356 
# 
loop_
_pdbx_entity_nonpoly.entity_id 
_pdbx_entity_nonpoly.name 
_pdbx_entity_nonpoly.comp_id 
2 'MANGANESE (II) ION' MN  
3 1,2-ETHANEDIOL       EDO 
4 water                HOH 
# 
_pdbx_initial_refinement_model.id               1 
_pdbx_initial_refinement_model.entity_id_list   ? 
_pdbx_initial_refinement_model.type             'experimental model' 
_pdbx_initial_refinement_model.source_name      PDB 
_pdbx_initial_refinement_model.accession_code   2F1D 
_pdbx_initial_refinement_model.details          ? 
# 
